data_3L30
# 
_entry.id   3L30 
# 
_audit_conform.dict_name       mmcif_pdbx.dic 
_audit_conform.dict_version    5.398 
_audit_conform.dict_location   http://mmcif.pdb.org/dictionaries/ascii/mmcif_pdbx.dic 
# 
loop_
_database_2.database_id 
_database_2.database_code 
_database_2.pdbx_database_accession 
_database_2.pdbx_DOI 
PDB   3L30         pdb_00003l30 10.2210/pdb3l30/pdb 
RCSB  RCSB056768   ?            ?                   
WWPDB D_1000056768 ?            ?                   
# 
loop_
_pdbx_audit_revision_history.ordinal 
_pdbx_audit_revision_history.data_content_type 
_pdbx_audit_revision_history.major_revision 
_pdbx_audit_revision_history.minor_revision 
_pdbx_audit_revision_history.revision_date 
1 'Structure model' 1 0 2010-01-26 
2 'Structure model' 1 1 2011-07-13 
3 'Structure model' 1 2 2023-11-01 
4 'Structure model' 1 3 2024-11-13 
# 
_pdbx_audit_revision_details.ordinal             1 
_pdbx_audit_revision_details.revision_ordinal    1 
_pdbx_audit_revision_details.data_content_type   'Structure model' 
_pdbx_audit_revision_details.provider            repository 
_pdbx_audit_revision_details.type                'Initial release' 
_pdbx_audit_revision_details.description         ? 
_pdbx_audit_revision_details.details             ? 
# 
loop_
_pdbx_audit_revision_group.ordinal 
_pdbx_audit_revision_group.revision_ordinal 
_pdbx_audit_revision_group.data_content_type 
_pdbx_audit_revision_group.group 
1 2 'Structure model' Advisory                    
2 2 'Structure model' 'Version format compliance' 
3 3 'Structure model' 'Data collection'           
4 3 'Structure model' 'Database references'       
5 3 'Structure model' 'Derived calculations'      
6 3 'Structure model' 'Refinement description'    
7 4 'Structure model' 'Structure summary'         
# 
loop_
_pdbx_audit_revision_category.ordinal 
_pdbx_audit_revision_category.revision_ordinal 
_pdbx_audit_revision_category.data_content_type 
_pdbx_audit_revision_category.category 
1 3 'Structure model' chem_comp_atom                
2 3 'Structure model' chem_comp_bond                
3 3 'Structure model' database_2                    
4 3 'Structure model' pdbx_initial_refinement_model 
5 3 'Structure model' pdbx_struct_conn_angle        
6 3 'Structure model' struct_conn                   
7 3 'Structure model' struct_site                   
8 4 'Structure model' pdbx_entry_details            
9 4 'Structure model' pdbx_modification_feature     
# 
loop_
_pdbx_audit_revision_item.ordinal 
_pdbx_audit_revision_item.revision_ordinal 
_pdbx_audit_revision_item.data_content_type 
_pdbx_audit_revision_item.item 
1  3 'Structure model' '_database_2.pdbx_DOI'                        
2  3 'Structure model' '_database_2.pdbx_database_accession'         
3  3 'Structure model' '_pdbx_struct_conn_angle.ptnr1_auth_comp_id'  
4  3 'Structure model' '_pdbx_struct_conn_angle.ptnr1_auth_seq_id'   
5  3 'Structure model' '_pdbx_struct_conn_angle.ptnr1_label_asym_id' 
6  3 'Structure model' '_pdbx_struct_conn_angle.ptnr1_label_comp_id' 
7  3 'Structure model' '_pdbx_struct_conn_angle.ptnr1_label_seq_id'  
8  3 'Structure model' '_pdbx_struct_conn_angle.ptnr3_auth_comp_id'  
9  3 'Structure model' '_pdbx_struct_conn_angle.ptnr3_auth_seq_id'   
10 3 'Structure model' '_pdbx_struct_conn_angle.ptnr3_label_asym_id' 
11 3 'Structure model' '_pdbx_struct_conn_angle.ptnr3_label_comp_id' 
12 3 'Structure model' '_pdbx_struct_conn_angle.ptnr3_label_seq_id'  
13 3 'Structure model' '_pdbx_struct_conn_angle.value'               
14 3 'Structure model' '_struct_conn.pdbx_dist_value'                
15 3 'Structure model' '_struct_conn.ptnr1_auth_comp_id'             
16 3 'Structure model' '_struct_conn.ptnr1_auth_seq_id'              
17 3 'Structure model' '_struct_conn.ptnr1_label_asym_id'            
18 3 'Structure model' '_struct_conn.ptnr1_label_atom_id'            
19 3 'Structure model' '_struct_conn.ptnr1_label_comp_id'            
20 3 'Structure model' '_struct_conn.ptnr1_label_seq_id'             
21 3 'Structure model' '_struct_conn.ptnr2_auth_comp_id'             
22 3 'Structure model' '_struct_conn.ptnr2_auth_seq_id'              
23 3 'Structure model' '_struct_conn.ptnr2_label_asym_id'            
24 3 'Structure model' '_struct_conn.ptnr2_label_atom_id'            
25 3 'Structure model' '_struct_conn.ptnr2_label_comp_id'            
26 3 'Structure model' '_struct_site.pdbx_auth_asym_id'              
27 3 'Structure model' '_struct_site.pdbx_auth_comp_id'              
28 3 'Structure model' '_struct_site.pdbx_auth_seq_id'               
# 
_pdbx_database_status.entry_id                        3L30 
_pdbx_database_status.deposit_site                    RCSB 
_pdbx_database_status.process_site                    PDBJ 
_pdbx_database_status.recvd_initial_deposition_date   2009-12-16 
_pdbx_database_status.status_code                     REL 
_pdbx_database_status.status_code_sf                  REL 
_pdbx_database_status.status_code_mr                  ? 
_pdbx_database_status.SG_entry                        ? 
_pdbx_database_status.pdb_format_compatible           Y 
_pdbx_database_status.status_code_cs                  ? 
_pdbx_database_status.status_code_nmr_data            ? 
_pdbx_database_status.methods_development_category    ? 
# 
loop_
_pdbx_database_related.db_name 
_pdbx_database_related.db_id 
_pdbx_database_related.details 
_pdbx_database_related.content_type 
PDB 4P2P 'Structure of native porcine pancreatic phospholipase A2' unspecified 
PDB 2QVD 'Structure of hpospholipase A2 complexed with berberine'  unspecified 
# 
loop_
_audit_author.name 
_audit_author.pdbx_ordinal 
'Naveen, C.'     1 
'Prasanth, G.K.' 2 
'Abhilash, J.'   3 
'Pradeep, M.'    4 
'Ponnuraj, K.'   5 
'Sadasivan, C.'  6 
'Haridas, M.'    7 
# 
_citation.id                        primary 
_citation.title                     'Crystal structure of porcine pancreatic phospholipase A2 complexed with dihydroxyberberine' 
_citation.journal_abbrev            'To be Published' 
_citation.journal_volume            ? 
_citation.page_first                ? 
_citation.page_last                 ? 
_citation.year                      ? 
_citation.journal_id_ASTM           ? 
_citation.country                   ? 
_citation.journal_id_ISSN           ? 
_citation.journal_id_CSD            0353 
_citation.book_publisher            ? 
_citation.pdbx_database_id_PubMed   ? 
_citation.pdbx_database_id_DOI      ? 
# 
loop_
_citation_author.citation_id 
_citation_author.name 
_citation_author.ordinal 
_citation_author.identifier_ORCID 
primary 'Naveen, C.'     1 ? 
primary 'Prasanth, G.K.' 2 ? 
primary 'Abhilash, J.'   3 ? 
primary 'Pradeep, M.'    4 ? 
primary 'Ponnuraj, K.'   5 ? 
primary 'Sadasivan, C.'  6 ? 
primary 'Haridas, M.'    7 ? 
# 
loop_
_entity.id 
_entity.type 
_entity.src_method 
_entity.pdbx_description 
_entity.formula_weight 
_entity.pdbx_number_of_molecules 
_entity.pdbx_ec 
_entity.pdbx_mutation 
_entity.pdbx_fragment 
_entity.details 
1 polymer     nat 'Phospholipase A2, major isoenzyme'                                        14009.714 1   3.1.1.4 ? ? ? 
2 non-polymer syn 'CALCIUM ION'                                                              40.078    1   ?       ? ? ? 
3 non-polymer syn 'CHLORIDE ION'                                                             35.453    2   ?       ? ? ? 
4 non-polymer syn '4,14-dihydro-8H-[1,3]dioxolo[4,5-g]isoquino[3,2-a]isoquinoline-9,10-diol' 309.316   1   ?       ? ? ? 
5 water       nat water                                                                      18.015    100 ?       ? ? ? 
# 
_entity_name_com.entity_id   1 
_entity_name_com.name        'Phosphatidylcholine 2-acylhydrolase, Group IB phospholipase A2' 
# 
_entity_poly.entity_id                      1 
_entity_poly.type                           'polypeptide(L)' 
_entity_poly.nstd_linkage                   no 
_entity_poly.nstd_monomer                   no 
_entity_poly.pdbx_seq_one_letter_code       
;ALWQFRSMIKCAIPGSHPLMDFNNYGCYCGLGGSGTPVDELDRCCETHDNCYRDAKNLDSCKFLVDNPYTESYSYSCSNT
EITCNSKNNACEAFICNCDRNAAICFSKAPYNKEHKNLDTKKYC
;
_entity_poly.pdbx_seq_one_letter_code_can   
;ALWQFRSMIKCAIPGSHPLMDFNNYGCYCGLGGSGTPVDELDRCCETHDNCYRDAKNLDSCKFLVDNPYTESYSYSCSNT
EITCNSKNNACEAFICNCDRNAAICFSKAPYNKEHKNLDTKKYC
;
_entity_poly.pdbx_strand_id                 A 
_entity_poly.pdbx_target_identifier         ? 
# 
loop_
_pdbx_entity_nonpoly.entity_id 
_pdbx_entity_nonpoly.name 
_pdbx_entity_nonpoly.comp_id 
2 'CALCIUM ION'                                                              CA  
3 'CHLORIDE ION'                                                             CL  
4 '4,14-dihydro-8H-[1,3]dioxolo[4,5-g]isoquino[3,2-a]isoquinoline-9,10-diol' DBW 
5 water                                                                      HOH 
# 
loop_
_entity_poly_seq.entity_id 
_entity_poly_seq.num 
_entity_poly_seq.mon_id 
_entity_poly_seq.hetero 
1 1   ALA n 
1 2   LEU n 
1 3   TRP n 
1 4   GLN n 
1 5   PHE n 
1 6   ARG n 
1 7   SER n 
1 8   MET n 
1 9   ILE n 
1 10  LYS n 
1 11  CYS n 
1 12  ALA n 
1 13  ILE n 
1 14  PRO n 
1 15  GLY n 
1 16  SER n 
1 17  HIS n 
1 18  PRO n 
1 19  LEU n 
1 20  MET n 
1 21  ASP n 
1 22  PHE n 
1 23  ASN n 
1 24  ASN n 
1 25  TYR n 
1 26  GLY n 
1 27  CYS n 
1 28  TYR n 
1 29  CYS n 
1 30  GLY n 
1 31  LEU n 
1 32  GLY n 
1 33  GLY n 
1 34  SER n 
1 35  GLY n 
1 36  THR n 
1 37  PRO n 
1 38  VAL n 
1 39  ASP n 
1 40  GLU n 
1 41  LEU n 
1 42  ASP n 
1 43  ARG n 
1 44  CYS n 
1 45  CYS n 
1 46  GLU n 
1 47  THR n 
1 48  HIS n 
1 49  ASP n 
1 50  ASN n 
1 51  CYS n 
1 52  TYR n 
1 53  ARG n 
1 54  ASP n 
1 55  ALA n 
1 56  LYS n 
1 57  ASN n 
1 58  LEU n 
1 59  ASP n 
1 60  SER n 
1 61  CYS n 
1 62  LYS n 
1 63  PHE n 
1 64  LEU n 
1 65  VAL n 
1 66  ASP n 
1 67  ASN n 
1 68  PRO n 
1 69  TYR n 
1 70  THR n 
1 71  GLU n 
1 72  SER n 
1 73  TYR n 
1 74  SER n 
1 75  TYR n 
1 76  SER n 
1 77  CYS n 
1 78  SER n 
1 79  ASN n 
1 80  THR n 
1 81  GLU n 
1 82  ILE n 
1 83  THR n 
1 84  CYS n 
1 85  ASN n 
1 86  SER n 
1 87  LYS n 
1 88  ASN n 
1 89  ASN n 
1 90  ALA n 
1 91  CYS n 
1 92  GLU n 
1 93  ALA n 
1 94  PHE n 
1 95  ILE n 
1 96  CYS n 
1 97  ASN n 
1 98  CYS n 
1 99  ASP n 
1 100 ARG n 
1 101 ASN n 
1 102 ALA n 
1 103 ALA n 
1 104 ILE n 
1 105 CYS n 
1 106 PHE n 
1 107 SER n 
1 108 LYS n 
1 109 ALA n 
1 110 PRO n 
1 111 TYR n 
1 112 ASN n 
1 113 LYS n 
1 114 GLU n 
1 115 HIS n 
1 116 LYS n 
1 117 ASN n 
1 118 LEU n 
1 119 ASP n 
1 120 THR n 
1 121 LYS n 
1 122 LYS n 
1 123 TYR n 
1 124 CYS n 
# 
_entity_src_nat.entity_id                  1 
_entity_src_nat.pdbx_src_id                1 
_entity_src_nat.pdbx_alt_source_flag       sample 
_entity_src_nat.pdbx_beg_seq_num           ? 
_entity_src_nat.pdbx_end_seq_num           ? 
_entity_src_nat.common_name                Pig 
_entity_src_nat.pdbx_organism_scientific   'Sus scrofa' 
_entity_src_nat.pdbx_ncbi_taxonomy_id      9823 
_entity_src_nat.genus                      ? 
_entity_src_nat.species                    ? 
_entity_src_nat.strain                     ? 
_entity_src_nat.tissue                     ? 
_entity_src_nat.tissue_fraction            ? 
_entity_src_nat.pdbx_secretion             ? 
_entity_src_nat.pdbx_fragment              ? 
_entity_src_nat.pdbx_variant               ? 
_entity_src_nat.pdbx_cell_line             ? 
_entity_src_nat.pdbx_atcc                  ? 
_entity_src_nat.pdbx_cellular_location     ? 
_entity_src_nat.pdbx_organ                 ? 
_entity_src_nat.pdbx_organelle             ? 
_entity_src_nat.pdbx_cell                  ? 
_entity_src_nat.pdbx_plasmid_name          ? 
_entity_src_nat.pdbx_plasmid_details       ? 
_entity_src_nat.details                    ? 
# 
loop_
_chem_comp.id 
_chem_comp.type 
_chem_comp.mon_nstd_flag 
_chem_comp.name 
_chem_comp.pdbx_synonyms 
_chem_comp.formula 
_chem_comp.formula_weight 
ALA 'L-peptide linking' y ALANINE                                                                    ? 'C3 H7 N O2'     89.093  
ARG 'L-peptide linking' y ARGININE                                                                   ? 'C6 H15 N4 O2 1' 175.209 
ASN 'L-peptide linking' y ASPARAGINE                                                                 ? 'C4 H8 N2 O3'    132.118 
ASP 'L-peptide linking' y 'ASPARTIC ACID'                                                            ? 'C4 H7 N O4'     133.103 
CA  non-polymer         . 'CALCIUM ION'                                                              ? 'Ca 2'           40.078  
CL  non-polymer         . 'CHLORIDE ION'                                                             ? 'Cl -1'          35.453  
CYS 'L-peptide linking' y CYSTEINE                                                                   ? 'C3 H7 N O2 S'   121.158 
DBW non-polymer         . '4,14-dihydro-8H-[1,3]dioxolo[4,5-g]isoquino[3,2-a]isoquinoline-9,10-diol' ? 'C18 H15 N O4'   309.316 
GLN 'L-peptide linking' y GLUTAMINE                                                                  ? 'C5 H10 N2 O3'   146.144 
GLU 'L-peptide linking' y 'GLUTAMIC ACID'                                                            ? 'C5 H9 N O4'     147.129 
GLY 'peptide linking'   y GLYCINE                                                                    ? 'C2 H5 N O2'     75.067  
HIS 'L-peptide linking' y HISTIDINE                                                                  ? 'C6 H10 N3 O2 1' 156.162 
HOH non-polymer         . WATER                                                                      ? 'H2 O'           18.015  
ILE 'L-peptide linking' y ISOLEUCINE                                                                 ? 'C6 H13 N O2'    131.173 
LEU 'L-peptide linking' y LEUCINE                                                                    ? 'C6 H13 N O2'    131.173 
LYS 'L-peptide linking' y LYSINE                                                                     ? 'C6 H15 N2 O2 1' 147.195 
MET 'L-peptide linking' y METHIONINE                                                                 ? 'C5 H11 N O2 S'  149.211 
PHE 'L-peptide linking' y PHENYLALANINE                                                              ? 'C9 H11 N O2'    165.189 
PRO 'L-peptide linking' y PROLINE                                                                    ? 'C5 H9 N O2'     115.130 
SER 'L-peptide linking' y SERINE                                                                     ? 'C3 H7 N O3'     105.093 
THR 'L-peptide linking' y THREONINE                                                                  ? 'C4 H9 N O3'     119.119 
TRP 'L-peptide linking' y TRYPTOPHAN                                                                 ? 'C11 H12 N2 O2'  204.225 
TYR 'L-peptide linking' y TYROSINE                                                                   ? 'C9 H11 N O3'    181.189 
VAL 'L-peptide linking' y VALINE                                                                     ? 'C5 H11 N O2'    117.146 
# 
loop_
_pdbx_poly_seq_scheme.asym_id 
_pdbx_poly_seq_scheme.entity_id 
_pdbx_poly_seq_scheme.seq_id 
_pdbx_poly_seq_scheme.mon_id 
_pdbx_poly_seq_scheme.ndb_seq_num 
_pdbx_poly_seq_scheme.pdb_seq_num 
_pdbx_poly_seq_scheme.auth_seq_num 
_pdbx_poly_seq_scheme.pdb_mon_id 
_pdbx_poly_seq_scheme.auth_mon_id 
_pdbx_poly_seq_scheme.pdb_strand_id 
_pdbx_poly_seq_scheme.pdb_ins_code 
_pdbx_poly_seq_scheme.hetero 
A 1 1   ALA 1   1   1   ALA ALA A . n 
A 1 2   LEU 2   2   2   LEU LEU A . n 
A 1 3   TRP 3   3   3   TRP TRP A . n 
A 1 4   GLN 4   4   4   GLN GLN A . n 
A 1 5   PHE 5   5   5   PHE PHE A . n 
A 1 6   ARG 6   6   6   ARG ARG A . n 
A 1 7   SER 7   7   7   SER SER A . n 
A 1 8   MET 8   8   8   MET MET A . n 
A 1 9   ILE 9   9   9   ILE ILE A . n 
A 1 10  LYS 10  10  10  LYS LYS A . n 
A 1 11  CYS 11  11  11  CYS CYS A . n 
A 1 12  ALA 12  12  12  ALA ALA A . n 
A 1 13  ILE 13  13  13  ILE ILE A . n 
A 1 14  PRO 14  14  14  PRO PRO A . n 
A 1 15  GLY 15  15  15  GLY GLY A . n 
A 1 16  SER 16  16  16  SER SER A . n 
A 1 17  HIS 17  17  17  HIS HIS A . n 
A 1 18  PRO 18  18  18  PRO PRO A . n 
A 1 19  LEU 19  19  19  LEU LEU A . n 
A 1 20  MET 20  20  20  MET MET A . n 
A 1 21  ASP 21  21  21  ASP ASP A . n 
A 1 22  PHE 22  22  22  PHE PHE A . n 
A 1 23  ASN 23  23  23  ASN ASN A . n 
A 1 24  ASN 24  24  24  ASN ASN A . n 
A 1 25  TYR 25  25  25  TYR TYR A . n 
A 1 26  GLY 26  26  26  GLY GLY A . n 
A 1 27  CYS 27  27  27  CYS CYS A . n 
A 1 28  TYR 28  28  28  TYR TYR A . n 
A 1 29  CYS 29  29  29  CYS CYS A . n 
A 1 30  GLY 30  30  30  GLY GLY A . n 
A 1 31  LEU 31  31  31  LEU LEU A . n 
A 1 32  GLY 32  32  32  GLY GLY A . n 
A 1 33  GLY 33  33  33  GLY GLY A . n 
A 1 34  SER 34  34  34  SER SER A . n 
A 1 35  GLY 35  35  35  GLY GLY A . n 
A 1 36  THR 36  36  36  THR THR A . n 
A 1 37  PRO 37  37  37  PRO PRO A . n 
A 1 38  VAL 38  38  38  VAL VAL A . n 
A 1 39  ASP 39  39  39  ASP ASP A . n 
A 1 40  GLU 40  40  40  GLU GLU A . n 
A 1 41  LEU 41  41  41  LEU LEU A . n 
A 1 42  ASP 42  42  42  ASP ASP A . n 
A 1 43  ARG 43  43  43  ARG ARG A . n 
A 1 44  CYS 44  44  44  CYS CYS A . n 
A 1 45  CYS 45  45  45  CYS CYS A . n 
A 1 46  GLU 46  46  46  GLU GLU A . n 
A 1 47  THR 47  47  47  THR THR A . n 
A 1 48  HIS 48  48  48  HIS HIS A . n 
A 1 49  ASP 49  49  49  ASP ASP A . n 
A 1 50  ASN 50  50  50  ASN ASN A . n 
A 1 51  CYS 51  51  51  CYS CYS A . n 
A 1 52  TYR 52  52  52  TYR TYR A . n 
A 1 53  ARG 53  53  53  ARG ARG A . n 
A 1 54  ASP 54  54  54  ASP ASP A . n 
A 1 55  ALA 55  55  55  ALA ALA A . n 
A 1 56  LYS 56  56  56  LYS LYS A . n 
A 1 57  ASN 57  57  57  ASN ASN A . n 
A 1 58  LEU 58  58  58  LEU LEU A . n 
A 1 59  ASP 59  59  59  ASP ASP A . n 
A 1 60  SER 60  60  60  SER SER A . n 
A 1 61  CYS 61  61  61  CYS CYS A . n 
A 1 62  LYS 62  62  62  LYS LYS A . n 
A 1 63  PHE 63  63  63  PHE PHE A . n 
A 1 64  LEU 64  64  64  LEU LEU A . n 
A 1 65  VAL 65  65  65  VAL VAL A . n 
A 1 66  ASP 66  66  66  ASP ASP A . n 
A 1 67  ASN 67  67  67  ASN ASN A . n 
A 1 68  PRO 68  68  68  PRO PRO A . n 
A 1 69  TYR 69  69  69  TYR TYR A . n 
A 1 70  THR 70  70  70  THR THR A . n 
A 1 71  GLU 71  71  71  GLU GLU A . n 
A 1 72  SER 72  72  72  SER SER A . n 
A 1 73  TYR 73  73  73  TYR TYR A . n 
A 1 74  SER 74  74  74  SER SER A . n 
A 1 75  TYR 75  75  75  TYR TYR A . n 
A 1 76  SER 76  76  76  SER SER A . n 
A 1 77  CYS 77  77  77  CYS CYS A . n 
A 1 78  SER 78  78  78  SER SER A . n 
A 1 79  ASN 79  79  79  ASN ASN A . n 
A 1 80  THR 80  80  80  THR THR A . n 
A 1 81  GLU 81  81  81  GLU GLU A . n 
A 1 82  ILE 82  82  82  ILE ILE A . n 
A 1 83  THR 83  83  83  THR THR A . n 
A 1 84  CYS 84  84  84  CYS CYS A . n 
A 1 85  ASN 85  85  85  ASN ASN A . n 
A 1 86  SER 86  86  86  SER SER A . n 
A 1 87  LYS 87  87  87  LYS LYS A . n 
A 1 88  ASN 88  88  88  ASN ASN A . n 
A 1 89  ASN 89  89  89  ASN ASN A . n 
A 1 90  ALA 90  90  90  ALA ALA A . n 
A 1 91  CYS 91  91  91  CYS CYS A . n 
A 1 92  GLU 92  92  92  GLU GLU A . n 
A 1 93  ALA 93  93  93  ALA ALA A . n 
A 1 94  PHE 94  94  94  PHE PHE A . n 
A 1 95  ILE 95  95  95  ILE ILE A . n 
A 1 96  CYS 96  96  96  CYS CYS A . n 
A 1 97  ASN 97  97  97  ASN ASN A . n 
A 1 98  CYS 98  98  98  CYS CYS A . n 
A 1 99  ASP 99  99  99  ASP ASP A . n 
A 1 100 ARG 100 100 100 ARG ARG A . n 
A 1 101 ASN 101 101 101 ASN ASN A . n 
A 1 102 ALA 102 102 102 ALA ALA A . n 
A 1 103 ALA 103 103 103 ALA ALA A . n 
A 1 104 ILE 104 104 104 ILE ILE A . n 
A 1 105 CYS 105 105 105 CYS CYS A . n 
A 1 106 PHE 106 106 106 PHE PHE A . n 
A 1 107 SER 107 107 107 SER SER A . n 
A 1 108 LYS 108 108 108 LYS LYS A . n 
A 1 109 ALA 109 109 109 ALA ALA A . n 
A 1 110 PRO 110 110 110 PRO PRO A . n 
A 1 111 TYR 111 111 111 TYR TYR A . n 
A 1 112 ASN 112 112 112 ASN ASN A . n 
A 1 113 LYS 113 113 113 LYS LYS A . n 
A 1 114 GLU 114 114 114 GLU GLU A . n 
A 1 115 HIS 115 115 115 HIS HIS A . n 
A 1 116 LYS 116 116 116 LYS LYS A . n 
A 1 117 ASN 117 117 117 ASN ASN A . n 
A 1 118 LEU 118 118 118 LEU LEU A . n 
A 1 119 ASP 119 119 119 ASP ASP A . n 
A 1 120 THR 120 120 120 THR THR A . n 
A 1 121 LYS 121 121 121 LYS LYS A . n 
A 1 122 LYS 122 122 122 LYS LYS A . n 
A 1 123 TYR 123 123 123 TYR TYR A . n 
A 1 124 CYS 124 124 124 CYS CYS A . n 
# 
loop_
_pdbx_nonpoly_scheme.asym_id 
_pdbx_nonpoly_scheme.entity_id 
_pdbx_nonpoly_scheme.mon_id 
_pdbx_nonpoly_scheme.ndb_seq_num 
_pdbx_nonpoly_scheme.pdb_seq_num 
_pdbx_nonpoly_scheme.auth_seq_num 
_pdbx_nonpoly_scheme.pdb_mon_id 
_pdbx_nonpoly_scheme.auth_mon_id 
_pdbx_nonpoly_scheme.pdb_strand_id 
_pdbx_nonpoly_scheme.pdb_ins_code 
B 2 CA  1   125 1  CA  CA  A . 
C 3 CL  1   126 1  CL  CL  A . 
D 3 CL  1   127 1  CL  CL  A . 
E 4 DBW 1   128 1  DBW BIC A . 
F 5 HOH 1   129 1  HOH HOH A . 
F 5 HOH 2   130 4  HOH HOH A . 
F 5 HOH 3   131 6  HOH HOH A . 
F 5 HOH 4   132 7  HOH HOH A . 
F 5 HOH 5   133 10 HOH HOH A . 
F 5 HOH 6   134 12 HOH HOH A . 
F 5 HOH 7   135 13 HOH HOH A . 
F 5 HOH 8   136 15 HOH HOH A . 
F 5 HOH 9   137 17 HOH HOH A . 
F 5 HOH 10  138 2  HOH HOH A . 
F 5 HOH 11  139 4  HOH HOH A . 
F 5 HOH 12  140 5  HOH HOH A . 
F 5 HOH 13  141 7  HOH HOH A . 
F 5 HOH 14  142 2  HOH HOH A . 
F 5 HOH 15  143 1  HOH HOH A . 
F 5 HOH 16  144 3  HOH HOH A . 
F 5 HOH 17  145 4  HOH HOH A . 
F 5 HOH 18  146 5  HOH HOH A . 
F 5 HOH 19  147 6  HOH HOH A . 
F 5 HOH 20  148 7  HOH HOH A . 
F 5 HOH 21  149 8  HOH HOH A . 
F 5 HOH 22  150 11 HOH HOH A . 
F 5 HOH 23  151 12 HOH HOH A . 
F 5 HOH 24  152 13 HOH HOH A . 
F 5 HOH 25  153 14 HOH HOH A . 
F 5 HOH 26  154 15 HOH HOH A . 
F 5 HOH 27  155 17 HOH HOH A . 
F 5 HOH 28  156 18 HOH HOH A . 
F 5 HOH 29  157 20 HOH HOH A . 
F 5 HOH 30  158 21 HOH HOH A . 
F 5 HOH 31  159 22 HOH HOH A . 
F 5 HOH 32  160 23 HOH HOH A . 
F 5 HOH 33  161 24 HOH HOH A . 
F 5 HOH 34  162 25 HOH HOH A . 
F 5 HOH 35  163 29 HOH HOH A . 
F 5 HOH 36  164 31 HOH HOH A . 
F 5 HOH 37  165 33 HOH HOH A . 
F 5 HOH 38  166 35 HOH HOH A . 
F 5 HOH 39  167 37 HOH HOH A . 
F 5 HOH 40  168 43 HOH HOH A . 
F 5 HOH 41  169 2  HOH HOH A . 
F 5 HOH 42  170 3  HOH HOH A . 
F 5 HOH 43  171 6  HOH HOH A . 
F 5 HOH 44  172 7  HOH HOH A . 
F 5 HOH 45  173 8  HOH HOH A . 
F 5 HOH 46  174 10 HOH HOH A . 
F 5 HOH 47  175 14 HOH HOH A . 
F 5 HOH 48  176 22 HOH HOH A . 
F 5 HOH 49  177 23 HOH HOH A . 
F 5 HOH 50  178 24 HOH HOH A . 
F 5 HOH 51  179 25 HOH HOH A . 
F 5 HOH 52  180 33 HOH HOH A . 
F 5 HOH 53  181 36 HOH HOH A . 
F 5 HOH 54  182 38 HOH HOH A . 
F 5 HOH 55  183 1  HOH HOH A . 
F 5 HOH 56  184 2  HOH HOH A . 
F 5 HOH 57  185 4  HOH HOH A . 
F 5 HOH 58  186 4  HOH HOH A . 
F 5 HOH 59  187 5  HOH HOH A . 
F 5 HOH 60  188 7  HOH HOH A . 
F 5 HOH 61  189 8  HOH HOH A . 
F 5 HOH 62  190 14 HOH HOH A . 
F 5 HOH 63  191 15 HOH HOH A . 
F 5 HOH 64  192 18 HOH HOH A . 
F 5 HOH 65  193 22 HOH HOH A . 
F 5 HOH 66  194 26 HOH HOH A . 
F 5 HOH 67  195 27 HOH HOH A . 
F 5 HOH 68  196 28 HOH HOH A . 
F 5 HOH 69  197 2  HOH HOH A . 
F 5 HOH 70  198 4  HOH HOH A . 
F 5 HOH 71  199 6  HOH HOH A . 
F 5 HOH 72  200 1  HOH HOH A . 
F 5 HOH 73  201 1  HOH HOH A . 
F 5 HOH 74  202 2  HOH HOH A . 
F 5 HOH 75  203 1  HOH HOH A . 
F 5 HOH 76  204 2  HOH HOH A . 
F 5 HOH 77  205 4  HOH HOH A . 
F 5 HOH 78  206 6  HOH HOH A . 
F 5 HOH 79  207 1  HOH HOH A . 
F 5 HOH 80  208 1  HOH HOH A . 
F 5 HOH 81  209 2  HOH HOH A . 
F 5 HOH 82  210 3  HOH HOH A . 
F 5 HOH 83  211 11 HOH HOH A . 
F 5 HOH 84  212 4  HOH HOH A . 
F 5 HOH 85  213 1  HOH HOH A . 
F 5 HOH 86  214 2  HOH HOH A . 
F 5 HOH 87  215 4  HOH HOH A . 
F 5 HOH 88  216 5  HOH HOH A . 
F 5 HOH 89  217 6  HOH HOH A . 
F 5 HOH 90  218 1  HOH HOH A . 
F 5 HOH 91  219 1  HOH HOH A . 
F 5 HOH 92  220 2  HOH HOH A . 
F 5 HOH 93  221 3  HOH HOH A . 
F 5 HOH 94  222 4  HOH HOH A . 
F 5 HOH 95  223 5  HOH HOH A . 
F 5 HOH 96  224 6  HOH HOH A . 
F 5 HOH 97  225 7  HOH HOH A . 
F 5 HOH 98  226 8  HOH HOH A . 
F 5 HOH 99  227 1  HOH HOH A . 
F 5 HOH 100 228 2  HOH HOH A . 
# 
loop_
_software.pdbx_ordinal 
_software.name 
_software.version 
_software.date 
_software.type 
_software.contact_author 
_software.contact_author_email 
_software.classification 
_software.location 
_software.language 
_software.citation_id 
1 SCALA       .        ?               other   'Phil R. Evans'      pre@mrc-lmb.cam.ac.uk 'data scaling'    
http://www.ccp4.ac.uk/dist/html/scala.html   Fortran_77 ? 
2 REFMAC      5.5.0102 ?               program 'Garib N. Murshudov' garib@ysbl.york.ac.uk refinement        
http://www.ccp4.ac.uk/dist/html/refmac5.html Fortran_77 ? 
3 PDB_EXTRACT 3.005    'June 11, 2008' package PDB                  help@deposit.rcsb.org 'data extraction' 
http://sw-tools.pdb.org/apps/PDB_EXTRACT/    C++        ? 
4 MAR345dtb   .        ?               ?       ?                    ?                     'data collection' ? ?          ? 
5 AUTOMAR     .        ?               ?       ?                    ?                     'data reduction'  ? ?          ? 
6 MOLREP      .        ?               ?       ?                    ?                     phasing           ? ?          ? 
# 
_cell.length_a           68.880 
_cell.length_b           68.880 
_cell.length_c           70.160 
_cell.angle_alpha        90.000 
_cell.angle_beta         90.000 
_cell.angle_gamma        120.000 
_cell.entry_id           3L30 
_cell.pdbx_unique_axis   ? 
_cell.Z_PDB              6 
_cell.length_a_esd       ? 
_cell.length_b_esd       ? 
_cell.length_c_esd       ? 
_cell.angle_alpha_esd    ? 
_cell.angle_beta_esd     ? 
_cell.angle_gamma_esd    ? 
# 
_symmetry.space_group_name_H-M             'P 31 2 1' 
_symmetry.entry_id                         3L30 
_symmetry.pdbx_full_space_group_name_H-M   ? 
_symmetry.Int_Tables_number                152 
_symmetry.cell_setting                     ? 
_symmetry.space_group_name_Hall            ? 
# 
_exptl.crystals_number   1 
_exptl.entry_id          3L30 
_exptl.method            'X-RAY DIFFRACTION' 
# 
_exptl_crystal.id                    1 
_exptl_crystal.pdbx_mosaicity        ? 
_exptl_crystal.pdbx_mosaicity_esd    ? 
_exptl_crystal.density_Matthews      3.43 
_exptl_crystal.density_diffrn        ? 
_exptl_crystal.density_meas          ? 
_exptl_crystal.density_meas_temp     ? 
_exptl_crystal.density_percent_sol   64.13 
_exptl_crystal.size_max              ? 
_exptl_crystal.size_mid              ? 
_exptl_crystal.size_min              ? 
_exptl_crystal.size_rad              ? 
_exptl_crystal.description           ? 
_exptl_crystal.F_000                 ? 
_exptl_crystal.preparation           ? 
# 
_exptl_crystal_grow.crystal_id      1 
_exptl_crystal_grow.method          'VAPOR DIFFUSION, HANGING DROP' 
_exptl_crystal_grow.pH              7.40 
_exptl_crystal_grow.temp            290 
_exptl_crystal_grow.temp_details    ? 
_exptl_crystal_grow.pdbx_details    
'0.05M Tris maleate buffer, 5mM Calcium chloride, 16% MPD, 60mg/ml protein, pH 7.40, VAPOR DIFFUSION, HANGING DROP, temperature 290K' 
_exptl_crystal_grow.pdbx_pH_range   . 
# 
_diffrn.id                     1 
_diffrn.ambient_temp           100 
_diffrn.ambient_temp_details   ? 
_diffrn.crystal_id             1 
# 
_diffrn_detector.diffrn_id              1 
_diffrn_detector.detector               'IMAGE PLATE' 
_diffrn_detector.type                   'MAR scanner 345 mm plate' 
_diffrn_detector.pdbx_collection_date   2009-03-25 
_diffrn_detector.details                ? 
# 
_diffrn_radiation.diffrn_id                        1 
_diffrn_radiation.wavelength_id                    1 
_diffrn_radiation.pdbx_diffrn_protocol             'SINGLE WAVELENGTH' 
_diffrn_radiation.monochromator                    Graphite 
_diffrn_radiation.pdbx_monochromatic_or_laue_m_l   M 
_diffrn_radiation.pdbx_scattering_type             x-ray 
# 
_diffrn_radiation_wavelength.id           1 
_diffrn_radiation_wavelength.wavelength   1.54 
_diffrn_radiation_wavelength.wt           1.0 
# 
_diffrn_source.diffrn_id                   1 
_diffrn_source.source                      'ROTATING ANODE' 
_diffrn_source.type                        'RIGAKU RU300' 
_diffrn_source.pdbx_wavelength             ? 
_diffrn_source.pdbx_wavelength_list        1.54 
_diffrn_source.pdbx_synchrotron_site       ? 
_diffrn_source.pdbx_synchrotron_beamline   ? 
# 
_reflns.entry_id                     3L30 
_reflns.observed_criterion_sigma_F   0 
_reflns.observed_criterion_sigma_I   ? 
_reflns.d_resolution_high            2.40 
_reflns.d_resolution_low             29.83 
_reflns.number_all                   ? 
_reflns.number_obs                   7271 
_reflns.percent_possible_obs         92.52 
_reflns.pdbx_Rmerge_I_obs            0.051 
_reflns.pdbx_Rsym_value              ? 
_reflns.pdbx_netI_over_sigmaI        ? 
_reflns.B_iso_Wilson_estimate        26.08 
_reflns.pdbx_redundancy              ? 
_reflns.R_free_details               ? 
_reflns.limit_h_max                  ? 
_reflns.limit_h_min                  ? 
_reflns.limit_k_max                  ? 
_reflns.limit_k_min                  ? 
_reflns.limit_l_max                  ? 
_reflns.limit_l_min                  ? 
_reflns.observed_criterion_F_max     ? 
_reflns.observed_criterion_F_min     ? 
_reflns.pdbx_chi_squared             ? 
_reflns.pdbx_scaling_rejects         ? 
_reflns.pdbx_ordinal                 1 
_reflns.pdbx_diffrn_id               1 
# 
_reflns_shell.d_res_high             2.40 
_reflns_shell.d_res_low              ? 
_reflns_shell.percent_possible_obs   ? 
_reflns_shell.percent_possible_all   92.50 
_reflns_shell.Rmerge_I_obs           0.051 
_reflns_shell.meanI_over_sigI_obs    22.0 
_reflns_shell.pdbx_Rsym_value        ? 
_reflns_shell.pdbx_redundancy        ? 
_reflns_shell.number_unique_all      7271 
_reflns_shell.number_measured_all    ? 
_reflns_shell.number_measured_obs    ? 
_reflns_shell.number_unique_obs      ? 
_reflns_shell.pdbx_chi_squared       ? 
_reflns_shell.pdbx_ordinal           1 
_reflns_shell.pdbx_diffrn_id         1 
# 
_refine.entry_id                                 3L30 
_refine.ls_d_res_high                            2.400 
_refine.ls_d_res_low                             24.580 
_refine.pdbx_ls_sigma_F                          0.00 
_refine.pdbx_data_cutoff_high_absF               ? 
_refine.pdbx_data_cutoff_low_absF                ? 
_refine.ls_percent_reflns_obs                    92.520 
_refine.ls_number_reflns_obs                     7247 
_refine.ls_number_reflns_all                     ? 
_refine.pdbx_ls_cross_valid_method               THROUGHOUT 
_refine.pdbx_R_Free_selection_details            RANDOM 
_refine.details                                  'HYDROGENS HAVE BEEN ADDED IN THE RIDING POSITIONS U VALUES: RESIDUAL ONLY' 
_refine.ls_R_factor_all                          0.1633 
_refine.ls_R_factor_obs                          0.167 
_refine.ls_R_factor_R_work                       0.163 
_refine.ls_wR_factor_R_work                      ? 
_refine.ls_R_factor_R_free                       0.240 
_refine.ls_wR_factor_R_free                      ? 
_refine.ls_percent_reflns_R_free                 4.600 
_refine.ls_number_reflns_R_free                  335 
_refine.ls_R_factor_R_free_error                 ? 
_refine.B_iso_mean                               26.083 
_refine.solvent_model_param_bsol                 ? 
_refine.solvent_model_param_ksol                 ? 
_refine.pdbx_isotropic_thermal_model             ? 
_refine.aniso_B[1][1]                            0.000 
_refine.aniso_B[2][2]                            0.000 
_refine.aniso_B[3][3]                            0.000 
_refine.aniso_B[1][2]                            0.000 
_refine.aniso_B[1][3]                            0.000 
_refine.aniso_B[2][3]                            0.000 
_refine.correlation_coeff_Fo_to_Fc               0.955 
_refine.correlation_coeff_Fo_to_Fc_free          0.913 
_refine.overall_SU_R_Cruickshank_DPI             ? 
_refine.overall_SU_R_free                        ? 
_refine.pdbx_overall_ESU_R                       0.272 
_refine.pdbx_overall_ESU_R_Free                  0.240 
_refine.overall_SU_ML                            0.145 
_refine.overall_SU_B                             13.171 
_refine.solvent_model_details                    MASK 
_refine.pdbx_solvent_vdw_probe_radii             1.400 
_refine.pdbx_solvent_ion_probe_radii             0.800 
_refine.pdbx_solvent_shrinkage_radii             0.800 
_refine.ls_number_parameters                     ? 
_refine.ls_number_restraints                     ? 
_refine.pdbx_starting_model                      'PDB ENTRY 4P2P' 
_refine.pdbx_method_to_determine_struct          'MOLECULAR REPLACEMENT' 
_refine.pdbx_stereochemistry_target_values       'MAXIMUM LIKELIHOOD' 
_refine.pdbx_stereochem_target_val_spec_case     ? 
_refine.overall_FOM_work_R_set                   ? 
_refine.B_iso_max                                141.07 
_refine.B_iso_min                                6.55 
_refine.occupancy_max                            1.00 
_refine.occupancy_min                            0.50 
_refine.pdbx_ls_sigma_I                          0.00 
_refine.ls_redundancy_reflns_obs                 ? 
_refine.ls_R_factor_R_free_error_details         ? 
_refine.pdbx_data_cutoff_high_rms_absF           ? 
_refine.overall_FOM_free_R_set                   ? 
_refine.pdbx_refine_id                           'X-RAY DIFFRACTION' 
_refine.pdbx_overall_phase_error                 ? 
_refine.pdbx_TLS_residual_ADP_flag               'LIKELY RESIDUAL' 
_refine.pdbx_diffrn_id                           1 
_refine.pdbx_overall_SU_R_free_Cruickshank_DPI   ? 
_refine.pdbx_overall_SU_R_Blow_DPI               ? 
_refine.pdbx_overall_SU_R_free_Blow_DPI          ? 
# 
_refine_hist.pdbx_refine_id                   'X-RAY DIFFRACTION' 
_refine_hist.cycle_id                         LAST 
_refine_hist.pdbx_number_atoms_protein        971 
_refine_hist.pdbx_number_atoms_nucleic_acid   0 
_refine_hist.pdbx_number_atoms_ligand         26 
_refine_hist.number_atoms_solvent             100 
_refine_hist.number_atoms_total               1097 
_refine_hist.d_res_high                       2.400 
_refine_hist.d_res_low                        24.580 
# 
loop_
_refine_ls_restr.type 
_refine_ls_restr.number 
_refine_ls_restr.dev_ideal 
_refine_ls_restr.dev_ideal_target 
_refine_ls_restr.weight 
_refine_ls_restr.pdbx_refine_id 
_refine_ls_restr.pdbx_restraint_function 
r_bond_refined_d       1036 0.019  0.021  ? 'X-RAY DIFFRACTION' ? 
r_angle_refined_deg    1411 1.822  1.970  ? 'X-RAY DIFFRACTION' ? 
r_dihedral_angle_1_deg 125  6.256  5.000  ? 'X-RAY DIFFRACTION' ? 
r_dihedral_angle_2_deg 51   40.353 25.098 ? 'X-RAY DIFFRACTION' ? 
r_dihedral_angle_3_deg 164  15.579 15.000 ? 'X-RAY DIFFRACTION' ? 
r_dihedral_angle_4_deg 4    23.763 15.000 ? 'X-RAY DIFFRACTION' ? 
r_chiral_restr         139  0.110  0.200  ? 'X-RAY DIFFRACTION' ? 
r_gen_planes_refined   815  0.009  0.021  ? 'X-RAY DIFFRACTION' ? 
r_mcbond_it            625  0.920  1.500  ? 'X-RAY DIFFRACTION' ? 
r_mcangle_it           1004 1.750  2.000  ? 'X-RAY DIFFRACTION' ? 
r_scbond_it            411  2.762  3.000  ? 'X-RAY DIFFRACTION' ? 
r_scangle_it           407  4.475  4.500  ? 'X-RAY DIFFRACTION' ? 
# 
_refine_ls_shell.d_res_high                       2.400 
_refine_ls_shell.d_res_low                        2.462 
_refine_ls_shell.pdbx_total_number_of_bins_used   20 
_refine_ls_shell.percent_reflns_obs               100.000 
_refine_ls_shell.number_reflns_R_work             547 
_refine_ls_shell.R_factor_all                     ? 
_refine_ls_shell.R_factor_R_work                  0.193 
_refine_ls_shell.R_factor_R_free                  0.252 
_refine_ls_shell.percent_reflns_R_free            ? 
_refine_ls_shell.number_reflns_R_free             24 
_refine_ls_shell.R_factor_R_free_error            ? 
_refine_ls_shell.number_reflns_all                571 
_refine_ls_shell.number_reflns_obs                ? 
_refine_ls_shell.redundancy_reflns_obs            ? 
_refine_ls_shell.pdbx_refine_id                   'X-RAY DIFFRACTION' 
# 
_struct.entry_id                  3L30 
_struct.title                     'Crystal structure of porcine pancreatic phospholipase A2 complexed with dihydroxyberberine' 
_struct.pdbx_model_details        ? 
_struct.pdbx_CASP_flag            N 
_struct.pdbx_model_type_details   ? 
# 
_struct_keywords.entry_id        3L30 
_struct_keywords.pdbx_keywords   HYDROLASE 
_struct_keywords.text            
;Phospholipase A2, dihydroxyberberine, Disulfide bond, Hydrolase, Lipid degradation, Lipoprotein, Metal-binding, Palmitate, Pyrrolidone carboxylic acid, Secreted
;
# 
loop_
_struct_asym.id 
_struct_asym.pdbx_blank_PDB_chainid_flag 
_struct_asym.pdbx_modified 
_struct_asym.entity_id 
_struct_asym.details 
A N N 1 ? 
B N N 2 ? 
C N N 3 ? 
D N N 3 ? 
E N N 4 ? 
F N N 5 ? 
# 
_struct_ref.id                         1 
_struct_ref.db_name                    UNP 
_struct_ref.db_code                    PA21B_PIG 
_struct_ref.pdbx_db_accession          P00592 
_struct_ref.entity_id                  1 
_struct_ref.pdbx_seq_one_letter_code   
;ALWQFRSMIKCAIPGSHPLMDFNNYGCYCGLGGSGTPVDELDRCCETHDNCYRDAKNLDSCKFLVDNPYTESYSYSCSNT
EITCNSKNNACEAFICNCDRNAAICFSKAPYNKEHKNLDTKKYC
;
_struct_ref.pdbx_align_begin           23 
_struct_ref.pdbx_db_isoform            ? 
# 
_struct_ref_seq.align_id                      1 
_struct_ref_seq.ref_id                        1 
_struct_ref_seq.pdbx_PDB_id_code              3L30 
_struct_ref_seq.pdbx_strand_id                A 
_struct_ref_seq.seq_align_beg                 1 
_struct_ref_seq.pdbx_seq_align_beg_ins_code   ? 
_struct_ref_seq.seq_align_end                 124 
_struct_ref_seq.pdbx_seq_align_end_ins_code   ? 
_struct_ref_seq.pdbx_db_accession             P00592 
_struct_ref_seq.db_align_beg                  23 
_struct_ref_seq.pdbx_db_align_beg_ins_code    ? 
_struct_ref_seq.db_align_end                  146 
_struct_ref_seq.pdbx_db_align_end_ins_code    ? 
_struct_ref_seq.pdbx_auth_seq_align_beg       1 
_struct_ref_seq.pdbx_auth_seq_align_end       124 
# 
_pdbx_struct_assembly.id                   1 
_pdbx_struct_assembly.details              author_and_software_defined_assembly 
_pdbx_struct_assembly.method_details       PISA 
_pdbx_struct_assembly.oligomeric_details   monomeric 
_pdbx_struct_assembly.oligomeric_count     1 
# 
_pdbx_struct_assembly_gen.assembly_id       1 
_pdbx_struct_assembly_gen.oper_expression   1 
_pdbx_struct_assembly_gen.asym_id_list      A,B,C,D,E,F 
# 
_pdbx_struct_oper_list.id                   1 
_pdbx_struct_oper_list.type                 'identity operation' 
_pdbx_struct_oper_list.name                 1_555 
_pdbx_struct_oper_list.symmetry_operation   x,y,z 
_pdbx_struct_oper_list.matrix[1][1]         1.0000000000 
_pdbx_struct_oper_list.matrix[1][2]         0.0000000000 
_pdbx_struct_oper_list.matrix[1][3]         0.0000000000 
_pdbx_struct_oper_list.vector[1]            0.0000000000 
_pdbx_struct_oper_list.matrix[2][1]         0.0000000000 
_pdbx_struct_oper_list.matrix[2][2]         1.0000000000 
_pdbx_struct_oper_list.matrix[2][3]         0.0000000000 
_pdbx_struct_oper_list.vector[2]            0.0000000000 
_pdbx_struct_oper_list.matrix[3][1]         0.0000000000 
_pdbx_struct_oper_list.matrix[3][2]         0.0000000000 
_pdbx_struct_oper_list.matrix[3][3]         1.0000000000 
_pdbx_struct_oper_list.vector[3]            0.0000000000 
# 
_struct_biol.id        1 
_struct_biol.details   ? 
# 
loop_
_struct_conf.conf_type_id 
_struct_conf.id 
_struct_conf.pdbx_PDB_helix_id 
_struct_conf.beg_label_comp_id 
_struct_conf.beg_label_asym_id 
_struct_conf.beg_label_seq_id 
_struct_conf.pdbx_beg_PDB_ins_code 
_struct_conf.end_label_comp_id 
_struct_conf.end_label_asym_id 
_struct_conf.end_label_seq_id 
_struct_conf.pdbx_end_PDB_ins_code 
_struct_conf.beg_auth_comp_id 
_struct_conf.beg_auth_asym_id 
_struct_conf.beg_auth_seq_id 
_struct_conf.end_auth_comp_id 
_struct_conf.end_auth_asym_id 
_struct_conf.end_auth_seq_id 
_struct_conf.pdbx_PDB_helix_class 
_struct_conf.details 
_struct_conf.pdbx_PDB_helix_length 
HELX_P HELX_P1 1 ALA A 1   ? ILE A 13  ? ALA A 1   ILE A 13  1 ? 13 
HELX_P HELX_P2 2 HIS A 17  ? ASN A 23  ? HIS A 17  ASN A 23  1 ? 7  
HELX_P HELX_P3 3 ASP A 39  ? ASN A 57  ? ASP A 39  ASN A 57  1 ? 19 
HELX_P HELX_P4 4 PHE A 63  ? GLU A 71  ? PHE A 63  GLU A 71  5 ? 9  
HELX_P HELX_P5 5 ASN A 89  ? ALA A 109 ? ASN A 89  ALA A 109 1 ? 21 
HELX_P HELX_P6 6 ASN A 112 ? LYS A 116 ? ASN A 112 LYS A 116 5 ? 5  
HELX_P HELX_P7 7 ASP A 119 ? CYS A 124 ? ASP A 119 CYS A 124 1 ? 6  
# 
_struct_conf_type.id          HELX_P 
_struct_conf_type.criteria    ? 
_struct_conf_type.reference   ? 
# 
loop_
_struct_conn.id 
_struct_conn.conn_type_id 
_struct_conn.pdbx_leaving_atom_flag 
_struct_conn.pdbx_PDB_id 
_struct_conn.ptnr1_label_asym_id 
_struct_conn.ptnr1_label_comp_id 
_struct_conn.ptnr1_label_seq_id 
_struct_conn.ptnr1_label_atom_id 
_struct_conn.pdbx_ptnr1_label_alt_id 
_struct_conn.pdbx_ptnr1_PDB_ins_code 
_struct_conn.pdbx_ptnr1_standard_comp_id 
_struct_conn.ptnr1_symmetry 
_struct_conn.ptnr2_label_asym_id 
_struct_conn.ptnr2_label_comp_id 
_struct_conn.ptnr2_label_seq_id 
_struct_conn.ptnr2_label_atom_id 
_struct_conn.pdbx_ptnr2_label_alt_id 
_struct_conn.pdbx_ptnr2_PDB_ins_code 
_struct_conn.ptnr1_auth_asym_id 
_struct_conn.ptnr1_auth_comp_id 
_struct_conn.ptnr1_auth_seq_id 
_struct_conn.ptnr2_auth_asym_id 
_struct_conn.ptnr2_auth_comp_id 
_struct_conn.ptnr2_auth_seq_id 
_struct_conn.ptnr2_symmetry 
_struct_conn.pdbx_ptnr3_label_atom_id 
_struct_conn.pdbx_ptnr3_label_seq_id 
_struct_conn.pdbx_ptnr3_label_comp_id 
_struct_conn.pdbx_ptnr3_label_asym_id 
_struct_conn.pdbx_ptnr3_label_alt_id 
_struct_conn.pdbx_ptnr3_PDB_ins_code 
_struct_conn.details 
_struct_conn.pdbx_dist_value 
_struct_conn.pdbx_value_order 
_struct_conn.pdbx_role 
disulf1 disulf ? ? A CYS 11 SG  ? ? ? 1_555 A CYS 77  SG ? ? A CYS 11  A CYS 77  1_555 ? ? ? ? ? ? ? 2.075 ? ? 
disulf2 disulf ? ? A CYS 27 SG  ? ? ? 1_555 A CYS 124 SG ? ? A CYS 27  A CYS 124 1_555 ? ? ? ? ? ? ? 2.020 ? ? 
disulf3 disulf ? ? A CYS 29 SG  ? ? ? 1_555 A CYS 45  SG ? ? A CYS 29  A CYS 45  1_555 ? ? ? ? ? ? ? 2.031 ? ? 
disulf4 disulf ? ? A CYS 44 SG  ? ? ? 1_555 A CYS 105 SG ? ? A CYS 44  A CYS 105 1_555 ? ? ? ? ? ? ? 2.000 ? ? 
disulf5 disulf ? ? A CYS 51 SG  ? ? ? 1_555 A CYS 98  SG ? ? A CYS 51  A CYS 98  1_555 ? ? ? ? ? ? ? 2.037 ? ? 
disulf6 disulf ? ? A CYS 61 SG  ? ? ? 1_555 A CYS 91  SG ? ? A CYS 61  A CYS 91  1_555 ? ? ? ? ? ? ? 2.027 ? ? 
disulf7 disulf ? ? A CYS 84 SG  ? ? ? 1_555 A CYS 96  SG ? ? A CYS 84  A CYS 96  1_555 ? ? ? ? ? ? ? 2.014 ? ? 
metalc1 metalc ? ? A TYR 28 O   ? ? ? 1_555 B CA  .   CA ? ? A TYR 28  A CA  125 1_555 ? ? ? ? ? ? ? 2.236 ? ? 
metalc2 metalc ? ? A GLY 30 O   ? ? ? 1_555 B CA  .   CA ? ? A GLY 30  A CA  125 1_555 ? ? ? ? ? ? ? 2.304 ? ? 
metalc3 metalc ? ? A GLY 32 O   ? ? ? 1_555 B CA  .   CA ? ? A GLY 32  A CA  125 1_555 ? ? ? ? ? ? ? 2.473 ? ? 
metalc4 metalc ? ? A ASP 49 OD2 ? ? ? 1_555 B CA  .   CA ? ? A ASP 49  A CA  125 1_555 ? ? ? ? ? ? ? 2.431 ? ? 
metalc5 metalc ? ? A ASP 49 OD1 ? ? ? 1_555 B CA  .   CA ? ? A ASP 49  A CA  125 1_555 ? ? ? ? ? ? ? 2.447 ? ? 
metalc6 metalc ? ? B CA  .  CA  ? ? ? 1_555 F HOH .   O  ? ? A CA  125 A HOH 208 1_555 ? ? ? ? ? ? ? 2.258 ? ? 
metalc7 metalc ? ? B CA  .  CA  ? ? ? 1_555 F HOH .   O  ? ? A CA  125 A HOH 215 1_555 ? ? ? ? ? ? ? 2.558 ? ? 
# 
loop_
_struct_conn_type.id 
_struct_conn_type.criteria 
_struct_conn_type.reference 
disulf ? ? 
metalc ? ? 
# 
loop_
_pdbx_struct_conn_angle.id 
_pdbx_struct_conn_angle.ptnr1_label_atom_id 
_pdbx_struct_conn_angle.ptnr1_label_alt_id 
_pdbx_struct_conn_angle.ptnr1_label_asym_id 
_pdbx_struct_conn_angle.ptnr1_label_comp_id 
_pdbx_struct_conn_angle.ptnr1_label_seq_id 
_pdbx_struct_conn_angle.ptnr1_auth_atom_id 
_pdbx_struct_conn_angle.ptnr1_auth_asym_id 
_pdbx_struct_conn_angle.ptnr1_auth_comp_id 
_pdbx_struct_conn_angle.ptnr1_auth_seq_id 
_pdbx_struct_conn_angle.ptnr1_PDB_ins_code 
_pdbx_struct_conn_angle.ptnr1_symmetry 
_pdbx_struct_conn_angle.ptnr2_label_atom_id 
_pdbx_struct_conn_angle.ptnr2_label_alt_id 
_pdbx_struct_conn_angle.ptnr2_label_asym_id 
_pdbx_struct_conn_angle.ptnr2_label_comp_id 
_pdbx_struct_conn_angle.ptnr2_label_seq_id 
_pdbx_struct_conn_angle.ptnr2_auth_atom_id 
_pdbx_struct_conn_angle.ptnr2_auth_asym_id 
_pdbx_struct_conn_angle.ptnr2_auth_comp_id 
_pdbx_struct_conn_angle.ptnr2_auth_seq_id 
_pdbx_struct_conn_angle.ptnr2_PDB_ins_code 
_pdbx_struct_conn_angle.ptnr2_symmetry 
_pdbx_struct_conn_angle.ptnr3_label_atom_id 
_pdbx_struct_conn_angle.ptnr3_label_alt_id 
_pdbx_struct_conn_angle.ptnr3_label_asym_id 
_pdbx_struct_conn_angle.ptnr3_label_comp_id 
_pdbx_struct_conn_angle.ptnr3_label_seq_id 
_pdbx_struct_conn_angle.ptnr3_auth_atom_id 
_pdbx_struct_conn_angle.ptnr3_auth_asym_id 
_pdbx_struct_conn_angle.ptnr3_auth_comp_id 
_pdbx_struct_conn_angle.ptnr3_auth_seq_id 
_pdbx_struct_conn_angle.ptnr3_PDB_ins_code 
_pdbx_struct_conn_angle.ptnr3_symmetry 
_pdbx_struct_conn_angle.value 
_pdbx_struct_conn_angle.value_esd 
1  O   ? A TYR 28 ? A TYR 28  ? 1_555 CA ? B CA . ? A CA 125 ? 1_555 O   ? A GLY 30 ? A GLY 30  ? 1_555 94.2  ? 
2  O   ? A TYR 28 ? A TYR 28  ? 1_555 CA ? B CA . ? A CA 125 ? 1_555 O   ? A GLY 32 ? A GLY 32  ? 1_555 93.8  ? 
3  O   ? A GLY 30 ? A GLY 30  ? 1_555 CA ? B CA . ? A CA 125 ? 1_555 O   ? A GLY 32 ? A GLY 32  ? 1_555 83.9  ? 
4  O   ? A TYR 28 ? A TYR 28  ? 1_555 CA ? B CA . ? A CA 125 ? 1_555 OD2 ? A ASP 49 ? A ASP 49  ? 1_555 98.3  ? 
5  O   ? A GLY 30 ? A GLY 30  ? 1_555 CA ? B CA . ? A CA 125 ? 1_555 OD2 ? A ASP 49 ? A ASP 49  ? 1_555 155.2 ? 
6  O   ? A GLY 32 ? A GLY 32  ? 1_555 CA ? B CA . ? A CA 125 ? 1_555 OD2 ? A ASP 49 ? A ASP 49  ? 1_555 74.0  ? 
7  O   ? A TYR 28 ? A TYR 28  ? 1_555 CA ? B CA . ? A CA 125 ? 1_555 OD1 ? A ASP 49 ? A ASP 49  ? 1_555 102.7 ? 
8  O   ? A GLY 30 ? A GLY 30  ? 1_555 CA ? B CA . ? A CA 125 ? 1_555 OD1 ? A ASP 49 ? A ASP 49  ? 1_555 142.3 ? 
9  O   ? A GLY 32 ? A GLY 32  ? 1_555 CA ? B CA . ? A CA 125 ? 1_555 OD1 ? A ASP 49 ? A ASP 49  ? 1_555 127.3 ? 
10 OD2 ? A ASP 49 ? A ASP 49  ? 1_555 CA ? B CA . ? A CA 125 ? 1_555 OD1 ? A ASP 49 ? A ASP 49  ? 1_555 54.4  ? 
11 O   ? A TYR 28 ? A TYR 28  ? 1_555 CA ? B CA . ? A CA 125 ? 1_555 O   ? F HOH .  ? A HOH 208 ? 1_555 174.8 ? 
12 O   ? A GLY 30 ? A GLY 30  ? 1_555 CA ? B CA . ? A CA 125 ? 1_555 O   ? F HOH .  ? A HOH 208 ? 1_555 84.2  ? 
13 O   ? A GLY 32 ? A GLY 32  ? 1_555 CA ? B CA . ? A CA 125 ? 1_555 O   ? F HOH .  ? A HOH 208 ? 1_555 91.0  ? 
14 OD2 ? A ASP 49 ? A ASP 49  ? 1_555 CA ? B CA . ? A CA 125 ? 1_555 O   ? F HOH .  ? A HOH 208 ? 1_555 85.0  ? 
15 OD1 ? A ASP 49 ? A ASP 49  ? 1_555 CA ? B CA . ? A CA 125 ? 1_555 O   ? F HOH .  ? A HOH 208 ? 1_555 75.9  ? 
16 O   ? A TYR 28 ? A TYR 28  ? 1_555 CA ? B CA . ? A CA 125 ? 1_555 O   ? F HOH .  ? A HOH 215 ? 1_555 74.0  ? 
17 O   ? A GLY 30 ? A GLY 30  ? 1_555 CA ? B CA . ? A CA 125 ? 1_555 O   ? F HOH .  ? A HOH 215 ? 1_555 75.8  ? 
18 O   ? A GLY 32 ? A GLY 32  ? 1_555 CA ? B CA . ? A CA 125 ? 1_555 O   ? F HOH .  ? A HOH 215 ? 1_555 155.3 ? 
19 OD2 ? A ASP 49 ? A ASP 49  ? 1_555 CA ? B CA . ? A CA 125 ? 1_555 O   ? F HOH .  ? A HOH 215 ? 1_555 128.2 ? 
20 OD1 ? A ASP 49 ? A ASP 49  ? 1_555 CA ? B CA . ? A CA 125 ? 1_555 O   ? F HOH .  ? A HOH 215 ? 1_555 77.0  ? 
21 O   ? F HOH .  ? A HOH 208 ? 1_555 CA ? B CA . ? A CA 125 ? 1_555 O   ? F HOH .  ? A HOH 215 ? 1_555 100.8 ? 
# 
loop_
_pdbx_modification_feature.ordinal 
_pdbx_modification_feature.label_comp_id 
_pdbx_modification_feature.label_asym_id 
_pdbx_modification_feature.label_seq_id 
_pdbx_modification_feature.label_alt_id 
_pdbx_modification_feature.modified_residue_label_comp_id 
_pdbx_modification_feature.modified_residue_label_asym_id 
_pdbx_modification_feature.modified_residue_label_seq_id 
_pdbx_modification_feature.modified_residue_label_alt_id 
_pdbx_modification_feature.auth_comp_id 
_pdbx_modification_feature.auth_asym_id 
_pdbx_modification_feature.auth_seq_id 
_pdbx_modification_feature.PDB_ins_code 
_pdbx_modification_feature.symmetry 
_pdbx_modification_feature.modified_residue_auth_comp_id 
_pdbx_modification_feature.modified_residue_auth_asym_id 
_pdbx_modification_feature.modified_residue_auth_seq_id 
_pdbx_modification_feature.modified_residue_PDB_ins_code 
_pdbx_modification_feature.modified_residue_symmetry 
_pdbx_modification_feature.comp_id_linking_atom 
_pdbx_modification_feature.modified_residue_id_linking_atom 
_pdbx_modification_feature.modified_residue_id 
_pdbx_modification_feature.ref_pcm_id 
_pdbx_modification_feature.ref_comp_id 
_pdbx_modification_feature.type 
_pdbx_modification_feature.category 
1 CYS A 11 ? CYS A 77  ? CYS A 11 ? 1_555 CYS A 77  ? 1_555 SG SG . . . None 'Disulfide bridge' 
2 CYS A 27 ? CYS A 124 ? CYS A 27 ? 1_555 CYS A 124 ? 1_555 SG SG . . . None 'Disulfide bridge' 
3 CYS A 29 ? CYS A 45  ? CYS A 29 ? 1_555 CYS A 45  ? 1_555 SG SG . . . None 'Disulfide bridge' 
4 CYS A 44 ? CYS A 105 ? CYS A 44 ? 1_555 CYS A 105 ? 1_555 SG SG . . . None 'Disulfide bridge' 
5 CYS A 51 ? CYS A 98  ? CYS A 51 ? 1_555 CYS A 98  ? 1_555 SG SG . . . None 'Disulfide bridge' 
6 CYS A 61 ? CYS A 91  ? CYS A 61 ? 1_555 CYS A 91  ? 1_555 SG SG . . . None 'Disulfide bridge' 
7 CYS A 84 ? CYS A 96  ? CYS A 84 ? 1_555 CYS A 96  ? 1_555 SG SG . . . None 'Disulfide bridge' 
# 
_struct_sheet.id               A 
_struct_sheet.type             ? 
_struct_sheet.number_strands   2 
_struct_sheet.details          ? 
# 
_struct_sheet_order.sheet_id     A 
_struct_sheet_order.range_id_1   1 
_struct_sheet_order.range_id_2   2 
_struct_sheet_order.offset       ? 
_struct_sheet_order.sense        anti-parallel 
# 
loop_
_struct_sheet_range.sheet_id 
_struct_sheet_range.id 
_struct_sheet_range.beg_label_comp_id 
_struct_sheet_range.beg_label_asym_id 
_struct_sheet_range.beg_label_seq_id 
_struct_sheet_range.pdbx_beg_PDB_ins_code 
_struct_sheet_range.end_label_comp_id 
_struct_sheet_range.end_label_asym_id 
_struct_sheet_range.end_label_seq_id 
_struct_sheet_range.pdbx_end_PDB_ins_code 
_struct_sheet_range.beg_auth_comp_id 
_struct_sheet_range.beg_auth_asym_id 
_struct_sheet_range.beg_auth_seq_id 
_struct_sheet_range.end_auth_comp_id 
_struct_sheet_range.end_auth_asym_id 
_struct_sheet_range.end_auth_seq_id 
A 1 TYR A 75 ? SER A 78 ? TYR A 75 SER A 78 
A 2 GLU A 81 ? CYS A 84 ? GLU A 81 CYS A 84 
# 
_pdbx_struct_sheet_hbond.sheet_id                A 
_pdbx_struct_sheet_hbond.range_id_1              1 
_pdbx_struct_sheet_hbond.range_id_2              2 
_pdbx_struct_sheet_hbond.range_1_label_atom_id   N 
_pdbx_struct_sheet_hbond.range_1_label_comp_id   SER 
_pdbx_struct_sheet_hbond.range_1_label_asym_id   A 
_pdbx_struct_sheet_hbond.range_1_label_seq_id    78 
_pdbx_struct_sheet_hbond.range_1_PDB_ins_code    ? 
_pdbx_struct_sheet_hbond.range_1_auth_atom_id    N 
_pdbx_struct_sheet_hbond.range_1_auth_comp_id    SER 
_pdbx_struct_sheet_hbond.range_1_auth_asym_id    A 
_pdbx_struct_sheet_hbond.range_1_auth_seq_id     78 
_pdbx_struct_sheet_hbond.range_2_label_atom_id   O 
_pdbx_struct_sheet_hbond.range_2_label_comp_id   GLU 
_pdbx_struct_sheet_hbond.range_2_label_asym_id   A 
_pdbx_struct_sheet_hbond.range_2_label_seq_id    81 
_pdbx_struct_sheet_hbond.range_2_PDB_ins_code    ? 
_pdbx_struct_sheet_hbond.range_2_auth_atom_id    O 
_pdbx_struct_sheet_hbond.range_2_auth_comp_id    GLU 
_pdbx_struct_sheet_hbond.range_2_auth_asym_id    A 
_pdbx_struct_sheet_hbond.range_2_auth_seq_id     81 
# 
loop_
_struct_site.id 
_struct_site.pdbx_evidence_code 
_struct_site.pdbx_auth_asym_id 
_struct_site.pdbx_auth_comp_id 
_struct_site.pdbx_auth_seq_id 
_struct_site.pdbx_auth_ins_code 
_struct_site.pdbx_num_residues 
_struct_site.details 
AC1 Software A CA  125 ? 6  'BINDING SITE FOR RESIDUE CA A 125'  
AC2 Software A CL  126 ? 6  'BINDING SITE FOR RESIDUE CL A 126'  
AC3 Software A CL  127 ? 6  'BINDING SITE FOR RESIDUE CL A 127'  
AC4 Software A DBW 128 ? 12 'BINDING SITE FOR RESIDUE DBW A 128' 
# 
loop_
_struct_site_gen.id 
_struct_site_gen.site_id 
_struct_site_gen.pdbx_num_res 
_struct_site_gen.label_comp_id 
_struct_site_gen.label_asym_id 
_struct_site_gen.label_seq_id 
_struct_site_gen.pdbx_auth_ins_code 
_struct_site_gen.auth_comp_id 
_struct_site_gen.auth_asym_id 
_struct_site_gen.auth_seq_id 
_struct_site_gen.label_atom_id 
_struct_site_gen.label_alt_id 
_struct_site_gen.symmetry 
_struct_site_gen.details 
1  AC1 6  TYR A 28  ? TYR A 28  . ? 1_555 ? 
2  AC1 6  GLY A 30  ? GLY A 30  . ? 1_555 ? 
3  AC1 6  GLY A 32  ? GLY A 32  . ? 1_555 ? 
4  AC1 6  ASP A 49  ? ASP A 49  . ? 1_555 ? 
5  AC1 6  HOH F .   ? HOH A 208 . ? 1_555 ? 
6  AC1 6  HOH F .   ? HOH A 215 . ? 1_555 ? 
7  AC2 6  SER A 34  ? SER A 34  . ? 1_555 ? 
8  AC2 6  ASN A 88  ? ASN A 88  . ? 6_455 ? 
9  AC2 6  ASN A 89  ? ASN A 89  . ? 6_455 ? 
10 AC2 6  ALA A 90  ? ALA A 90  . ? 6_455 ? 
11 AC2 6  CYS A 124 ? CYS A 124 . ? 1_555 ? 
12 AC2 6  HOH F .   ? HOH A 186 . ? 6_455 ? 
13 AC3 6  GLU A 71  ? GLU A 71  . ? 5_555 ? 
14 AC3 6  GLU A 71  ? GLU A 71  . ? 1_555 ? 
15 AC3 6  SER A 72  ? SER A 72  . ? 1_555 ? 
16 AC3 6  SER A 72  ? SER A 72  . ? 5_555 ? 
17 AC3 6  GLU A 92  ? GLU A 92  . ? 5_555 ? 
18 AC3 6  GLU A 92  ? GLU A 92  . ? 1_555 ? 
19 AC4 12 ASN A 23  ? ASN A 23  . ? 1_555 ? 
20 AC4 12 GLY A 30  ? GLY A 30  . ? 1_555 ? 
21 AC4 12 LEU A 31  ? LEU A 31  . ? 1_555 ? 
22 AC4 12 VAL A 38  ? VAL A 38  . ? 2_565 ? 
23 AC4 12 ASP A 39  ? ASP A 39  . ? 2_565 ? 
24 AC4 12 ASN A 67  ? ASN A 67  . ? 1_555 ? 
25 AC4 12 TYR A 69  ? TYR A 69  . ? 1_555 ? 
26 AC4 12 HOH F .   ? HOH A 213 . ? 1_555 ? 
27 AC4 12 HOH F .   ? HOH A 214 . ? 1_555 ? 
28 AC4 12 HOH F .   ? HOH A 215 . ? 1_555 ? 
29 AC4 12 HOH F .   ? HOH A 216 . ? 1_555 ? 
30 AC4 12 HOH F .   ? HOH A 222 . ? 2_565 ? 
# 
_pdbx_entry_details.entry_id                   3L30 
_pdbx_entry_details.compound_details           ? 
_pdbx_entry_details.source_details             ? 
_pdbx_entry_details.nonpolymer_details         ? 
_pdbx_entry_details.sequence_details           ? 
_pdbx_entry_details.has_ligand_of_interest     ? 
_pdbx_entry_details.has_protein_modification   Y 
# 
loop_
_pdbx_validate_close_contact.id 
_pdbx_validate_close_contact.PDB_model_num 
_pdbx_validate_close_contact.auth_atom_id_1 
_pdbx_validate_close_contact.auth_asym_id_1 
_pdbx_validate_close_contact.auth_comp_id_1 
_pdbx_validate_close_contact.auth_seq_id_1 
_pdbx_validate_close_contact.PDB_ins_code_1 
_pdbx_validate_close_contact.label_alt_id_1 
_pdbx_validate_close_contact.auth_atom_id_2 
_pdbx_validate_close_contact.auth_asym_id_2 
_pdbx_validate_close_contact.auth_comp_id_2 
_pdbx_validate_close_contact.auth_seq_id_2 
_pdbx_validate_close_contact.PDB_ins_code_2 
_pdbx_validate_close_contact.label_alt_id_2 
_pdbx_validate_close_contact.dist 
1 1 O23 A DBW 128 ? ? O A HOH 214 ? ? 1.70 
2 1 O   A HOH 213 ? ? O A HOH 217 ? ? 1.79 
3 1 NZ  A LYS 116 ? ? O A HOH 180 ? ? 2.12 
4 1 NH2 A ARG 6   ? ? O A HOH 187 ? ? 2.14 
# 
loop_
_pdbx_validate_symm_contact.id 
_pdbx_validate_symm_contact.PDB_model_num 
_pdbx_validate_symm_contact.auth_atom_id_1 
_pdbx_validate_symm_contact.auth_asym_id_1 
_pdbx_validate_symm_contact.auth_comp_id_1 
_pdbx_validate_symm_contact.auth_seq_id_1 
_pdbx_validate_symm_contact.PDB_ins_code_1 
_pdbx_validate_symm_contact.label_alt_id_1 
_pdbx_validate_symm_contact.site_symmetry_1 
_pdbx_validate_symm_contact.auth_atom_id_2 
_pdbx_validate_symm_contact.auth_asym_id_2 
_pdbx_validate_symm_contact.auth_comp_id_2 
_pdbx_validate_symm_contact.auth_seq_id_2 
_pdbx_validate_symm_contact.PDB_ins_code_2 
_pdbx_validate_symm_contact.label_alt_id_2 
_pdbx_validate_symm_contact.site_symmetry_2 
_pdbx_validate_symm_contact.dist 
1 1 C5  A DBW 128 ? ? 1_555 O A HOH 222 ? ? 2_565 2.04 
2 1 C11 A DBW 128 ? ? 1_555 O A HOH 222 ? ? 2_565 2.17 
# 
loop_
_pdbx_validate_torsion.id 
_pdbx_validate_torsion.PDB_model_num 
_pdbx_validate_torsion.auth_comp_id 
_pdbx_validate_torsion.auth_asym_id 
_pdbx_validate_torsion.auth_seq_id 
_pdbx_validate_torsion.PDB_ins_code 
_pdbx_validate_torsion.label_alt_id 
_pdbx_validate_torsion.phi 
_pdbx_validate_torsion.psi 
1 1 VAL A 65 ? ? 43.38 24.43  
2 1 THR A 80 ? ? 87.13 -13.60 
# 
_pdbx_struct_special_symmetry.id              1 
_pdbx_struct_special_symmetry.PDB_model_num   1 
_pdbx_struct_special_symmetry.auth_asym_id    A 
_pdbx_struct_special_symmetry.auth_comp_id    CL 
_pdbx_struct_special_symmetry.auth_seq_id     127 
_pdbx_struct_special_symmetry.PDB_ins_code    ? 
_pdbx_struct_special_symmetry.label_asym_id   D 
_pdbx_struct_special_symmetry.label_comp_id   CL 
_pdbx_struct_special_symmetry.label_seq_id    . 
# 
_pdbx_refine_tls.pdbx_refine_id   'X-RAY DIFFRACTION' 
_pdbx_refine_tls.id               1 
_pdbx_refine_tls.details          ? 
_pdbx_refine_tls.method           refined 
_pdbx_refine_tls.origin_x         0.0891 
_pdbx_refine_tls.origin_y         0.0381 
_pdbx_refine_tls.origin_z         0.2253 
_pdbx_refine_tls.T[1][1]          0.0885 
_pdbx_refine_tls.T[2][2]          0.0235 
_pdbx_refine_tls.T[3][3]          0.0875 
_pdbx_refine_tls.T[1][2]          0.0386 
_pdbx_refine_tls.T[1][3]          0.0406 
_pdbx_refine_tls.T[2][3]          -0.0002 
_pdbx_refine_tls.L[1][1]          0.7595 
_pdbx_refine_tls.L[2][2]          3.9515 
_pdbx_refine_tls.L[3][3]          3.3953 
_pdbx_refine_tls.L[1][2]          0.7589 
_pdbx_refine_tls.L[1][3]          0.8179 
_pdbx_refine_tls.L[2][3]          2.4156 
_pdbx_refine_tls.S[1][1]          0.0340 
_pdbx_refine_tls.S[2][2]          0.1172 
_pdbx_refine_tls.S[3][3]          -0.1513 
_pdbx_refine_tls.S[1][2]          0.0245 
_pdbx_refine_tls.S[1][3]          -0.0215 
_pdbx_refine_tls.S[2][3]          -0.3684 
_pdbx_refine_tls.S[2][1]          -0.0655 
_pdbx_refine_tls.S[3][1]          -0.2133 
_pdbx_refine_tls.S[3][2]          -0.0308 
# 
_pdbx_refine_tls_group.pdbx_refine_id      'X-RAY DIFFRACTION' 
_pdbx_refine_tls_group.id                  1 
_pdbx_refine_tls_group.refine_tls_id       1 
_pdbx_refine_tls_group.beg_auth_asym_id    A 
_pdbx_refine_tls_group.beg_auth_seq_id     1 
_pdbx_refine_tls_group.end_auth_asym_id    A 
_pdbx_refine_tls_group.end_auth_seq_id     124 
_pdbx_refine_tls_group.selection_details   ? 
_pdbx_refine_tls_group.beg_label_asym_id   . 
_pdbx_refine_tls_group.beg_label_seq_id    . 
_pdbx_refine_tls_group.end_label_asym_id   . 
_pdbx_refine_tls_group.end_label_seq_id    . 
_pdbx_refine_tls_group.selection           ? 
# 
loop_
_chem_comp_atom.comp_id 
_chem_comp_atom.atom_id 
_chem_comp_atom.type_symbol 
_chem_comp_atom.pdbx_aromatic_flag 
_chem_comp_atom.pdbx_stereo_config 
_chem_comp_atom.pdbx_ordinal 
ALA N    N  N N 1   
ALA CA   C  N S 2   
ALA C    C  N N 3   
ALA O    O  N N 4   
ALA CB   C  N N 5   
ALA OXT  O  N N 6   
ALA H    H  N N 7   
ALA H2   H  N N 8   
ALA HA   H  N N 9   
ALA HB1  H  N N 10  
ALA HB2  H  N N 11  
ALA HB3  H  N N 12  
ALA HXT  H  N N 13  
ARG N    N  N N 14  
ARG CA   C  N S 15  
ARG C    C  N N 16  
ARG O    O  N N 17  
ARG CB   C  N N 18  
ARG CG   C  N N 19  
ARG CD   C  N N 20  
ARG NE   N  N N 21  
ARG CZ   C  N N 22  
ARG NH1  N  N N 23  
ARG NH2  N  N N 24  
ARG OXT  O  N N 25  
ARG H    H  N N 26  
ARG H2   H  N N 27  
ARG HA   H  N N 28  
ARG HB2  H  N N 29  
ARG HB3  H  N N 30  
ARG HG2  H  N N 31  
ARG HG3  H  N N 32  
ARG HD2  H  N N 33  
ARG HD3  H  N N 34  
ARG HE   H  N N 35  
ARG HH11 H  N N 36  
ARG HH12 H  N N 37  
ARG HH21 H  N N 38  
ARG HH22 H  N N 39  
ARG HXT  H  N N 40  
ASN N    N  N N 41  
ASN CA   C  N S 42  
ASN C    C  N N 43  
ASN O    O  N N 44  
ASN CB   C  N N 45  
ASN CG   C  N N 46  
ASN OD1  O  N N 47  
ASN ND2  N  N N 48  
ASN OXT  O  N N 49  
ASN H    H  N N 50  
ASN H2   H  N N 51  
ASN HA   H  N N 52  
ASN HB2  H  N N 53  
ASN HB3  H  N N 54  
ASN HD21 H  N N 55  
ASN HD22 H  N N 56  
ASN HXT  H  N N 57  
ASP N    N  N N 58  
ASP CA   C  N S 59  
ASP C    C  N N 60  
ASP O    O  N N 61  
ASP CB   C  N N 62  
ASP CG   C  N N 63  
ASP OD1  O  N N 64  
ASP OD2  O  N N 65  
ASP OXT  O  N N 66  
ASP H    H  N N 67  
ASP H2   H  N N 68  
ASP HA   H  N N 69  
ASP HB2  H  N N 70  
ASP HB3  H  N N 71  
ASP HD2  H  N N 72  
ASP HXT  H  N N 73  
CA  CA   CA N N 74  
CL  CL   CL N N 75  
CYS N    N  N N 76  
CYS CA   C  N R 77  
CYS C    C  N N 78  
CYS O    O  N N 79  
CYS CB   C  N N 80  
CYS SG   S  N N 81  
CYS OXT  O  N N 82  
CYS H    H  N N 83  
CYS H2   H  N N 84  
CYS HA   H  N N 85  
CYS HB2  H  N N 86  
CYS HB3  H  N N 87  
CYS HG   H  N N 88  
CYS HXT  H  N N 89  
DBW C1   C  N N 90  
DBW C2   C  N N 91  
DBW N3   N  N N 92  
DBW C4   C  N N 93  
DBW C5   C  N N 94  
DBW C6   C  N N 95  
DBW C7   C  N N 96  
DBW C8   C  N N 97  
DBW C9   C  Y N 98  
DBW C10  C  N N 99  
DBW C11  C  N N 100 
DBW C12  C  N N 101 
DBW C13  C  Y N 102 
DBW C14  C  Y N 103 
DBW C15  C  N N 104 
DBW O16  O  N N 105 
DBW C17  C  Y N 106 
DBW C18  C  Y N 107 
DBW O19  O  N N 108 
DBW C20  C  N N 109 
DBW C21  C  Y N 110 
DBW O22  O  N N 111 
DBW O23  O  N N 112 
DBW H4   H  N N 113 
DBW H6   H  N N 114 
DBW H7   H  N N 115 
DBW H8   H  N N 116 
DBW H10  H  N N 117 
DBW H11  H  N N 118 
DBW H14  H  N N 119 
DBW H18  H  N N 120 
DBW H20  H  N N 121 
DBW H20A H  N N 122 
DBW HO22 H  N N 123 
DBW HO23 H  N N 124 
DBW H10A H  N N 125 
DBW H6A  H  N N 126 
DBW H7A  H  N N 127 
GLN N    N  N N 128 
GLN CA   C  N S 129 
GLN C    C  N N 130 
GLN O    O  N N 131 
GLN CB   C  N N 132 
GLN CG   C  N N 133 
GLN CD   C  N N 134 
GLN OE1  O  N N 135 
GLN NE2  N  N N 136 
GLN OXT  O  N N 137 
GLN H    H  N N 138 
GLN H2   H  N N 139 
GLN HA   H  N N 140 
GLN HB2  H  N N 141 
GLN HB3  H  N N 142 
GLN HG2  H  N N 143 
GLN HG3  H  N N 144 
GLN HE21 H  N N 145 
GLN HE22 H  N N 146 
GLN HXT  H  N N 147 
GLU N    N  N N 148 
GLU CA   C  N S 149 
GLU C    C  N N 150 
GLU O    O  N N 151 
GLU CB   C  N N 152 
GLU CG   C  N N 153 
GLU CD   C  N N 154 
GLU OE1  O  N N 155 
GLU OE2  O  N N 156 
GLU OXT  O  N N 157 
GLU H    H  N N 158 
GLU H2   H  N N 159 
GLU HA   H  N N 160 
GLU HB2  H  N N 161 
GLU HB3  H  N N 162 
GLU HG2  H  N N 163 
GLU HG3  H  N N 164 
GLU HE2  H  N N 165 
GLU HXT  H  N N 166 
GLY N    N  N N 167 
GLY CA   C  N N 168 
GLY C    C  N N 169 
GLY O    O  N N 170 
GLY OXT  O  N N 171 
GLY H    H  N N 172 
GLY H2   H  N N 173 
GLY HA2  H  N N 174 
GLY HA3  H  N N 175 
GLY HXT  H  N N 176 
HIS N    N  N N 177 
HIS CA   C  N S 178 
HIS C    C  N N 179 
HIS O    O  N N 180 
HIS CB   C  N N 181 
HIS CG   C  Y N 182 
HIS ND1  N  Y N 183 
HIS CD2  C  Y N 184 
HIS CE1  C  Y N 185 
HIS NE2  N  Y N 186 
HIS OXT  O  N N 187 
HIS H    H  N N 188 
HIS H2   H  N N 189 
HIS HA   H  N N 190 
HIS HB2  H  N N 191 
HIS HB3  H  N N 192 
HIS HD1  H  N N 193 
HIS HD2  H  N N 194 
HIS HE1  H  N N 195 
HIS HE2  H  N N 196 
HIS HXT  H  N N 197 
HOH O    O  N N 198 
HOH H1   H  N N 199 
HOH H2   H  N N 200 
ILE N    N  N N 201 
ILE CA   C  N S 202 
ILE C    C  N N 203 
ILE O    O  N N 204 
ILE CB   C  N S 205 
ILE CG1  C  N N 206 
ILE CG2  C  N N 207 
ILE CD1  C  N N 208 
ILE OXT  O  N N 209 
ILE H    H  N N 210 
ILE H2   H  N N 211 
ILE HA   H  N N 212 
ILE HB   H  N N 213 
ILE HG12 H  N N 214 
ILE HG13 H  N N 215 
ILE HG21 H  N N 216 
ILE HG22 H  N N 217 
ILE HG23 H  N N 218 
ILE HD11 H  N N 219 
ILE HD12 H  N N 220 
ILE HD13 H  N N 221 
ILE HXT  H  N N 222 
LEU N    N  N N 223 
LEU CA   C  N S 224 
LEU C    C  N N 225 
LEU O    O  N N 226 
LEU CB   C  N N 227 
LEU CG   C  N N 228 
LEU CD1  C  N N 229 
LEU CD2  C  N N 230 
LEU OXT  O  N N 231 
LEU H    H  N N 232 
LEU H2   H  N N 233 
LEU HA   H  N N 234 
LEU HB2  H  N N 235 
LEU HB3  H  N N 236 
LEU HG   H  N N 237 
LEU HD11 H  N N 238 
LEU HD12 H  N N 239 
LEU HD13 H  N N 240 
LEU HD21 H  N N 241 
LEU HD22 H  N N 242 
LEU HD23 H  N N 243 
LEU HXT  H  N N 244 
LYS N    N  N N 245 
LYS CA   C  N S 246 
LYS C    C  N N 247 
LYS O    O  N N 248 
LYS CB   C  N N 249 
LYS CG   C  N N 250 
LYS CD   C  N N 251 
LYS CE   C  N N 252 
LYS NZ   N  N N 253 
LYS OXT  O  N N 254 
LYS H    H  N N 255 
LYS H2   H  N N 256 
LYS HA   H  N N 257 
LYS HB2  H  N N 258 
LYS HB3  H  N N 259 
LYS HG2  H  N N 260 
LYS HG3  H  N N 261 
LYS HD2  H  N N 262 
LYS HD3  H  N N 263 
LYS HE2  H  N N 264 
LYS HE3  H  N N 265 
LYS HZ1  H  N N 266 
LYS HZ2  H  N N 267 
LYS HZ3  H  N N 268 
LYS HXT  H  N N 269 
MET N    N  N N 270 
MET CA   C  N S 271 
MET C    C  N N 272 
MET O    O  N N 273 
MET CB   C  N N 274 
MET CG   C  N N 275 
MET SD   S  N N 276 
MET CE   C  N N 277 
MET OXT  O  N N 278 
MET H    H  N N 279 
MET H2   H  N N 280 
MET HA   H  N N 281 
MET HB2  H  N N 282 
MET HB3  H  N N 283 
MET HG2  H  N N 284 
MET HG3  H  N N 285 
MET HE1  H  N N 286 
MET HE2  H  N N 287 
MET HE3  H  N N 288 
MET HXT  H  N N 289 
PHE N    N  N N 290 
PHE CA   C  N S 291 
PHE C    C  N N 292 
PHE O    O  N N 293 
PHE CB   C  N N 294 
PHE CG   C  Y N 295 
PHE CD1  C  Y N 296 
PHE CD2  C  Y N 297 
PHE CE1  C  Y N 298 
PHE CE2  C  Y N 299 
PHE CZ   C  Y N 300 
PHE OXT  O  N N 301 
PHE H    H  N N 302 
PHE H2   H  N N 303 
PHE HA   H  N N 304 
PHE HB2  H  N N 305 
PHE HB3  H  N N 306 
PHE HD1  H  N N 307 
PHE HD2  H  N N 308 
PHE HE1  H  N N 309 
PHE HE2  H  N N 310 
PHE HZ   H  N N 311 
PHE HXT  H  N N 312 
PRO N    N  N N 313 
PRO CA   C  N S 314 
PRO C    C  N N 315 
PRO O    O  N N 316 
PRO CB   C  N N 317 
PRO CG   C  N N 318 
PRO CD   C  N N 319 
PRO OXT  O  N N 320 
PRO H    H  N N 321 
PRO HA   H  N N 322 
PRO HB2  H  N N 323 
PRO HB3  H  N N 324 
PRO HG2  H  N N 325 
PRO HG3  H  N N 326 
PRO HD2  H  N N 327 
PRO HD3  H  N N 328 
PRO HXT  H  N N 329 
SER N    N  N N 330 
SER CA   C  N S 331 
SER C    C  N N 332 
SER O    O  N N 333 
SER CB   C  N N 334 
SER OG   O  N N 335 
SER OXT  O  N N 336 
SER H    H  N N 337 
SER H2   H  N N 338 
SER HA   H  N N 339 
SER HB2  H  N N 340 
SER HB3  H  N N 341 
SER HG   H  N N 342 
SER HXT  H  N N 343 
THR N    N  N N 344 
THR CA   C  N S 345 
THR C    C  N N 346 
THR O    O  N N 347 
THR CB   C  N R 348 
THR OG1  O  N N 349 
THR CG2  C  N N 350 
THR OXT  O  N N 351 
THR H    H  N N 352 
THR H2   H  N N 353 
THR HA   H  N N 354 
THR HB   H  N N 355 
THR HG1  H  N N 356 
THR HG21 H  N N 357 
THR HG22 H  N N 358 
THR HG23 H  N N 359 
THR HXT  H  N N 360 
TRP N    N  N N 361 
TRP CA   C  N S 362 
TRP C    C  N N 363 
TRP O    O  N N 364 
TRP CB   C  N N 365 
TRP CG   C  Y N 366 
TRP CD1  C  Y N 367 
TRP CD2  C  Y N 368 
TRP NE1  N  Y N 369 
TRP CE2  C  Y N 370 
TRP CE3  C  Y N 371 
TRP CZ2  C  Y N 372 
TRP CZ3  C  Y N 373 
TRP CH2  C  Y N 374 
TRP OXT  O  N N 375 
TRP H    H  N N 376 
TRP H2   H  N N 377 
TRP HA   H  N N 378 
TRP HB2  H  N N 379 
TRP HB3  H  N N 380 
TRP HD1  H  N N 381 
TRP HE1  H  N N 382 
TRP HE3  H  N N 383 
TRP HZ2  H  N N 384 
TRP HZ3  H  N N 385 
TRP HH2  H  N N 386 
TRP HXT  H  N N 387 
TYR N    N  N N 388 
TYR CA   C  N S 389 
TYR C    C  N N 390 
TYR O    O  N N 391 
TYR CB   C  N N 392 
TYR CG   C  Y N 393 
TYR CD1  C  Y N 394 
TYR CD2  C  Y N 395 
TYR CE1  C  Y N 396 
TYR CE2  C  Y N 397 
TYR CZ   C  Y N 398 
TYR OH   O  N N 399 
TYR OXT  O  N N 400 
TYR H    H  N N 401 
TYR H2   H  N N 402 
TYR HA   H  N N 403 
TYR HB2  H  N N 404 
TYR HB3  H  N N 405 
TYR HD1  H  N N 406 
TYR HD2  H  N N 407 
TYR HE1  H  N N 408 
TYR HE2  H  N N 409 
TYR HH   H  N N 410 
TYR HXT  H  N N 411 
VAL N    N  N N 412 
VAL CA   C  N S 413 
VAL C    C  N N 414 
VAL O    O  N N 415 
VAL CB   C  N N 416 
VAL CG1  C  N N 417 
VAL CG2  C  N N 418 
VAL OXT  O  N N 419 
VAL H    H  N N 420 
VAL H2   H  N N 421 
VAL HA   H  N N 422 
VAL HB   H  N N 423 
VAL HG11 H  N N 424 
VAL HG12 H  N N 425 
VAL HG13 H  N N 426 
VAL HG21 H  N N 427 
VAL HG22 H  N N 428 
VAL HG23 H  N N 429 
VAL HXT  H  N N 430 
# 
loop_
_chem_comp_bond.comp_id 
_chem_comp_bond.atom_id_1 
_chem_comp_bond.atom_id_2 
_chem_comp_bond.value_order 
_chem_comp_bond.pdbx_aromatic_flag 
_chem_comp_bond.pdbx_stereo_config 
_chem_comp_bond.pdbx_ordinal 
ALA N   CA   sing N N 1   
ALA N   H    sing N N 2   
ALA N   H2   sing N N 3   
ALA CA  C    sing N N 4   
ALA CA  CB   sing N N 5   
ALA CA  HA   sing N N 6   
ALA C   O    doub N N 7   
ALA C   OXT  sing N N 8   
ALA CB  HB1  sing N N 9   
ALA CB  HB2  sing N N 10  
ALA CB  HB3  sing N N 11  
ALA OXT HXT  sing N N 12  
ARG N   CA   sing N N 13  
ARG N   H    sing N N 14  
ARG N   H2   sing N N 15  
ARG CA  C    sing N N 16  
ARG CA  CB   sing N N 17  
ARG CA  HA   sing N N 18  
ARG C   O    doub N N 19  
ARG C   OXT  sing N N 20  
ARG CB  CG   sing N N 21  
ARG CB  HB2  sing N N 22  
ARG CB  HB3  sing N N 23  
ARG CG  CD   sing N N 24  
ARG CG  HG2  sing N N 25  
ARG CG  HG3  sing N N 26  
ARG CD  NE   sing N N 27  
ARG CD  HD2  sing N N 28  
ARG CD  HD3  sing N N 29  
ARG NE  CZ   sing N N 30  
ARG NE  HE   sing N N 31  
ARG CZ  NH1  sing N N 32  
ARG CZ  NH2  doub N N 33  
ARG NH1 HH11 sing N N 34  
ARG NH1 HH12 sing N N 35  
ARG NH2 HH21 sing N N 36  
ARG NH2 HH22 sing N N 37  
ARG OXT HXT  sing N N 38  
ASN N   CA   sing N N 39  
ASN N   H    sing N N 40  
ASN N   H2   sing N N 41  
ASN CA  C    sing N N 42  
ASN CA  CB   sing N N 43  
ASN CA  HA   sing N N 44  
ASN C   O    doub N N 45  
ASN C   OXT  sing N N 46  
ASN CB  CG   sing N N 47  
ASN CB  HB2  sing N N 48  
ASN CB  HB3  sing N N 49  
ASN CG  OD1  doub N N 50  
ASN CG  ND2  sing N N 51  
ASN ND2 HD21 sing N N 52  
ASN ND2 HD22 sing N N 53  
ASN OXT HXT  sing N N 54  
ASP N   CA   sing N N 55  
ASP N   H    sing N N 56  
ASP N   H2   sing N N 57  
ASP CA  C    sing N N 58  
ASP CA  CB   sing N N 59  
ASP CA  HA   sing N N 60  
ASP C   O    doub N N 61  
ASP C   OXT  sing N N 62  
ASP CB  CG   sing N N 63  
ASP CB  HB2  sing N N 64  
ASP CB  HB3  sing N N 65  
ASP CG  OD1  doub N N 66  
ASP CG  OD2  sing N N 67  
ASP OD2 HD2  sing N N 68  
ASP OXT HXT  sing N N 69  
CYS N   CA   sing N N 70  
CYS N   H    sing N N 71  
CYS N   H2   sing N N 72  
CYS CA  C    sing N N 73  
CYS CA  CB   sing N N 74  
CYS CA  HA   sing N N 75  
CYS C   O    doub N N 76  
CYS C   OXT  sing N N 77  
CYS CB  SG   sing N N 78  
CYS CB  HB2  sing N N 79  
CYS CB  HB3  sing N N 80  
CYS SG  HG   sing N N 81  
CYS OXT HXT  sing N N 82  
DBW C1  C2   sing N N 83  
DBW C1  N3   sing N N 84  
DBW C1  C4   doub N N 85  
DBW C2  C5   doub N N 86  
DBW C2  C6   sing N N 87  
DBW N3  C7   sing N N 88  
DBW N3  C8   sing N N 89  
DBW C4  C9   sing N N 90  
DBW C5  C10  sing N N 91  
DBW C5  C11  sing N N 92  
DBW C6  C12  sing N N 93  
DBW C7  C13  sing N N 94  
DBW C8  C11  doub N N 95  
DBW C9  C13  doub Y N 96  
DBW C9  C14  sing Y N 97  
DBW C10 C15  sing N N 98  
DBW C12 C15  doub N N 99  
DBW C12 O16  sing N N 100 
DBW C13 C17  sing Y N 101 
DBW C14 C18  doub Y N 102 
DBW C15 O19  sing N N 103 
DBW O16 C20  sing N N 104 
DBW C17 C21  doub Y N 105 
DBW C17 O22  sing N N 106 
DBW C18 C21  sing Y N 107 
DBW O19 C20  sing N N 108 
DBW C21 O23  sing N N 109 
DBW C4  H4   sing N N 110 
DBW C6  H6   sing N N 111 
DBW C7  H7   sing N N 112 
DBW C8  H8   sing N N 113 
DBW C10 H10  sing N N 114 
DBW C11 H11  sing N N 115 
DBW C14 H14  sing N N 116 
DBW C18 H18  sing N N 117 
DBW C20 H20  sing N N 118 
DBW C20 H20A sing N N 119 
DBW O22 HO22 sing N N 120 
DBW O23 HO23 sing N N 121 
DBW C10 H10A sing N N 122 
DBW C6  H6A  sing N N 123 
DBW C7  H7A  sing N N 124 
GLN N   CA   sing N N 125 
GLN N   H    sing N N 126 
GLN N   H2   sing N N 127 
GLN CA  C    sing N N 128 
GLN CA  CB   sing N N 129 
GLN CA  HA   sing N N 130 
GLN C   O    doub N N 131 
GLN C   OXT  sing N N 132 
GLN CB  CG   sing N N 133 
GLN CB  HB2  sing N N 134 
GLN CB  HB3  sing N N 135 
GLN CG  CD   sing N N 136 
GLN CG  HG2  sing N N 137 
GLN CG  HG3  sing N N 138 
GLN CD  OE1  doub N N 139 
GLN CD  NE2  sing N N 140 
GLN NE2 HE21 sing N N 141 
GLN NE2 HE22 sing N N 142 
GLN OXT HXT  sing N N 143 
GLU N   CA   sing N N 144 
GLU N   H    sing N N 145 
GLU N   H2   sing N N 146 
GLU CA  C    sing N N 147 
GLU CA  CB   sing N N 148 
GLU CA  HA   sing N N 149 
GLU C   O    doub N N 150 
GLU C   OXT  sing N N 151 
GLU CB  CG   sing N N 152 
GLU CB  HB2  sing N N 153 
GLU CB  HB3  sing N N 154 
GLU CG  CD   sing N N 155 
GLU CG  HG2  sing N N 156 
GLU CG  HG3  sing N N 157 
GLU CD  OE1  doub N N 158 
GLU CD  OE2  sing N N 159 
GLU OE2 HE2  sing N N 160 
GLU OXT HXT  sing N N 161 
GLY N   CA   sing N N 162 
GLY N   H    sing N N 163 
GLY N   H2   sing N N 164 
GLY CA  C    sing N N 165 
GLY CA  HA2  sing N N 166 
GLY CA  HA3  sing N N 167 
GLY C   O    doub N N 168 
GLY C   OXT  sing N N 169 
GLY OXT HXT  sing N N 170 
HIS N   CA   sing N N 171 
HIS N   H    sing N N 172 
HIS N   H2   sing N N 173 
HIS CA  C    sing N N 174 
HIS CA  CB   sing N N 175 
HIS CA  HA   sing N N 176 
HIS C   O    doub N N 177 
HIS C   OXT  sing N N 178 
HIS CB  CG   sing N N 179 
HIS CB  HB2  sing N N 180 
HIS CB  HB3  sing N N 181 
HIS CG  ND1  sing Y N 182 
HIS CG  CD2  doub Y N 183 
HIS ND1 CE1  doub Y N 184 
HIS ND1 HD1  sing N N 185 
HIS CD2 NE2  sing Y N 186 
HIS CD2 HD2  sing N N 187 
HIS CE1 NE2  sing Y N 188 
HIS CE1 HE1  sing N N 189 
HIS NE2 HE2  sing N N 190 
HIS OXT HXT  sing N N 191 
HOH O   H1   sing N N 192 
HOH O   H2   sing N N 193 
ILE N   CA   sing N N 194 
ILE N   H    sing N N 195 
ILE N   H2   sing N N 196 
ILE CA  C    sing N N 197 
ILE CA  CB   sing N N 198 
ILE CA  HA   sing N N 199 
ILE C   O    doub N N 200 
ILE C   OXT  sing N N 201 
ILE CB  CG1  sing N N 202 
ILE CB  CG2  sing N N 203 
ILE CB  HB   sing N N 204 
ILE CG1 CD1  sing N N 205 
ILE CG1 HG12 sing N N 206 
ILE CG1 HG13 sing N N 207 
ILE CG2 HG21 sing N N 208 
ILE CG2 HG22 sing N N 209 
ILE CG2 HG23 sing N N 210 
ILE CD1 HD11 sing N N 211 
ILE CD1 HD12 sing N N 212 
ILE CD1 HD13 sing N N 213 
ILE OXT HXT  sing N N 214 
LEU N   CA   sing N N 215 
LEU N   H    sing N N 216 
LEU N   H2   sing N N 217 
LEU CA  C    sing N N 218 
LEU CA  CB   sing N N 219 
LEU CA  HA   sing N N 220 
LEU C   O    doub N N 221 
LEU C   OXT  sing N N 222 
LEU CB  CG   sing N N 223 
LEU CB  HB2  sing N N 224 
LEU CB  HB3  sing N N 225 
LEU CG  CD1  sing N N 226 
LEU CG  CD2  sing N N 227 
LEU CG  HG   sing N N 228 
LEU CD1 HD11 sing N N 229 
LEU CD1 HD12 sing N N 230 
LEU CD1 HD13 sing N N 231 
LEU CD2 HD21 sing N N 232 
LEU CD2 HD22 sing N N 233 
LEU CD2 HD23 sing N N 234 
LEU OXT HXT  sing N N 235 
LYS N   CA   sing N N 236 
LYS N   H    sing N N 237 
LYS N   H2   sing N N 238 
LYS CA  C    sing N N 239 
LYS CA  CB   sing N N 240 
LYS CA  HA   sing N N 241 
LYS C   O    doub N N 242 
LYS C   OXT  sing N N 243 
LYS CB  CG   sing N N 244 
LYS CB  HB2  sing N N 245 
LYS CB  HB3  sing N N 246 
LYS CG  CD   sing N N 247 
LYS CG  HG2  sing N N 248 
LYS CG  HG3  sing N N 249 
LYS CD  CE   sing N N 250 
LYS CD  HD2  sing N N 251 
LYS CD  HD3  sing N N 252 
LYS CE  NZ   sing N N 253 
LYS CE  HE2  sing N N 254 
LYS CE  HE3  sing N N 255 
LYS NZ  HZ1  sing N N 256 
LYS NZ  HZ2  sing N N 257 
LYS NZ  HZ3  sing N N 258 
LYS OXT HXT  sing N N 259 
MET N   CA   sing N N 260 
MET N   H    sing N N 261 
MET N   H2   sing N N 262 
MET CA  C    sing N N 263 
MET CA  CB   sing N N 264 
MET CA  HA   sing N N 265 
MET C   O    doub N N 266 
MET C   OXT  sing N N 267 
MET CB  CG   sing N N 268 
MET CB  HB2  sing N N 269 
MET CB  HB3  sing N N 270 
MET CG  SD   sing N N 271 
MET CG  HG2  sing N N 272 
MET CG  HG3  sing N N 273 
MET SD  CE   sing N N 274 
MET CE  HE1  sing N N 275 
MET CE  HE2  sing N N 276 
MET CE  HE3  sing N N 277 
MET OXT HXT  sing N N 278 
PHE N   CA   sing N N 279 
PHE N   H    sing N N 280 
PHE N   H2   sing N N 281 
PHE CA  C    sing N N 282 
PHE CA  CB   sing N N 283 
PHE CA  HA   sing N N 284 
PHE C   O    doub N N 285 
PHE C   OXT  sing N N 286 
PHE CB  CG   sing N N 287 
PHE CB  HB2  sing N N 288 
PHE CB  HB3  sing N N 289 
PHE CG  CD1  doub Y N 290 
PHE CG  CD2  sing Y N 291 
PHE CD1 CE1  sing Y N 292 
PHE CD1 HD1  sing N N 293 
PHE CD2 CE2  doub Y N 294 
PHE CD2 HD2  sing N N 295 
PHE CE1 CZ   doub Y N 296 
PHE CE1 HE1  sing N N 297 
PHE CE2 CZ   sing Y N 298 
PHE CE2 HE2  sing N N 299 
PHE CZ  HZ   sing N N 300 
PHE OXT HXT  sing N N 301 
PRO N   CA   sing N N 302 
PRO N   CD   sing N N 303 
PRO N   H    sing N N 304 
PRO CA  C    sing N N 305 
PRO CA  CB   sing N N 306 
PRO CA  HA   sing N N 307 
PRO C   O    doub N N 308 
PRO C   OXT  sing N N 309 
PRO CB  CG   sing N N 310 
PRO CB  HB2  sing N N 311 
PRO CB  HB3  sing N N 312 
PRO CG  CD   sing N N 313 
PRO CG  HG2  sing N N 314 
PRO CG  HG3  sing N N 315 
PRO CD  HD2  sing N N 316 
PRO CD  HD3  sing N N 317 
PRO OXT HXT  sing N N 318 
SER N   CA   sing N N 319 
SER N   H    sing N N 320 
SER N   H2   sing N N 321 
SER CA  C    sing N N 322 
SER CA  CB   sing N N 323 
SER CA  HA   sing N N 324 
SER C   O    doub N N 325 
SER C   OXT  sing N N 326 
SER CB  OG   sing N N 327 
SER CB  HB2  sing N N 328 
SER CB  HB3  sing N N 329 
SER OG  HG   sing N N 330 
SER OXT HXT  sing N N 331 
THR N   CA   sing N N 332 
THR N   H    sing N N 333 
THR N   H2   sing N N 334 
THR CA  C    sing N N 335 
THR CA  CB   sing N N 336 
THR CA  HA   sing N N 337 
THR C   O    doub N N 338 
THR C   OXT  sing N N 339 
THR CB  OG1  sing N N 340 
THR CB  CG2  sing N N 341 
THR CB  HB   sing N N 342 
THR OG1 HG1  sing N N 343 
THR CG2 HG21 sing N N 344 
THR CG2 HG22 sing N N 345 
THR CG2 HG23 sing N N 346 
THR OXT HXT  sing N N 347 
TRP N   CA   sing N N 348 
TRP N   H    sing N N 349 
TRP N   H2   sing N N 350 
TRP CA  C    sing N N 351 
TRP CA  CB   sing N N 352 
TRP CA  HA   sing N N 353 
TRP C   O    doub N N 354 
TRP C   OXT  sing N N 355 
TRP CB  CG   sing N N 356 
TRP CB  HB2  sing N N 357 
TRP CB  HB3  sing N N 358 
TRP CG  CD1  doub Y N 359 
TRP CG  CD2  sing Y N 360 
TRP CD1 NE1  sing Y N 361 
TRP CD1 HD1  sing N N 362 
TRP CD2 CE2  doub Y N 363 
TRP CD2 CE3  sing Y N 364 
TRP NE1 CE2  sing Y N 365 
TRP NE1 HE1  sing N N 366 
TRP CE2 CZ2  sing Y N 367 
TRP CE3 CZ3  doub Y N 368 
TRP CE3 HE3  sing N N 369 
TRP CZ2 CH2  doub Y N 370 
TRP CZ2 HZ2  sing N N 371 
TRP CZ3 CH2  sing Y N 372 
TRP CZ3 HZ3  sing N N 373 
TRP CH2 HH2  sing N N 374 
TRP OXT HXT  sing N N 375 
TYR N   CA   sing N N 376 
TYR N   H    sing N N 377 
TYR N   H2   sing N N 378 
TYR CA  C    sing N N 379 
TYR CA  CB   sing N N 380 
TYR CA  HA   sing N N 381 
TYR C   O    doub N N 382 
TYR C   OXT  sing N N 383 
TYR CB  CG   sing N N 384 
TYR CB  HB2  sing N N 385 
TYR CB  HB3  sing N N 386 
TYR CG  CD1  doub Y N 387 
TYR CG  CD2  sing Y N 388 
TYR CD1 CE1  sing Y N 389 
TYR CD1 HD1  sing N N 390 
TYR CD2 CE2  doub Y N 391 
TYR CD2 HD2  sing N N 392 
TYR CE1 CZ   doub Y N 393 
TYR CE1 HE1  sing N N 394 
TYR CE2 CZ   sing Y N 395 
TYR CE2 HE2  sing N N 396 
TYR CZ  OH   sing N N 397 
TYR OH  HH   sing N N 398 
TYR OXT HXT  sing N N 399 
VAL N   CA   sing N N 400 
VAL N   H    sing N N 401 
VAL N   H2   sing N N 402 
VAL CA  C    sing N N 403 
VAL CA  CB   sing N N 404 
VAL CA  HA   sing N N 405 
VAL C   O    doub N N 406 
VAL C   OXT  sing N N 407 
VAL CB  CG1  sing N N 408 
VAL CB  CG2  sing N N 409 
VAL CB  HB   sing N N 410 
VAL CG1 HG11 sing N N 411 
VAL CG1 HG12 sing N N 412 
VAL CG1 HG13 sing N N 413 
VAL CG2 HG21 sing N N 414 
VAL CG2 HG22 sing N N 415 
VAL CG2 HG23 sing N N 416 
VAL OXT HXT  sing N N 417 
# 
_pdbx_initial_refinement_model.id               1 
_pdbx_initial_refinement_model.entity_id_list   ? 
_pdbx_initial_refinement_model.type             'experimental model' 
_pdbx_initial_refinement_model.source_name      PDB 
_pdbx_initial_refinement_model.accession_code   4P2P 
_pdbx_initial_refinement_model.details          'PDB ENTRY 4P2P' 
# 
_atom_sites.entry_id                    3L30 
_atom_sites.fract_transf_matrix[1][1]   0.01555603 
_atom_sites.fract_transf_matrix[1][2]   -0.00045263 
_atom_sites.fract_transf_matrix[1][3]   0.00623181 
_atom_sites.fract_transf_matrix[2][1]   0.00353819 
_atom_sites.fract_transf_matrix[2][2]   0.00800588 
_atom_sites.fract_transf_matrix[2][3]   0.01429751 
_atom_sites.fract_transf_matrix[3][1]   -0.00330075 
_atom_sites.fract_transf_matrix[3][2]   -0.01173382 
_atom_sites.fract_transf_matrix[3][3]   0.00738718 
_atom_sites.fract_transf_vector[1]      -0.369132 
_atom_sites.fract_transf_vector[2]      0.232709 
_atom_sites.fract_transf_vector[3]      0.202300 
# 
loop_
_atom_type.symbol 
C  
CA 
CL 
N  
O  
S  
# 
loop_
_atom_site.group_PDB 
_atom_site.id 
_atom_site.type_symbol 
_atom_site.label_atom_id 
_atom_site.label_alt_id 
_atom_site.label_comp_id 
_atom_site.label_asym_id 
_atom_site.label_entity_id 
_atom_site.label_seq_id 
_atom_site.pdbx_PDB_ins_code 
_atom_site.Cartn_x 
_atom_site.Cartn_y 
_atom_site.Cartn_z 
_atom_site.occupancy 
_atom_site.B_iso_or_equiv 
_atom_site.pdbx_formal_charge 
_atom_site.auth_seq_id 
_atom_site.auth_comp_id 
_atom_site.auth_asym_id 
_atom_site.auth_atom_id 
_atom_site.pdbx_PDB_model_num 
ATOM   1    N  N   . ALA A 1 1   ? -3.326  -9.148  -2.389  1.00 14.55  ? 1   ALA A N   1 
ATOM   2    C  CA  . ALA A 1 1   ? -3.803  -9.520  -1.001  1.00 16.25  ? 1   ALA A CA  1 
ATOM   3    C  C   . ALA A 1 1   ? -2.768  -8.923  -0.074  1.00 16.12  ? 1   ALA A C   1 
ATOM   4    O  O   . ALA A 1 1   ? -1.671  -8.664  -0.474  1.00 16.52  ? 1   ALA A O   1 
ATOM   5    C  CB  . ALA A 1 1   ? -3.827  -11.010 -0.837  1.00 15.22  ? 1   ALA A CB  1 
ATOM   6    N  N   . LEU A 1 2   ? -3.118  -8.698  1.161   1.00 17.18  ? 2   LEU A N   1 
ATOM   7    C  CA  . LEU A 1 2   ? -2.208  -8.068  2.086   1.00 18.04  ? 2   LEU A CA  1 
ATOM   8    C  C   . LEU A 1 2   ? -0.795  -8.686  2.142   1.00 18.78  ? 2   LEU A C   1 
ATOM   9    O  O   . LEU A 1 2   ? 0.200   -7.951  2.083   1.00 18.80  ? 2   LEU A O   1 
ATOM   10   C  CB  . LEU A 1 2   ? -2.799  -8.143  3.472   1.00 18.07  ? 2   LEU A CB  1 
ATOM   11   C  CG  . LEU A 1 2   ? -1.944  -7.508  4.560   1.00 19.18  ? 2   LEU A CG  1 
ATOM   12   C  CD1 . LEU A 1 2   ? -1.833  -6.018  4.272   1.00 19.62  ? 2   LEU A CD1 1 
ATOM   13   C  CD2 . LEU A 1 2   ? -2.667  -7.763  5.885   1.00 22.01  ? 2   LEU A CD2 1 
ATOM   14   N  N   . TRP A 1 3   ? -0.705  -10.008 2.317   1.00 18.31  ? 3   TRP A N   1 
ATOM   15   C  CA  . TRP A 1 3   ? 0.590   -10.644 2.371   1.00 19.21  ? 3   TRP A CA  1 
ATOM   16   C  C   . TRP A 1 3   ? 1.422   -10.327 1.129   1.00 20.60  ? 3   TRP A C   1 
ATOM   17   O  O   . TRP A 1 3   ? 2.657   -10.266 1.241   1.00 23.18  ? 3   TRP A O   1 
ATOM   18   C  CB  . TRP A 1 3   ? 0.490   -12.175 2.548   1.00 19.06  ? 3   TRP A CB  1 
ATOM   19   C  CG  . TRP A 1 3   ? 0.061   -13.022 1.302   1.00 17.92  ? 3   TRP A CG  1 
ATOM   20   C  CD1 . TRP A 1 3   ? -1.213  -13.356 0.926   1.00 15.62  ? 3   TRP A CD1 1 
ATOM   21   C  CD2 . TRP A 1 3   ? 0.941   -13.689 0.356   1.00 17.41  ? 3   TRP A CD2 1 
ATOM   22   N  NE1 . TRP A 1 3   ? -1.186  -14.150 -0.215  1.00 12.94  ? 3   TRP A NE1 1 
ATOM   23   C  CE2 . TRP A 1 3   ? 0.118   -14.378 -0.572  1.00 15.70  ? 3   TRP A CE2 1 
ATOM   24   C  CE3 . TRP A 1 3   ? 2.342   -13.703 0.172   1.00 17.89  ? 3   TRP A CE3 1 
ATOM   25   C  CZ2 . TRP A 1 3   ? 0.645   -15.111 -1.664  1.00 20.65  ? 3   TRP A CZ2 1 
ATOM   26   C  CZ3 . TRP A 1 3   ? 2.891   -14.433 -0.910  1.00 20.12  ? 3   TRP A CZ3 1 
ATOM   27   C  CH2 . TRP A 1 3   ? 2.033   -15.141 -1.825  1.00 23.51  ? 3   TRP A CH2 1 
ATOM   28   N  N   . GLN A 1 4   ? 0.795   -10.141 -0.037  1.00 19.78  ? 4   GLN A N   1 
ATOM   29   C  CA  . GLN A 1 4   ? 1.599   -9.918  -1.226  1.00 19.58  ? 4   GLN A CA  1 
ATOM   30   C  C   . GLN A 1 4   ? 2.084   -8.475  -1.239  1.00 21.26  ? 4   GLN A C   1 
ATOM   31   O  O   . GLN A 1 4   ? 3.125   -8.155  -1.838  1.00 22.08  ? 4   GLN A O   1 
ATOM   32   C  CB  . GLN A 1 4   ? 0.824   -10.213 -2.493  1.00 18.16  ? 4   GLN A CB  1 
ATOM   33   C  CG  . GLN A 1 4   ? 0.102   -11.562 -2.467  1.00 16.11  ? 4   GLN A CG  1 
ATOM   34   C  CD  . GLN A 1 4   ? -0.822  -11.748 -3.676  1.00 15.65  ? 4   GLN A CD  1 
ATOM   35   O  OE1 . GLN A 1 4   ? -1.836  -11.029 -3.829  1.00 18.89  ? 4   GLN A OE1 1 
ATOM   36   N  NE2 . GLN A 1 4   ? -0.480  -12.696 -4.546  1.00 12.89  ? 4   GLN A NE2 1 
ATOM   37   N  N   . PHE A 1 5   ? 1.333   -7.583  -0.610  1.00 20.54  ? 5   PHE A N   1 
ATOM   38   C  CA  . PHE A 1 5   ? 1.789   -6.216  -0.529  1.00 20.71  ? 5   PHE A CA  1 
ATOM   39   C  C   . PHE A 1 5   ? 3.058   -6.181  0.338   1.00 21.40  ? 5   PHE A C   1 
ATOM   40   O  O   . PHE A 1 5   ? 4.048   -5.532  0.007   1.00 21.09  ? 5   PHE A O   1 
ATOM   41   C  CB  . PHE A 1 5   ? 0.678   -5.347  0.078   1.00 20.22  ? 5   PHE A CB  1 
ATOM   42   C  CG  . PHE A 1 5   ? 1.001   -3.890  0.131   1.00 19.87  ? 5   PHE A CG  1 
ATOM   43   C  CD1 . PHE A 1 5   ? 1.772   -3.292  -0.856  1.00 17.25  ? 5   PHE A CD1 1 
ATOM   44   C  CD2 . PHE A 1 5   ? 0.468   -3.093  1.145   1.00 22.40  ? 5   PHE A CD2 1 
ATOM   45   C  CE1 . PHE A 1 5   ? 2.060   -1.949  -0.831  1.00 16.48  ? 5   PHE A CE1 1 
ATOM   46   C  CE2 . PHE A 1 5   ? 0.724   -1.723  1.198   1.00 23.49  ? 5   PHE A CE2 1 
ATOM   47   C  CZ  . PHE A 1 5   ? 1.546   -1.142  0.198   1.00 23.47  ? 5   PHE A CZ  1 
ATOM   48   N  N   . ARG A 1 6   ? 3.033   -6.876  1.465   1.00 21.76  ? 6   ARG A N   1 
ATOM   49   C  CA  . ARG A 1 6   ? 4.219   -6.886  2.300   1.00 23.37  ? 6   ARG A CA  1 
ATOM   50   C  C   . ARG A 1 6   ? 5.387   -7.388  1.497   1.00 22.60  ? 6   ARG A C   1 
ATOM   51   O  O   . ARG A 1 6   ? 6.505   -6.958  1.635   1.00 22.99  ? 6   ARG A O   1 
ATOM   52   C  CB  . ARG A 1 6   ? 4.038   -7.861  3.454   1.00 23.99  ? 6   ARG A CB  1 
ATOM   53   C  CG  . ARG A 1 6   ? 3.439   -7.268  4.671   1.00 26.98  ? 6   ARG A CG  1 
ATOM   54   C  CD  . ARG A 1 6   ? 3.489   -8.313  5.759   1.00 32.39  ? 6   ARG A CD  1 
ATOM   55   N  NE  . ARG A 1 6   ? 2.130   -8.790  5.921   1.00 36.94  ? 6   ARG A NE  1 
ATOM   56   C  CZ  . ARG A 1 6   ? 1.761   -10.053 5.851   1.00 38.13  ? 6   ARG A CZ  1 
ATOM   57   N  NH1 . ARG A 1 6   ? 2.660   -11.023 5.676   1.00 40.91  ? 6   ARG A NH1 1 
ATOM   58   N  NH2 . ARG A 1 6   ? 0.478   -10.333 6.001   1.00 41.07  ? 6   ARG A NH2 1 
ATOM   59   N  N   . SER A 1 7   ? 5.118   -8.393  0.705   1.00 21.94  ? 7   SER A N   1 
ATOM   60   C  CA  . SER A 1 7   ? 6.166   -9.057  -0.004  1.00 21.25  ? 7   SER A CA  1 
ATOM   61   C  C   . SER A 1 7   ? 6.690   -8.177  -1.192  1.00 20.85  ? 7   SER A C   1 
ATOM   62   O  O   . SER A 1 7   ? 7.882   -8.218  -1.526  1.00 19.65  ? 7   SER A O   1 
ATOM   63   C  CB  . SER A 1 7   ? 5.598   -10.382 -0.430  1.00 20.89  ? 7   SER A CB  1 
ATOM   64   O  OG  . SER A 1 7   ? 6.314   -10.785 -1.532  1.00 25.49  ? 7   SER A OG  1 
ATOM   65   N  N   . MET A 1 8   ? 5.809   -7.348  -1.776  1.00 19.53  ? 8   MET A N   1 
ATOM   66   C  CA  . MET A 1 8   ? 6.192   -6.323  -2.729  1.00 19.21  ? 8   MET A CA  1 
ATOM   67   C  C   . MET A 1 8   ? 7.137   -5.247  -2.150  1.00 20.04  ? 8   MET A C   1 
ATOM   68   O  O   . MET A 1 8   ? 8.072   -4.801  -2.833  1.00 20.46  ? 8   MET A O   1 
ATOM   69   C  CB  . MET A 1 8   ? 4.957   -5.607  -3.276  1.00 19.13  ? 8   MET A CB  1 
ATOM   70   C  CG  . MET A 1 8   ? 4.332   -6.264  -4.480  1.00 17.32  ? 8   MET A CG  1 
ATOM   71   S  SD  . MET A 1 8   ? 3.226   -5.047  -5.162  1.00 18.63  ? 8   MET A SD  1 
ATOM   72   C  CE  . MET A 1 8   ? 2.228   -6.048  -6.309  1.00 12.07  ? 8   MET A CE  1 
ATOM   73   N  N   . ILE A 1 9   ? 6.893   -4.859  -0.907  1.00 19.60  ? 9   ILE A N   1 
ATOM   74   C  CA  . ILE A 1 9   ? 7.650   -3.840  -0.221  1.00 20.79  ? 9   ILE A CA  1 
ATOM   75   C  C   . ILE A 1 9   ? 9.052   -4.376  -0.026  1.00 22.14  ? 9   ILE A C   1 
ATOM   76   O  O   . ILE A 1 9   ? 10.030  -3.668  -0.182  1.00 23.18  ? 9   ILE A O   1 
ATOM   77   C  CB  . ILE A 1 9   ? 6.944   -3.458  1.145   1.00 19.94  ? 9   ILE A CB  1 
ATOM   78   C  CG1 . ILE A 1 9   ? 5.727   -2.608  0.854   1.00 17.83  ? 9   ILE A CG1 1 
ATOM   79   C  CG2 . ILE A 1 9   ? 7.835   -2.660  2.078   1.00 20.44  ? 9   ILE A CG2 1 
ATOM   80   C  CD1 . ILE A 1 9   ? 4.714   -2.646  1.952   1.00 18.25  ? 9   ILE A CD1 1 
ATOM   81   N  N   . LYS A 1 10  ? 9.117   -5.658  0.272   1.00 23.64  ? 10  LYS A N   1 
ATOM   82   C  CA  . LYS A 1 10  ? 10.346  -6.349  0.607   1.00 24.28  ? 10  LYS A CA  1 
ATOM   83   C  C   . LYS A 1 10  ? 11.119  -6.562  -0.705  1.00 23.94  ? 10  LYS A C   1 
ATOM   84   O  O   . LYS A 1 10  ? 12.331  -6.511  -0.709  1.00 25.21  ? 10  LYS A O   1 
ATOM   85   C  CB  . LYS A 1 10  ? 9.992   -7.633  1.379   1.00 24.49  ? 10  LYS A CB  1 
ATOM   86   C  CG  . LYS A 1 10  ? 11.116  -8.573  1.773   1.00 29.42  ? 10  LYS A CG  1 
ATOM   87   C  CD  . LYS A 1 10  ? 11.988  -7.999  2.917   1.00 33.67  ? 10  LYS A CD  1 
ATOM   88   C  CE  . LYS A 1 10  ? 13.228  -8.889  3.157   1.00 34.68  ? 10  LYS A CE  1 
ATOM   89   N  NZ  . LYS A 1 10  ? 14.137  -8.230  4.118   1.00 34.35  ? 10  LYS A NZ  1 
ATOM   90   N  N   . CYS A 1 11  ? 10.424  -6.705  -1.831  1.00 23.17  ? 11  CYS A N   1 
ATOM   91   C  CA  . CYS A 1 11  ? 11.062  -6.655  -3.150  1.00 21.98  ? 11  CYS A CA  1 
ATOM   92   C  C   . CYS A 1 11  ? 11.708  -5.266  -3.470  1.00 22.77  ? 11  CYS A C   1 
ATOM   93   O  O   . CYS A 1 11  ? 12.892  -5.170  -3.920  1.00 22.50  ? 11  CYS A O   1 
ATOM   94   C  CB  . CYS A 1 11  ? 10.040  -7.048  -4.213  1.00 22.17  ? 11  CYS A CB  1 
ATOM   95   S  SG  . CYS A 1 11  ? 10.602  -6.978  -5.909  1.00 22.59  ? 11  CYS A SG  1 
ATOM   96   N  N   . ALA A 1 12  ? 10.960  -4.196  -3.204  1.00 22.66  ? 12  ALA A N   1 
ATOM   97   C  CA  . ALA A 1 12  ? 11.394  -2.859  -3.587  1.00 23.01  ? 12  ALA A CA  1 
ATOM   98   C  C   . ALA A 1 12  ? 12.446  -2.343  -2.632  1.00 23.38  ? 12  ALA A C   1 
ATOM   99   O  O   . ALA A 1 12  ? 13.228  -1.494  -3.007  1.00 23.30  ? 12  ALA A O   1 
ATOM   100  C  CB  . ALA A 1 12  ? 10.213  -1.884  -3.655  1.00 22.16  ? 12  ALA A CB  1 
ATOM   101  N  N   . ILE A 1 13  ? 12.430  -2.822  -1.392  1.00 24.20  ? 13  ILE A N   1 
ATOM   102  C  CA  . ILE A 1 13  ? 13.356  -2.355  -0.347  1.00 24.56  ? 13  ILE A CA  1 
ATOM   103  C  C   . ILE A 1 13  ? 13.832  -3.602  0.350   1.00 26.07  ? 13  ILE A C   1 
ATOM   104  O  O   . ILE A 1 13  ? 13.248  -3.974  1.373   1.00 26.10  ? 13  ILE A O   1 
ATOM   105  C  CB  . ILE A 1 13  ? 12.671  -1.434  0.732   1.00 24.12  ? 13  ILE A CB  1 
ATOM   106  C  CG1 . ILE A 1 13  ? 11.769  -0.392  0.077   1.00 22.43  ? 13  ILE A CG1 1 
ATOM   107  C  CG2 . ILE A 1 13  ? 13.739  -0.752  1.637   1.00 22.63  ? 13  ILE A CG2 1 
ATOM   108  C  CD1 . ILE A 1 13  ? 10.782  0.284   1.004   1.00 19.75  ? 13  ILE A CD1 1 
ATOM   109  N  N   . PRO A 1 14  ? 14.851  -4.277  -0.208  1.00 27.27  ? 14  PRO A N   1 
ATOM   110  C  CA  . PRO A 1 14  ? 15.268  -5.556  0.376   1.00 28.89  ? 14  PRO A CA  1 
ATOM   111  C  C   . PRO A 1 14  ? 15.698  -5.498  1.856   1.00 30.50  ? 14  PRO A C   1 
ATOM   112  O  O   . PRO A 1 14  ? 15.625  -6.512  2.547   1.00 30.62  ? 14  PRO A O   1 
ATOM   113  C  CB  . PRO A 1 14  ? 16.435  -6.024  -0.534  1.00 28.87  ? 14  PRO A CB  1 
ATOM   114  C  CG  . PRO A 1 14  ? 16.826  -4.844  -1.345  1.00 28.40  ? 14  PRO A CG  1 
ATOM   115  C  CD  . PRO A 1 14  ? 15.612  -3.936  -1.423  1.00 27.77  ? 14  PRO A CD  1 
ATOM   116  N  N   . GLY A 1 15  ? 16.129  -4.337  2.342   1.00 32.30  ? 15  GLY A N   1 
ATOM   117  C  CA  . GLY A 1 15  ? 16.566  -4.233  3.733   1.00 35.23  ? 15  GLY A CA  1 
ATOM   118  C  C   . GLY A 1 15  ? 15.479  -4.000  4.789   1.00 37.36  ? 15  GLY A C   1 
ATOM   119  O  O   . GLY A 1 15  ? 15.807  -3.549  5.907   1.00 38.61  ? 15  GLY A O   1 
ATOM   120  N  N   . SER A 1 16  ? 14.207  -4.315  4.479   1.00 37.90  ? 16  SER A N   1 
ATOM   121  C  CA  . SER A 1 16  ? 13.025  -3.795  5.265   1.00 38.49  ? 16  SER A CA  1 
ATOM   122  C  C   . SER A 1 16  ? 12.164  -4.825  6.044   1.00 39.11  ? 16  SER A C   1 
ATOM   123  O  O   . SER A 1 16  ? 11.982  -5.969  5.607   1.00 38.63  ? 16  SER A O   1 
ATOM   124  C  CB  . SER A 1 16  ? 12.078  -2.940  4.381   1.00 38.43  ? 16  SER A CB  1 
ATOM   125  O  OG  . SER A 1 16  ? 11.355  -3.741  3.450   1.00 35.71  ? 16  SER A OG  1 
ATOM   126  N  N   . HIS A 1 17  ? 11.649  -4.410  7.200   1.00 39.31  ? 17  HIS A N   1 
ATOM   127  C  CA  . HIS A 1 17  ? 10.611  -5.185  7.840   1.00 40.68  ? 17  HIS A CA  1 
ATOM   128  C  C   . HIS A 1 17  ? 9.262   -4.463  7.686   1.00 39.54  ? 17  HIS A C   1 
ATOM   129  O  O   . HIS A 1 17  ? 8.935   -3.614  8.533   1.00 39.63  ? 17  HIS A O   1 
ATOM   130  C  CB  . HIS A 1 17  ? 10.871  -5.479  9.321   1.00 41.34  ? 17  HIS A CB  1 
ATOM   131  C  CG  . HIS A 1 17  ? 9.841   -6.413  9.901   1.00 47.94  ? 17  HIS A CG  1 
ATOM   132  N  ND1 . HIS A 1 17  ? 10.131  -7.350  10.877  1.00 52.67  ? 17  HIS A ND1 1 
ATOM   133  C  CD2 . HIS A 1 17  ? 8.533   -6.606  9.566   1.00 50.82  ? 17  HIS A CD2 1 
ATOM   134  C  CE1 . HIS A 1 17  ? 9.039   -8.058  11.134  1.00 55.34  ? 17  HIS A CE1 1 
ATOM   135  N  NE2 . HIS A 1 17  ? 8.055   -7.621  10.358  1.00 54.82  ? 17  HIS A NE2 1 
ATOM   136  N  N   . PRO A 1 18  ? 8.470   -4.823  6.639   1.00 38.64  ? 18  PRO A N   1 
ATOM   137  C  CA  . PRO A 1 18  ? 7.296   -4.019  6.205   1.00 38.00  ? 18  PRO A CA  1 
ATOM   138  C  C   . PRO A 1 18  ? 6.335   -3.669  7.344   1.00 38.00  ? 18  PRO A C   1 
ATOM   139  O  O   . PRO A 1 18  ? 5.970   -2.479  7.517   1.00 37.22  ? 18  PRO A O   1 
ATOM   140  C  CB  . PRO A 1 18  ? 6.626   -4.902  5.140   1.00 37.74  ? 18  PRO A CB  1 
ATOM   141  C  CG  . PRO A 1 18  ? 7.761   -5.773  4.606   1.00 37.45  ? 18  PRO A CG  1 
ATOM   142  C  CD  . PRO A 1 18  ? 8.605   -6.064  5.834   1.00 38.58  ? 18  PRO A CD  1 
ATOM   143  N  N   . LEU A 1 19  ? 5.963   -4.682  8.134   1.00 37.87  ? 19  LEU A N   1 
ATOM   144  C  CA  . LEU A 1 19  ? 5.081   -4.472  9.273   1.00 37.88  ? 19  LEU A CA  1 
ATOM   145  C  C   . LEU A 1 19  ? 5.768   -3.641  10.363  1.00 37.87  ? 19  LEU A C   1 
ATOM   146  O  O   . LEU A 1 19  ? 5.133   -2.743  10.905  1.00 38.76  ? 19  LEU A O   1 
ATOM   147  C  CB  . LEU A 1 19  ? 4.513   -5.805  9.798   1.00 38.03  ? 19  LEU A CB  1 
ATOM   148  C  CG  . LEU A 1 19  ? 3.668   -5.965  11.081  1.00 39.63  ? 19  LEU A CG  1 
ATOM   149  C  CD1 . LEU A 1 19  ? 2.905   -4.697  11.530  1.00 37.86  ? 19  LEU A CD1 1 
ATOM   150  C  CD2 . LEU A 1 19  ? 2.696   -7.146  10.967  1.00 39.24  ? 19  LEU A CD2 1 
ATOM   151  N  N   . MET A 1 20  ? 7.041   -3.898  10.671  1.00 36.68  ? 20  MET A N   1 
ATOM   152  C  CA  . MET A 1 20  ? 7.767   -3.049  11.635  1.00 36.58  ? 20  MET A CA  1 
ATOM   153  C  C   . MET A 1 20  ? 7.949   -1.607  11.112  1.00 35.45  ? 20  MET A C   1 
ATOM   154  O  O   . MET A 1 20  ? 7.805   -0.646  11.863  1.00 34.58  ? 20  MET A O   1 
ATOM   155  C  CB  . MET A 1 20  ? 9.131   -3.665  12.001  1.00 36.94  ? 20  MET A CB  1 
ATOM   156  C  CG  . MET A 1 20  ? 9.965   -2.931  13.082  1.00 42.01  ? 20  MET A CG  1 
ATOM   157  S  SD  . MET A 1 20  ? 11.713  -3.495  13.137  1.00 50.08  ? 20  MET A SD  1 
ATOM   158  C  CE  . MET A 1 20  ? 12.519  -2.134  14.050  1.00 47.18  ? 20  MET A CE  1 
ATOM   159  N  N   . ASP A 1 21  ? 8.247   -1.467  9.822   1.00 34.66  ? 21  ASP A N   1 
ATOM   160  C  CA  . ASP A 1 21  ? 8.665   -0.177  9.280   1.00 34.17  ? 21  ASP A CA  1 
ATOM   161  C  C   . ASP A 1 21  ? 7.515   0.755   8.928   1.00 33.80  ? 21  ASP A C   1 
ATOM   162  O  O   . ASP A 1 21  ? 7.530   1.932   9.326   1.00 33.86  ? 21  ASP A O   1 
ATOM   163  C  CB  . ASP A 1 21  ? 9.582   -0.366  8.070   1.00 34.17  ? 21  ASP A CB  1 
ATOM   164  C  CG  . ASP A 1 21  ? 10.913  -1.000  8.438   1.00 33.76  ? 21  ASP A CG  1 
ATOM   165  O  OD1 . ASP A 1 21  ? 11.315  -0.924  9.628   1.00 34.44  ? 21  ASP A OD1 1 
ATOM   166  O  OD2 . ASP A 1 21  ? 11.546  -1.568  7.525   1.00 32.38  ? 21  ASP A OD2 1 
ATOM   167  N  N   . PHE A 1 22  ? 6.522   0.207   8.222   1.00 33.30  ? 22  PHE A N   1 
ATOM   168  C  CA  . PHE A 1 22  ? 5.431   0.967   7.596   1.00 32.77  ? 22  PHE A CA  1 
ATOM   169  C  C   . PHE A 1 22  ? 4.044   0.847   8.221   1.00 33.04  ? 22  PHE A C   1 
ATOM   170  O  O   . PHE A 1 22  ? 3.186   1.631   7.926   1.00 34.17  ? 22  PHE A O   1 
ATOM   171  C  CB  . PHE A 1 22  ? 5.346   0.625   6.119   1.00 32.15  ? 22  PHE A CB  1 
ATOM   172  C  CG  . PHE A 1 22  ? 6.611   0.847   5.416   1.00 32.03  ? 22  PHE A CG  1 
ATOM   173  C  CD1 . PHE A 1 22  ? 7.020   2.133   5.113   1.00 33.70  ? 22  PHE A CD1 1 
ATOM   174  C  CD2 . PHE A 1 22  ? 7.452   -0.209  5.128   1.00 32.13  ? 22  PHE A CD2 1 
ATOM   175  C  CE1 . PHE A 1 22  ? 8.268   2.364   4.494   1.00 35.12  ? 22  PHE A CE1 1 
ATOM   176  C  CE2 . PHE A 1 22  ? 8.716   0.008   4.499   1.00 34.35  ? 22  PHE A CE2 1 
ATOM   177  C  CZ  . PHE A 1 22  ? 9.116   1.282   4.179   1.00 34.07  ? 22  PHE A CZ  1 
ATOM   178  N  N   . ASN A 1 23  ? 3.789   -0.127  9.054   1.00 33.18  ? 23  ASN A N   1 
ATOM   179  C  CA  . ASN A 1 23  ? 2.530   -0.123  9.757   1.00 33.26  ? 23  ASN A CA  1 
ATOM   180  C  C   . ASN A 1 23  ? 2.593   0.925   10.881  1.00 33.20  ? 23  ASN A C   1 
ATOM   181  O  O   . ASN A 1 23  ? 3.574   1.057   11.623  1.00 34.00  ? 23  ASN A O   1 
ATOM   182  C  CB  . ASN A 1 23  ? 2.196   -1.555  10.233  1.00 33.55  ? 23  ASN A CB  1 
ATOM   183  C  CG  . ASN A 1 23  ? 0.899   -1.641  11.013  1.00 35.12  ? 23  ASN A CG  1 
ATOM   184  O  OD1 . ASN A 1 23  ? 0.902   -1.902  12.241  1.00 38.08  ? 23  ASN A OD1 1 
ATOM   185  N  ND2 . ASN A 1 23  ? -0.217  -1.435  10.321  1.00 34.11  ? 23  ASN A ND2 1 
ATOM   186  N  N   . ASN A 1 24  ? 1.546   1.714   10.998  1.00 32.87  ? 24  ASN A N   1 
ATOM   187  C  CA  . ASN A 1 24  ? 1.541   2.764   12.012  1.00 32.63  ? 24  ASN A CA  1 
ATOM   188  C  C   . ASN A 1 24  ? 2.740   3.758   11.867  1.00 29.92  ? 24  ASN A C   1 
ATOM   189  O  O   . ASN A 1 24  ? 3.505   4.025   12.794  1.00 30.27  ? 24  ASN A O   1 
ATOM   190  C  CB  . ASN A 1 24  ? 1.393   2.133   13.408  1.00 33.57  ? 24  ASN A CB  1 
ATOM   191  C  CG  . ASN A 1 24  ? -0.006  1.458   13.617  1.00 38.80  ? 24  ASN A CG  1 
ATOM   192  O  OD1 . ASN A 1 24  ? -0.898  1.481   12.736  1.00 40.41  ? 24  ASN A OD1 1 
ATOM   193  N  ND2 . ASN A 1 24  ? -0.183  0.844   14.799  1.00 43.04  ? 24  ASN A ND2 1 
ATOM   194  N  N   . TYR A 1 25  ? 2.883   4.255   10.647  1.00 26.80  ? 25  TYR A N   1 
ATOM   195  C  CA  . TYR A 1 25  ? 3.727   5.389   10.346  1.00 23.26  ? 25  TYR A CA  1 
ATOM   196  C  C   . TYR A 1 25  ? 2.819   6.581   9.938   1.00 22.06  ? 25  TYR A C   1 
ATOM   197  O  O   . TYR A 1 25  ? 1.878   6.426   9.162   1.00 21.45  ? 25  TYR A O   1 
ATOM   198  C  CB  . TYR A 1 25  ? 4.714   5.007   9.238   1.00 22.41  ? 25  TYR A CB  1 
ATOM   199  C  CG  . TYR A 1 25  ? 5.706   6.095   8.857   1.00 20.81  ? 25  TYR A CG  1 
ATOM   200  C  CD1 . TYR A 1 25  ? 5.319   7.154   8.039   1.00 15.12  ? 25  TYR A CD1 1 
ATOM   201  C  CD2 . TYR A 1 25  ? 7.020   6.048   9.296   1.00 17.37  ? 25  TYR A CD2 1 
ATOM   202  C  CE1 . TYR A 1 25  ? 6.203   8.146   7.665   1.00 16.02  ? 25  TYR A CE1 1 
ATOM   203  C  CE2 . TYR A 1 25  ? 7.914   7.056   8.957   1.00 20.19  ? 25  TYR A CE2 1 
ATOM   204  C  CZ  . TYR A 1 25  ? 7.494   8.107   8.126   1.00 18.62  ? 25  TYR A CZ  1 
ATOM   205  O  OH  . TYR A 1 25  ? 8.362   9.109   7.746   1.00 18.76  ? 25  TYR A OH  1 
ATOM   206  N  N   . GLY A 1 26  ? 3.079   7.746   10.512  1.00 19.68  ? 26  GLY A N   1 
ATOM   207  C  CA  . GLY A 1 26  ? 2.440   8.947   10.102  1.00 18.07  ? 26  GLY A CA  1 
ATOM   208  C  C   . GLY A 1 26  ? 0.952   8.871   10.301  1.00 18.20  ? 26  GLY A C   1 
ATOM   209  O  O   . GLY A 1 26  ? 0.487   8.186   11.207  1.00 18.77  ? 26  GLY A O   1 
ATOM   210  N  N   . CYS A 1 27  ? 0.201   9.558   9.428   1.00 17.07  ? 27  CYS A N   1 
ATOM   211  C  CA  . CYS A 1 27  ? -1.218  9.710   9.593   1.00 16.28  ? 27  CYS A CA  1 
ATOM   212  C  C   . CYS A 1 27  ? -2.015  8.702   8.795   1.00 15.60  ? 27  CYS A C   1 
ATOM   213  O  O   . CYS A 1 27  ? -3.197  8.491   9.115   1.00 16.05  ? 27  CYS A O   1 
ATOM   214  C  CB  . CYS A 1 27  ? -1.647  11.121  9.174   1.00 16.39  ? 27  CYS A CB  1 
ATOM   215  S  SG  . CYS A 1 27  ? -0.940  12.445  10.170  1.00 16.47  ? 27  CYS A SG  1 
ATOM   216  N  N   . TYR A 1 28  ? -1.398  8.110   7.763   1.00 14.58  ? 28  TYR A N   1 
ATOM   217  C  CA  . TYR A 1 28  ? -2.099  7.243   6.779   1.00 14.73  ? 28  TYR A CA  1 
ATOM   218  C  C   . TYR A 1 28  ? -1.616  5.784   6.664   1.00 15.72  ? 28  TYR A C   1 
ATOM   219  O  O   . TYR A 1 28  ? -2.389  4.944   6.182   1.00 15.57  ? 28  TYR A O   1 
ATOM   220  C  CB  . TYR A 1 28  ? -2.114  7.905   5.367   1.00 13.17  ? 28  TYR A CB  1 
ATOM   221  C  CG  . TYR A 1 28  ? -3.189  8.909   5.371   1.00 14.52  ? 28  TYR A CG  1 
ATOM   222  C  CD1 . TYR A 1 28  ? -4.511  8.549   5.070   1.00 14.05  ? 28  TYR A CD1 1 
ATOM   223  C  CD2 . TYR A 1 28  ? -2.936  10.201  5.797   1.00 9.17   ? 28  TYR A CD2 1 
ATOM   224  C  CE1 . TYR A 1 28  ? -5.509  9.464   5.157   1.00 12.74  ? 28  TYR A CE1 1 
ATOM   225  C  CE2 . TYR A 1 28  ? -3.938  11.123  5.866   1.00 10.67  ? 28  TYR A CE2 1 
ATOM   226  C  CZ  . TYR A 1 28  ? -5.217  10.751  5.570   1.00 12.81  ? 28  TYR A CZ  1 
ATOM   227  O  OH  . TYR A 1 28  ? -6.217  11.695  5.684   1.00 16.71  ? 28  TYR A OH  1 
ATOM   228  N  N   . CYS A 1 29  ? -0.365  5.505   7.049   1.00 15.83  ? 29  CYS A N   1 
ATOM   229  C  CA  . CYS A 1 29  ? 0.180   4.131   7.023   1.00 18.51  ? 29  CYS A CA  1 
ATOM   230  C  C   . CYS A 1 29  ? -0.321  3.293   8.204   1.00 19.94  ? 29  CYS A C   1 
ATOM   231  O  O   . CYS A 1 29  ? 0.118   3.467   9.353   1.00 22.80  ? 29  CYS A O   1 
ATOM   232  C  CB  . CYS A 1 29  ? 1.697   4.144   7.060   1.00 17.59  ? 29  CYS A CB  1 
ATOM   233  S  SG  . CYS A 1 29  ? 2.464   5.178   5.857   1.00 18.08  ? 29  CYS A SG  1 
ATOM   234  N  N   . GLY A 1 30  ? -1.227  2.386   7.986   1.00 20.45  ? 30  GLY A N   1 
ATOM   235  C  CA  . GLY A 1 30  ? -2.059  2.016   9.164   1.00 21.78  ? 30  GLY A CA  1 
ATOM   236  C  C   . GLY A 1 30  ? -3.534  1.942   8.775   1.00 22.76  ? 30  GLY A C   1 
ATOM   237  O  O   . GLY A 1 30  ? -3.935  2.403   7.673   1.00 22.19  ? 30  GLY A O   1 
ATOM   238  N  N   . LEU A 1 31  ? -4.326  1.309   9.642   1.00 23.54  ? 31  LEU A N   1 
ATOM   239  C  CA  . LEU A 1 31  ? -5.772  1.160   9.463   1.00 23.80  ? 31  LEU A CA  1 
ATOM   240  C  C   . LEU A 1 31  ? -6.368  2.588   9.373   1.00 23.04  ? 31  LEU A C   1 
ATOM   241  O  O   . LEU A 1 31  ? -6.055  3.396   10.220  1.00 23.87  ? 31  LEU A O   1 
ATOM   242  C  CB  . LEU A 1 31  ? -6.371  0.431   10.676  1.00 23.24  ? 31  LEU A CB  1 
ATOM   243  C  CG  . LEU A 1 31  ? -7.891  0.325   10.505  1.00 26.28  ? 31  LEU A CG  1 
ATOM   244  C  CD1 . LEU A 1 31  ? -8.240  -0.730  9.432   1.00 26.39  ? 31  LEU A CD1 1 
ATOM   245  C  CD2 . LEU A 1 31  ? -8.653  0.089   11.811  1.00 29.29  ? 31  LEU A CD2 1 
ATOM   246  N  N   . GLY A 1 32  ? -7.186  2.877   8.362   1.00 22.29  ? 32  GLY A N   1 
ATOM   247  C  CA  . GLY A 1 32  ? -7.745  4.225   8.129   1.00 21.53  ? 32  GLY A CA  1 
ATOM   248  C  C   . GLY A 1 32  ? -6.680  5.329   7.950   1.00 20.70  ? 32  GLY A C   1 
ATOM   249  O  O   . GLY A 1 32  ? -5.622  5.101   7.357   1.00 19.26  ? 32  GLY A O   1 
ATOM   250  N  N   . GLY A 1 33  ? -6.971  6.509   8.481   1.00 19.25  ? 33  GLY A N   1 
ATOM   251  C  CA  . GLY A 1 33  ? -6.086  7.660   8.388   1.00 18.27  ? 33  GLY A CA  1 
ATOM   252  C  C   . GLY A 1 33  ? -6.941  8.879   8.622   1.00 18.20  ? 33  GLY A C   1 
ATOM   253  O  O   . GLY A 1 33  ? -8.184  8.814   8.600   1.00 18.20  ? 33  GLY A O   1 
ATOM   254  N  N   . SER A 1 34  ? -6.289  10.003  8.842   1.00 16.89  ? 34  SER A N   1 
ATOM   255  C  CA  . SER A 1 34  ? -7.013  11.239  9.069   1.00 16.90  ? 34  SER A CA  1 
ATOM   256  C  C   . SER A 1 34  ? -6.103  12.446  8.801   1.00 16.45  ? 34  SER A C   1 
ATOM   257  O  O   . SER A 1 34  ? -4.860  12.280  8.813   1.00 16.51  ? 34  SER A O   1 
ATOM   258  C  CB  . SER A 1 34  ? -7.615  11.273  10.506  1.00 16.13  ? 34  SER A CB  1 
ATOM   259  O  OG  . SER A 1 34  ? -6.613  11.392  11.496  1.00 14.78  ? 34  SER A OG  1 
ATOM   260  N  N   . GLY A 1 35  ? -6.708  13.623  8.581   1.00 14.59  ? 35  GLY A N   1 
ATOM   261  C  CA  . GLY A 1 35  ? -5.933  14.856  8.363   1.00 14.46  ? 35  GLY A CA  1 
ATOM   262  C  C   . GLY A 1 35  ? -5.046  14.790  7.107   1.00 15.20  ? 35  GLY A C   1 
ATOM   263  O  O   . GLY A 1 35  ? -5.324  14.083  6.125   1.00 13.97  ? 35  GLY A O   1 
ATOM   264  N  N   . THR A 1 36  ? -3.963  15.548  7.144   1.00 14.71  ? 36  THR A N   1 
ATOM   265  C  CA  . THR A 1 36  ? -3.087  15.661  6.013   1.00 12.90  ? 36  THR A CA  1 
ATOM   266  C  C   . THR A 1 36  ? -1.863  14.826  6.299   1.00 12.88  ? 36  THR A C   1 
ATOM   267  O  O   . THR A 1 36  ? -1.398  14.828  7.430   1.00 13.15  ? 36  THR A O   1 
ATOM   268  C  CB  . THR A 1 36  ? -2.735  17.128  5.810   1.00 13.08  ? 36  THR A CB  1 
ATOM   269  O  OG1 . THR A 1 36  ? -3.926  17.810  5.422   1.00 9.81   ? 36  THR A OG1 1 
ATOM   270  C  CG2 . THR A 1 36  ? -1.676  17.311  4.730   1.00 12.47  ? 36  THR A CG2 1 
ATOM   271  N  N   . PRO A 1 37  ? -1.342  14.101  5.287   1.00 13.10  ? 37  PRO A N   1 
ATOM   272  C  CA  . PRO A 1 37  ? -0.139  13.322  5.518   1.00 14.29  ? 37  PRO A CA  1 
ATOM   273  C  C   . PRO A 1 37  ? 1.011   14.196  5.985   1.00 15.75  ? 37  PRO A C   1 
ATOM   274  O  O   . PRO A 1 37  ? 1.077   15.378  5.621   1.00 15.94  ? 37  PRO A O   1 
ATOM   275  C  CB  . PRO A 1 37  ? 0.160   12.721  4.146   1.00 14.04  ? 37  PRO A CB  1 
ATOM   276  C  CG  . PRO A 1 37  ? -0.633  13.502  3.190   1.00 13.12  ? 37  PRO A CG  1 
ATOM   277  C  CD  . PRO A 1 37  ? -1.836  13.939  3.906   1.00 12.34  ? 37  PRO A CD  1 
ATOM   278  N  N   . VAL A 1 38  ? 1.898   13.628  6.805   1.00 17.20  ? 38  VAL A N   1 
ATOM   279  C  CA  . VAL A 1 38  ? 3.002   14.410  7.407   1.00 17.56  ? 38  VAL A CA  1 
ATOM   280  C  C   . VAL A 1 38  ? 4.287   14.450  6.587   1.00 18.81  ? 38  VAL A C   1 
ATOM   281  O  O   . VAL A 1 38  ? 5.106   15.317  6.810   1.00 20.70  ? 38  VAL A O   1 
ATOM   282  C  CB  . VAL A 1 38  ? 3.357   13.931  8.825   1.00 17.63  ? 38  VAL A CB  1 
ATOM   283  C  CG1 . VAL A 1 38  ? 2.253   14.302  9.817   1.00 15.93  ? 38  VAL A CG1 1 
ATOM   284  C  CG2 . VAL A 1 38  ? 3.623   12.388  8.857   1.00 15.82  ? 38  VAL A CG2 1 
ATOM   285  N  N   . ASP A 1 39  ? 4.507   13.513  5.670   1.00 18.80  ? 39  ASP A N   1 
ATOM   286  C  CA  . ASP A 1 39  ? 5.662   13.611  4.763   1.00 17.47  ? 39  ASP A CA  1 
ATOM   287  C  C   . ASP A 1 39  ? 5.338   12.827  3.482   1.00 17.32  ? 39  ASP A C   1 
ATOM   288  O  O   . ASP A 1 39  ? 4.231   12.352  3.357   1.00 17.88  ? 39  ASP A O   1 
ATOM   289  C  CB  . ASP A 1 39  ? 6.921   13.136  5.493   1.00 16.20  ? 39  ASP A CB  1 
ATOM   290  C  CG  . ASP A 1 39  ? 6.801   11.710  5.977   1.00 18.79  ? 39  ASP A CG  1 
ATOM   291  O  OD1 . ASP A 1 39  ? 5.964   10.931  5.409   1.00 17.76  ? 39  ASP A OD1 1 
ATOM   292  O  OD2 . ASP A 1 39  ? 7.545   11.353  6.927   1.00 19.45  ? 39  ASP A OD2 1 
ATOM   293  N  N   . GLU A 1 40  ? 6.277   12.690  2.549   1.00 17.54  ? 40  GLU A N   1 
ATOM   294  C  CA  . GLU A 1 40  ? 6.059   11.960  1.307   1.00 18.16  ? 40  GLU A CA  1 
ATOM   295  C  C   . GLU A 1 40  ? 5.724   10.478  1.513   1.00 18.21  ? 40  GLU A C   1 
ATOM   296  O  O   . GLU A 1 40  ? 4.853   9.941   0.790   1.00 17.49  ? 40  GLU A O   1 
ATOM   297  C  CB  . GLU A 1 40  ? 7.264   12.089  0.349   1.00 19.44  ? 40  GLU A CB  1 
ATOM   298  C  CG  . GLU A 1 40  ? 7.570   13.571  -0.066  1.00 23.75  ? 40  GLU A CG  1 
ATOM   299  C  CD  . GLU A 1 40  ? 8.949   13.791  -0.706  1.00 30.49  ? 40  GLU A CD  1 
ATOM   300  O  OE1 . GLU A 1 40  ? 9.964   13.551  -0.007  1.00 35.36  ? 40  GLU A OE1 1 
ATOM   301  O  OE2 . GLU A 1 40  ? 9.027   14.245  -1.891  1.00 32.08  ? 40  GLU A OE2 1 
ATOM   302  N  N   . LEU A 1 41  ? 6.427   9.818   2.444   1.00 17.61  ? 41  LEU A N   1 
ATOM   303  C  CA  . LEU A 1 41  ? 6.096   8.441   2.808   1.00 18.85  ? 41  LEU A CA  1 
ATOM   304  C  C   . LEU A 1 41  ? 4.617   8.303   3.232   1.00 19.86  ? 41  LEU A C   1 
ATOM   305  O  O   . LEU A 1 41  ? 3.862   7.495   2.638   1.00 21.01  ? 41  LEU A O   1 
ATOM   306  C  CB  . LEU A 1 41  ? 7.015   7.907   3.902   1.00 18.82  ? 41  LEU A CB  1 
ATOM   307  C  CG  . LEU A 1 41  ? 6.764   6.462   4.371   1.00 17.68  ? 41  LEU A CG  1 
ATOM   308  C  CD1 . LEU A 1 41  ? 6.725   5.535   3.221   1.00 17.05  ? 41  LEU A CD1 1 
ATOM   309  C  CD2 . LEU A 1 41  ? 7.901   6.078   5.299   1.00 13.07  ? 41  LEU A CD2 1 
ATOM   310  N  N   . ASP A 1 42  ? 4.191   9.113   4.194   1.00 19.25  ? 42  ASP A N   1 
ATOM   311  C  CA  . ASP A 1 42  ? 2.804   9.114   4.660   1.00 19.01  ? 42  ASP A CA  1 
ATOM   312  C  C   . ASP A 1 42  ? 1.846   9.356   3.472   1.00 19.37  ? 42  ASP A C   1 
ATOM   313  O  O   . ASP A 1 42  ? 0.729   8.802   3.384   1.00 18.30  ? 42  ASP A O   1 
ATOM   314  C  CB  . ASP A 1 42  ? 2.679   10.200  5.740   1.00 19.14  ? 42  ASP A CB  1 
ATOM   315  C  CG  . ASP A 1 42  ? 1.480   10.042  6.603   1.00 19.42  ? 42  ASP A CG  1 
ATOM   316  O  OD1 . ASP A 1 42  ? 0.912   8.927   6.550   1.00 19.94  ? 42  ASP A OD1 1 
ATOM   317  O  OD2 . ASP A 1 42  ? 1.101   11.028  7.330   1.00 16.43  ? 42  ASP A OD2 1 
ATOM   318  N  N   . ARG A 1 43  ? 2.312   10.143  2.510   1.00 19.67  ? 43  ARG A N   1 
ATOM   319  C  CA  . ARG A 1 43  ? 1.450   10.515  1.402   1.00 20.33  ? 43  ARG A CA  1 
ATOM   320  C  C   . ARG A 1 43  ? 1.355   9.317   0.435   1.00 20.24  ? 43  ARG A C   1 
ATOM   321  O  O   . ARG A 1 43  ? 0.297   9.075   -0.195  1.00 20.57  ? 43  ARG A O   1 
ATOM   322  C  CB  . ARG A 1 43  ? 1.994   11.807  0.772   1.00 21.04  ? 43  ARG A CB  1 
ATOM   323  C  CG  . ARG A 1 43  ? 1.389   12.312  -0.575  1.00 25.71  ? 43  ARG A CG  1 
ATOM   324  C  CD  . ARG A 1 43  ? -0.146  12.376  -0.534  1.00 36.93  ? 43  ARG A CD  1 
ATOM   325  N  NE  . ARG A 1 43  ? -0.726  12.778  -1.838  1.00 44.16  ? 43  ARG A NE  1 
ATOM   326  C  CZ  . ARG A 1 43  ? -1.917  12.370  -2.308  1.00 44.86  ? 43  ARG A CZ  1 
ATOM   327  N  NH1 . ARG A 1 43  ? -2.691  11.537  -1.599  1.00 41.38  ? 43  ARG A NH1 1 
ATOM   328  N  NH2 . ARG A 1 43  ? -2.328  12.786  -3.509  1.00 46.00  ? 43  ARG A NH2 1 
ATOM   329  N  N   . CYS A 1 44  ? 2.440   8.532   0.355   1.00 20.00  ? 44  CYS A N   1 
ATOM   330  C  CA  . CYS A 1 44  ? 2.400   7.286   -0.402  1.00 19.77  ? 44  CYS A CA  1 
ATOM   331  C  C   . CYS A 1 44  ? 1.229   6.438   0.192   1.00 20.40  ? 44  CYS A C   1 
ATOM   332  O  O   . CYS A 1 44  ? 0.448   5.836   -0.549  1.00 20.73  ? 44  CYS A O   1 
ATOM   333  C  CB  . CYS A 1 44  ? 3.710   6.538   -0.268  1.00 18.45  ? 44  CYS A CB  1 
ATOM   334  S  SG  . CYS A 1 44  ? 5.154   7.311   -1.011  1.00 18.53  ? 44  CYS A SG  1 
ATOM   335  N  N   . CYS A 1 45  ? 1.130   6.404   1.525   1.00 19.46  ? 45  CYS A N   1 
ATOM   336  C  CA  . CYS A 1 45  ? 0.129   5.617   2.196   1.00 19.64  ? 45  CYS A CA  1 
ATOM   337  C  C   . CYS A 1 45  ? -1.275  6.149   1.983   1.00 19.29  ? 45  CYS A C   1 
ATOM   338  O  O   . CYS A 1 45  ? -2.190  5.358   1.772   1.00 18.71  ? 45  CYS A O   1 
ATOM   339  C  CB  . CYS A 1 45  ? 0.402   5.558   3.682   1.00 19.88  ? 45  CYS A CB  1 
ATOM   340  S  SG  . CYS A 1 45  ? 1.787   4.483   4.073   1.00 21.50  ? 45  CYS A SG  1 
ATOM   341  N  N   . GLU A 1 46  ? -1.439  7.476   2.062   1.00 18.59  ? 46  GLU A N   1 
ATOM   342  C  CA  . GLU A 1 46  ? -2.704  8.093   1.718   1.00 17.87  ? 46  GLU A CA  1 
ATOM   343  C  C   . GLU A 1 46  ? -3.103  7.785   0.260   1.00 17.76  ? 46  GLU A C   1 
ATOM   344  O  O   . GLU A 1 46  ? -4.253  7.335   -0.009  1.00 18.64  ? 46  GLU A O   1 
ATOM   345  C  CB  . GLU A 1 46  ? -2.725  9.637   2.013   1.00 17.93  ? 46  GLU A CB  1 
ATOM   346  C  CG  . GLU A 1 46  ? -4.082  10.250  1.604   1.00 14.83  ? 46  GLU A CG  1 
ATOM   347  C  CD  . GLU A 1 46  ? -4.089  11.723  1.570   1.00 15.78  ? 46  GLU A CD  1 
ATOM   348  O  OE1 . GLU A 1 46  ? -3.052  12.305  1.201   1.00 17.32  ? 46  GLU A OE1 1 
ATOM   349  O  OE2 . GLU A 1 46  ? -5.138  12.312  1.892   1.00 13.33  ? 46  GLU A OE2 1 
ATOM   350  N  N   . THR A 1 47  ? -2.191  7.997   -0.692  1.00 17.73  ? 47  THR A N   1 
ATOM   351  C  CA  . THR A 1 47  ? -2.456  7.523   -2.103  1.00 16.88  ? 47  THR A CA  1 
ATOM   352  C  C   . THR A 1 47  ? -2.920  6.038   -2.142  1.00 17.31  ? 47  THR A C   1 
ATOM   353  O  O   . THR A 1 47  ? -3.937  5.691   -2.811  1.00 17.09  ? 47  THR A O   1 
ATOM   354  C  CB  . THR A 1 47  ? -1.236  7.784   -3.012  1.00 17.51  ? 47  THR A CB  1 
ATOM   355  O  OG1 . THR A 1 47  ? -0.886  9.160   -2.916  1.00 16.31  ? 47  THR A OG1 1 
ATOM   356  C  CG2 . THR A 1 47  ? -1.488  7.417   -4.508  1.00 17.04  ? 47  THR A CG2 1 
ATOM   357  N  N   . HIS A 1 48  ? -2.245  5.163   -1.383  1.00 16.70  ? 48  HIS A N   1 
ATOM   358  C  CA  . HIS A 1 48  ? -2.661  3.706   -1.333  1.00 16.80  ? 48  HIS A CA  1 
ATOM   359  C  C   . HIS A 1 48  ? -4.081  3.544   -0.764  1.00 16.54  ? 48  HIS A C   1 
ATOM   360  O  O   . HIS A 1 48  ? -4.932  2.835   -1.364  1.00 15.61  ? 48  HIS A O   1 
ATOM   361  C  CB  . HIS A 1 48  ? -1.621  2.878   -0.576  1.00 16.00  ? 48  HIS A CB  1 
ATOM   362  C  CG  . HIS A 1 48  ? -1.848  1.395   -0.583  1.00 17.46  ? 48  HIS A CG  1 
ATOM   363  N  ND1 . HIS A 1 48  ? -2.270  0.700   0.541   1.00 21.99  ? 48  HIS A ND1 1 
ATOM   364  C  CD2 . HIS A 1 48  ? -1.594  0.456   -1.525  1.00 15.29  ? 48  HIS A CD2 1 
ATOM   365  C  CE1 . HIS A 1 48  ? -2.284  -0.595  0.273   1.00 21.44  ? 48  HIS A CE1 1 
ATOM   366  N  NE2 . HIS A 1 48  ? -1.877  -0.769  -0.973  1.00 17.84  ? 48  HIS A NE2 1 
ATOM   367  N  N   . ASP A 1 49  ? -4.364  4.226   0.346   1.00 16.20  ? 49  ASP A N   1 
ATOM   368  C  CA  . ASP A 1 49  ? -5.706  4.165   0.906   1.00 17.47  ? 49  ASP A CA  1 
ATOM   369  C  C   . ASP A 1 49  ? -6.759  4.604   -0.155  1.00 18.71  ? 49  ASP A C   1 
ATOM   370  O  O   . ASP A 1 49  ? -7.826  3.926   -0.315  1.00 18.83  ? 49  ASP A O   1 
ATOM   371  C  CB  . ASP A 1 49  ? -5.889  5.096   2.095   1.00 17.29  ? 49  ASP A CB  1 
ATOM   372  C  CG  . ASP A 1 49  ? -5.171  4.644   3.373   1.00 19.64  ? 49  ASP A CG  1 
ATOM   373  O  OD1 . ASP A 1 49  ? -4.369  3.669   3.380   1.00 17.40  ? 49  ASP A OD1 1 
ATOM   374  O  OD2 . ASP A 1 49  ? -5.427  5.333   4.421   1.00 21.26  ? 49  ASP A OD2 1 
ATOM   375  N  N   . ASN A 1 50  ? -6.494  5.720   -0.857  1.00 17.92  ? 50  ASN A N   1 
ATOM   376  C  CA  . ASN A 1 50  ? -7.444  6.197   -1.837  1.00 18.47  ? 50  ASN A CA  1 
ATOM   377  C  C   . ASN A 1 50  ? -7.508  5.271   -3.059  1.00 18.75  ? 50  ASN A C   1 
ATOM   378  O  O   . ASN A 1 50  ? -8.583  5.140   -3.708  1.00 19.09  ? 50  ASN A O   1 
ATOM   379  C  CB  . ASN A 1 50  ? -7.105  7.610   -2.315  1.00 19.92  ? 50  ASN A CB  1 
ATOM   380  C  CG  . ASN A 1 50  ? -7.180  8.681   -1.183  1.00 23.96  ? 50  ASN A CG  1 
ATOM   381  O  OD1 . ASN A 1 50  ? -7.908  8.523   -0.187  1.00 25.04  ? 50  ASN A OD1 1 
ATOM   382  N  ND2 . ASN A 1 50  ? -6.444  9.806   -1.382  1.00 23.99  ? 50  ASN A ND2 1 
ATOM   383  N  N   . CYS A 1 51  ? -6.374  4.649   -3.412  1.00 18.03  ? 51  CYS A N   1 
ATOM   384  C  CA  . CYS A 1 51  ? -6.373  3.668   -4.490  1.00 17.23  ? 51  CYS A CA  1 
ATOM   385  C  C   . CYS A 1 51  ? -7.315  2.496   -4.119  1.00 17.91  ? 51  CYS A C   1 
ATOM   386  O  O   . CYS A 1 51  ? -8.132  2.025   -4.926  1.00 18.14  ? 51  CYS A O   1 
ATOM   387  C  CB  . CYS A 1 51  ? -4.946  3.206   -4.771  1.00 17.47  ? 51  CYS A CB  1 
ATOM   388  S  SG  . CYS A 1 51  ? -4.706  2.387   -6.368  1.00 18.37  ? 51  CYS A SG  1 
ATOM   389  N  N   . TYR A 1 52  ? -7.260  2.053   -2.878  1.00 18.40  ? 52  TYR A N   1 
ATOM   390  C  CA  . TYR A 1 52  ? -8.185  1.013   -2.439  1.00 19.54  ? 52  TYR A CA  1 
ATOM   391  C  C   . TYR A 1 52  ? -9.661  1.476   -2.458  1.00 21.00  ? 52  TYR A C   1 
ATOM   392  O  O   . TYR A 1 52  ? -10.558 0.755   -2.902  1.00 22.12  ? 52  TYR A O   1 
ATOM   393  C  CB  . TYR A 1 52  ? -7.746  0.468   -1.074  1.00 17.87  ? 52  TYR A CB  1 
ATOM   394  C  CG  . TYR A 1 52  ? -6.745  -0.656  -1.193  1.00 17.31  ? 52  TYR A CG  1 
ATOM   395  C  CD1 . TYR A 1 52  ? -5.718  -0.633  -2.161  1.00 18.17  ? 52  TYR A CD1 1 
ATOM   396  C  CD2 . TYR A 1 52  ? -6.844  -1.773  -0.394  1.00 16.50  ? 52  TYR A CD2 1 
ATOM   397  C  CE1 . TYR A 1 52  ? -4.792  -1.715  -2.283  1.00 16.86  ? 52  TYR A CE1 1 
ATOM   398  C  CE2 . TYR A 1 52  ? -5.937  -2.817  -0.499  1.00 16.01  ? 52  TYR A CE2 1 
ATOM   399  C  CZ  . TYR A 1 52  ? -4.905  -2.792  -1.435  1.00 16.34  ? 52  TYR A CZ  1 
ATOM   400  O  OH  . TYR A 1 52  ? -4.017  -3.853  -1.496  1.00 14.87  ? 52  TYR A OH  1 
ATOM   401  N  N   . ARG A 1 53  ? -9.889  2.702   -2.011  1.00 23.47  ? 53  ARG A N   1 
ATOM   402  C  CA  . ARG A 1 53  ? -11.212 3.332   -2.012  1.00 24.66  ? 53  ARG A CA  1 
ATOM   403  C  C   . ARG A 1 53  ? -11.753 3.323   -3.421  1.00 23.91  ? 53  ARG A C   1 
ATOM   404  O  O   . ARG A 1 53  ? -12.860 2.868   -3.621  1.00 24.66  ? 53  ARG A O   1 
ATOM   405  C  CB  . ARG A 1 53  ? -11.123 4.760   -1.453  1.00 25.91  ? 53  ARG A CB  1 
ATOM   406  C  CG  . ARG A 1 53  ? -12.474 5.534   -1.341  1.00 32.22  ? 53  ARG A CG  1 
ATOM   407  C  CD  . ARG A 1 53  ? -12.270 7.088   -1.491  1.00 39.40  ? 53  ARG A CD  1 
ATOM   408  N  NE  . ARG A 1 53  ? -11.276 7.381   -2.543  1.00 44.11  ? 53  ARG A NE  1 
ATOM   409  C  CZ  . ARG A 1 53  ? -10.904 8.599   -2.922  1.00 45.03  ? 53  ARG A CZ  1 
ATOM   410  N  NH1 . ARG A 1 53  ? -11.457 9.666   -2.367  1.00 47.28  ? 53  ARG A NH1 1 
ATOM   411  N  NH2 . ARG A 1 53  ? -9.987  8.749   -3.862  1.00 44.25  ? 53  ARG A NH2 1 
ATOM   412  N  N   . ASP A 1 54  ? -10.960 3.748   -4.407  1.00 23.42  ? 54  ASP A N   1 
ATOM   413  C  CA  . ASP A 1 54  ? -11.388 3.704   -5.821  1.00 23.75  ? 54  ASP A CA  1 
ATOM   414  C  C   . ASP A 1 54  ? -11.808 2.300   -6.344  1.00 24.20  ? 54  ASP A C   1 
ATOM   415  O  O   . ASP A 1 54  ? -12.833 2.166   -7.026  1.00 23.73  ? 54  ASP A O   1 
ATOM   416  C  CB  . ASP A 1 54  ? -10.280 4.269   -6.720  1.00 23.49  ? 54  ASP A CB  1 
ATOM   417  C  CG  . ASP A 1 54  ? -10.059 5.743   -6.511  1.00 26.15  ? 54  ASP A CG  1 
ATOM   418  O  OD1 . ASP A 1 54  ? -9.022  6.254   -6.994  1.00 29.37  ? 54  ASP A OD1 1 
ATOM   419  O  OD2 . ASP A 1 54  ? -10.912 6.393   -5.853  1.00 25.89  ? 54  ASP A OD2 1 
ATOM   420  N  N   . ALA A 1 55  ? -10.991 1.284   -6.030  1.00 24.43  ? 55  ALA A N   1 
ATOM   421  C  CA  . ALA A 1 55  ? -11.225 -0.104  -6.396  1.00 25.34  ? 55  ALA A CA  1 
ATOM   422  C  C   . ALA A 1 55  ? -12.561 -0.628  -5.844  1.00 26.24  ? 55  ALA A C   1 
ATOM   423  O  O   . ALA A 1 55  ? -13.294 -1.345  -6.528  1.00 25.85  ? 55  ALA A O   1 
ATOM   424  C  CB  . ALA A 1 55  ? -10.060 -0.970  -5.893  1.00 24.21  ? 55  ALA A CB  1 
ATOM   425  N  N   . LYS A 1 56  ? -12.899 -0.244  -4.616  1.00 27.54  ? 56  LYS A N   1 
ATOM   426  C  CA  . LYS A 1 56  ? -14.174 -0.629  -4.057  1.00 28.68  ? 56  LYS A CA  1 
ATOM   427  C  C   . LYS A 1 56  ? -15.302 0.059   -4.772  1.00 30.35  ? 56  LYS A C   1 
ATOM   428  O  O   . LYS A 1 56  ? -16.424 -0.384  -4.664  1.00 31.72  ? 56  LYS A O   1 
ATOM   429  C  CB  . LYS A 1 56  ? -14.223 -0.276  -2.579  1.00 29.12  ? 56  LYS A CB  1 
ATOM   430  C  CG  . LYS A 1 56  ? -13.623 -1.345  -1.640  1.00 30.14  ? 56  LYS A CG  1 
ATOM   431  C  CD  . LYS A 1 56  ? -13.144 -0.735  -0.329  1.00 27.11  ? 56  LYS A CD  1 
ATOM   432  C  CE  . LYS A 1 56  ? -14.284 -0.311  0.509   1.00 31.11  ? 56  LYS A CE  1 
ATOM   433  N  NZ  . LYS A 1 56  ? -13.752 -0.067  1.846   1.00 35.63  ? 56  LYS A NZ  1 
ATOM   434  N  N   . ASN A 1 57  ? -15.039 1.157   -5.478  1.00 31.64  ? 57  ASN A N   1 
ATOM   435  C  CA  . ASN A 1 57  ? -16.102 1.825   -6.257  1.00 33.60  ? 57  ASN A CA  1 
ATOM   436  C  C   . ASN A 1 57  ? -16.230 1.348   -7.691  1.00 34.02  ? 57  ASN A C   1 
ATOM   437  O  O   . ASN A 1 57  ? -17.046 1.879   -8.441  1.00 34.18  ? 57  ASN A O   1 
ATOM   438  C  CB  . ASN A 1 57  ? -15.982 3.357   -6.234  1.00 33.47  ? 57  ASN A CB  1 
ATOM   439  C  CG  . ASN A 1 57  ? -16.237 3.936   -4.845  1.00 35.77  ? 57  ASN A CG  1 
ATOM   440  O  OD1 . ASN A 1 57  ? -15.552 4.878   -4.420  1.00 36.96  ? 57  ASN A OD1 1 
ATOM   441  N  ND2 . ASN A 1 57  ? -17.202 3.356   -4.115  1.00 35.90  ? 57  ASN A ND2 1 
ATOM   442  N  N   . LEU A 1 58  ? -15.401 0.381   -8.080  1.00 34.79  ? 58  LEU A N   1 
ATOM   443  C  CA  . LEU A 1 58  ? -15.534 -0.221  -9.396  1.00 35.39  ? 58  LEU A CA  1 
ATOM   444  C  C   . LEU A 1 58  ? -16.785 -1.118  -9.328  1.00 36.00  ? 58  LEU A C   1 
ATOM   445  O  O   . LEU A 1 58  ? -16.774 -2.169  -8.652  1.00 35.73  ? 58  LEU A O   1 
ATOM   446  C  CB  . LEU A 1 58  ? -14.266 -0.995  -9.785  1.00 35.62  ? 58  LEU A CB  1 
ATOM   447  C  CG  . LEU A 1 58  ? -12.923 -0.266  -10.058 1.00 36.37  ? 58  LEU A CG  1 
ATOM   448  C  CD1 . LEU A 1 58  ? -11.767 -1.234  -9.973  1.00 34.60  ? 58  LEU A CD1 1 
ATOM   449  C  CD2 . LEU A 1 58  ? -12.845 0.527   -11.382 1.00 35.66  ? 58  LEU A CD2 1 
ATOM   450  N  N   A ASP A 1 59  ? -17.859 -0.687  -9.990  0.50 36.26  ? 59  ASP A N   1 
ATOM   451  N  N   B ASP A 1 59  ? -17.858 -0.681  -10.002 0.50 36.03  ? 59  ASP A N   1 
ATOM   452  C  CA  A ASP A 1 59  ? -19.127 -1.413  -9.955  0.50 36.58  ? 59  ASP A CA  1 
ATOM   453  C  CA  B ASP A 1 59  ? -19.144 -1.405  -10.065 0.50 36.16  ? 59  ASP A CA  1 
ATOM   454  C  C   A ASP A 1 59  ? -18.879 -2.909  -10.247 0.50 36.48  ? 59  ASP A C   1 
ATOM   455  C  C   B ASP A 1 59  ? -18.874 -2.900  -10.251 0.50 36.23  ? 59  ASP A C   1 
ATOM   456  O  O   A ASP A 1 59  ? -19.578 -3.781  -9.711  0.50 36.84  ? 59  ASP A O   1 
ATOM   457  O  O   B ASP A 1 59  ? -19.539 -3.755  -9.649  0.50 36.60  ? 59  ASP A O   1 
ATOM   458  C  CB  A ASP A 1 59  ? -20.148 -0.790  -10.934 0.50 36.90  ? 59  ASP A CB  1 
ATOM   459  C  CB  B ASP A 1 59  ? -20.024 -0.849  -11.216 0.50 36.19  ? 59  ASP A CB  1 
ATOM   460  C  CG  A ASP A 1 59  ? -20.364 0.710   -10.697 0.50 37.53  ? 59  ASP A CG  1 
ATOM   461  C  CG  B ASP A 1 59  ? -21.385 -1.551  -11.337 0.50 35.78  ? 59  ASP A CG  1 
ATOM   462  O  OD1 A ASP A 1 59  ? -20.918 1.092   -9.641  0.50 36.92  ? 59  ASP A OD1 1 
ATOM   463  O  OD1 B ASP A 1 59  ? -21.525 -2.699  -10.858 0.50 34.28  ? 59  ASP A OD1 1 
ATOM   464  O  OD2 A ASP A 1 59  ? -19.987 1.509   -11.582 0.50 38.81  ? 59  ASP A OD2 1 
ATOM   465  O  OD2 B ASP A 1 59  ? -22.317 -0.954  -11.924 0.50 35.18  ? 59  ASP A OD2 1 
ATOM   466  N  N   . SER A 1 60  ? -17.842 -3.184  -11.046 1.00 35.80  ? 60  SER A N   1 
ATOM   467  C  CA  . SER A 1 60  ? -17.486 -4.539  -11.492 1.00 34.98  ? 60  SER A CA  1 
ATOM   468  C  C   . SER A 1 60  ? -16.780 -5.474  -10.477 1.00 33.97  ? 60  SER A C   1 
ATOM   469  O  O   . SER A 1 60  ? -16.684 -6.682  -10.696 1.00 34.29  ? 60  SER A O   1 
ATOM   470  C  CB  . SER A 1 60  ? -16.614 -4.356  -12.737 1.00 35.35  ? 60  SER A CB  1 
ATOM   471  O  OG  . SER A 1 60  ? -16.015 -3.050  -12.691 1.00 35.68  ? 60  SER A OG  1 
ATOM   472  N  N   . CYS A 1 61  ? -16.311 -4.917  -9.367  1.00 32.31  ? 61  CYS A N   1 
ATOM   473  C  CA  . CYS A 1 61  ? -15.456 -5.627  -8.420  1.00 30.64  ? 61  CYS A CA  1 
ATOM   474  C  C   . CYS A 1 61  ? -16.138 -5.711  -7.062  1.00 31.10  ? 61  CYS A C   1 
ATOM   475  O  O   . CYS A 1 61  ? -16.456 -4.682  -6.455  1.00 30.69  ? 61  CYS A O   1 
ATOM   476  C  CB  . CYS A 1 61  ? -14.131 -4.855  -8.261  1.00 29.97  ? 61  CYS A CB  1 
ATOM   477  S  SG  . CYS A 1 61  ? -13.181 -4.596  -9.801  1.00 26.25  ? 61  CYS A SG  1 
ATOM   478  N  N   . LYS A 1 62  ? -16.376 -6.922  -6.570  1.00 30.90  ? 62  LYS A N   1 
ATOM   479  C  CA  . LYS A 1 62  ? -16.976 -7.055  -5.245  1.00 30.71  ? 62  LYS A CA  1 
ATOM   480  C  C   . LYS A 1 62  ? -16.097 -7.936  -4.346  1.00 29.45  ? 62  LYS A C   1 
ATOM   481  O  O   . LYS A 1 62  ? -16.305 -9.149  -4.245  1.00 30.88  ? 62  LYS A O   1 
ATOM   482  C  CB  . LYS A 1 62  ? -18.393 -7.602  -5.348  1.00 31.39  ? 62  LYS A CB  1 
ATOM   483  C  CG  . LYS A 1 62  ? -19.352 -6.755  -6.279  1.00 35.96  ? 62  LYS A CG  1 
ATOM   484  C  CD  . LYS A 1 62  ? -20.086 -5.581  -5.537  1.00 43.00  ? 62  LYS A CD  1 
ATOM   485  C  CE  . LYS A 1 62  ? -20.408 -4.349  -6.450  1.00 44.79  ? 62  LYS A CE  1 
ATOM   486  N  NZ  . LYS A 1 62  ? -19.316 -3.266  -6.458  1.00 43.68  ? 62  LYS A NZ  1 
ATOM   487  N  N   . PHE A 1 63  ? -15.125 -7.318  -3.688  1.00 26.56  ? 63  PHE A N   1 
ATOM   488  C  CA  . PHE A 1 63  ? -14.151 -8.046  -2.861  1.00 24.75  ? 63  PHE A CA  1 
ATOM   489  C  C   . PHE A 1 63  ? -14.725 -8.770  -1.664  1.00 23.51  ? 63  PHE A C   1 
ATOM   490  O  O   . PHE A 1 63  ? -15.678 -8.295  -1.093  1.00 22.97  ? 63  PHE A O   1 
ATOM   491  C  CB  . PHE A 1 63  ? -13.054 -7.101  -2.439  1.00 23.49  ? 63  PHE A CB  1 
ATOM   492  C  CG  . PHE A 1 63  ? -12.396 -6.453  -3.586  1.00 22.95  ? 63  PHE A CG  1 
ATOM   493  C  CD1 . PHE A 1 63  ? -11.599 -7.205  -4.443  1.00 21.98  ? 63  PHE A CD1 1 
ATOM   494  C  CD2 . PHE A 1 63  ? -12.655 -5.117  -3.885  1.00 26.06  ? 63  PHE A CD2 1 
ATOM   495  C  CE1 . PHE A 1 63  ? -10.993 -6.634  -5.526  1.00 24.47  ? 63  PHE A CE1 1 
ATOM   496  C  CE2 . PHE A 1 63  ? -12.057 -4.503  -4.978  1.00 25.20  ? 63  PHE A CE2 1 
ATOM   497  C  CZ  . PHE A 1 63  ? -11.215 -5.257  -5.817  1.00 25.63  ? 63  PHE A CZ  1 
ATOM   498  N  N   . LEU A 1 64  ? -14.154 -9.929  -1.318  1.00 22.48  ? 64  LEU A N   1 
ATOM   499  C  CA  . LEU A 1 64  ? -14.522 -10.622 -0.079  1.00 22.18  ? 64  LEU A CA  1 
ATOM   500  C  C   . LEU A 1 64  ? -14.464 -9.661  1.106   1.00 22.49  ? 64  LEU A C   1 
ATOM   501  O  O   . LEU A 1 64  ? -13.520 -8.872  1.243   1.00 21.35  ? 64  LEU A O   1 
ATOM   502  C  CB  . LEU A 1 64  ? -13.645 -11.844 0.198   1.00 21.07  ? 64  LEU A CB  1 
ATOM   503  C  CG  . LEU A 1 64  ? -14.225 -12.862 1.209   1.00 20.56  ? 64  LEU A CG  1 
ATOM   504  C  CD1 . LEU A 1 64  ? -15.658 -13.385 0.790   1.00 16.15  ? 64  LEU A CD1 1 
ATOM   505  C  CD2 . LEU A 1 64  ? -13.280 -14.066 1.505   1.00 15.87  ? 64  LEU A CD2 1 
ATOM   506  N  N   . VAL A 1 65  ? -15.498 -9.742  1.946   1.00 23.85  ? 65  VAL A N   1 
ATOM   507  C  CA  . VAL A 1 65  ? -15.695 -8.849  3.111   1.00 24.50  ? 65  VAL A CA  1 
ATOM   508  C  C   . VAL A 1 65  ? -15.410 -7.389  2.795   1.00 24.90  ? 65  VAL A C   1 
ATOM   509  O  O   . VAL A 1 65  ? -15.063 -6.622  3.678   1.00 24.85  ? 65  VAL A O   1 
ATOM   510  C  CB  . VAL A 1 65  ? -14.998 -9.366  4.440   1.00 24.54  ? 65  VAL A CB  1 
ATOM   511  C  CG1 . VAL A 1 65  ? -15.438 -10.797 4.746   1.00 25.58  ? 65  VAL A CG1 1 
ATOM   512  C  CG2 . VAL A 1 65  ? -13.476 -9.296  4.429   1.00 22.55  ? 65  VAL A CG2 1 
ATOM   513  N  N   . ASP A 1 66  ? -15.531 -7.036  1.510   1.00 25.95  ? 66  ASP A N   1 
ATOM   514  C  CA  . ASP A 1 66  ? -15.401 -5.648  1.010   1.00 26.33  ? 66  ASP A CA  1 
ATOM   515  C  C   . ASP A 1 66  ? -14.006 -5.076  1.241   1.00 25.03  ? 66  ASP A C   1 
ATOM   516  O  O   . ASP A 1 66  ? -13.810 -3.853  1.413   1.00 25.05  ? 66  ASP A O   1 
ATOM   517  C  CB  . ASP A 1 66  ? -16.450 -4.785  1.724   1.00 28.30  ? 66  ASP A CB  1 
ATOM   518  C  CG  . ASP A 1 66  ? -17.134 -3.833  0.806   1.00 34.00  ? 66  ASP A CG  1 
ATOM   519  O  OD1 . ASP A 1 66  ? -17.801 -4.348  -0.149  1.00 37.76  ? 66  ASP A OD1 1 
ATOM   520  O  OD2 . ASP A 1 66  ? -17.028 -2.591  1.068   1.00 39.07  ? 66  ASP A OD2 1 
ATOM   521  N  N   . ASN A 1 67  ? -13.017 -5.951  1.278   1.00 22.76  ? 67  ASN A N   1 
ATOM   522  C  CA  . ASN A 1 67  ? -11.698 -5.478  1.573   1.00 21.22  ? 67  ASN A CA  1 
ATOM   523  C  C   . ASN A 1 67  ? -10.823 -5.954  0.451   1.00 19.61  ? 67  ASN A C   1 
ATOM   524  O  O   . ASN A 1 67  ? -10.722 -7.153  0.234   1.00 19.73  ? 67  ASN A O   1 
ATOM   525  C  CB  . ASN A 1 67  ? -11.264 -6.027  2.936   1.00 20.88  ? 67  ASN A CB  1 
ATOM   526  C  CG  . ASN A 1 67  ? -9.906  -5.463  3.418   1.00 23.07  ? 67  ASN A CG  1 
ATOM   527  O  OD1 . ASN A 1 67  ? -9.124  -4.869  2.654   1.00 24.04  ? 67  ASN A OD1 1 
ATOM   528  N  ND2 . ASN A 1 67  ? -9.631  -5.654  4.717   1.00 26.01  ? 67  ASN A ND2 1 
ATOM   529  N  N   . PRO A 1 68  ? -10.223 -5.020  -0.310  1.00 19.44  ? 68  PRO A N   1 
ATOM   530  C  CA  . PRO A 1 68  ? -9.374  -5.451  -1.458  1.00 18.53  ? 68  PRO A CA  1 
ATOM   531  C  C   . PRO A 1 68  ? -8.135  -6.152  -0.975  1.00 19.29  ? 68  PRO A C   1 
ATOM   532  O  O   . PRO A 1 68  ? -7.465  -6.834  -1.766  1.00 20.38  ? 68  PRO A O   1 
ATOM   533  C  CB  . PRO A 1 68  ? -9.026  -4.128  -2.160  1.00 19.18  ? 68  PRO A CB  1 
ATOM   534  C  CG  . PRO A 1 68  ? -10.233 -3.207  -1.801  1.00 17.70  ? 68  PRO A CG  1 
ATOM   535  C  CD  . PRO A 1 68  ? -10.547 -3.573  -0.369  1.00 18.75  ? 68  PRO A CD  1 
ATOM   536  N  N   . TYR A 1 69  ? -7.843  -6.061  0.331   1.00 18.89  ? 69  TYR A N   1 
ATOM   537  C  CA  . TYR A 1 69  ? -6.722  -6.811  0.863   1.00 17.56  ? 69  TYR A CA  1 
ATOM   538  C  C   . TYR A 1 69  ? -6.931  -8.294  0.798   1.00 16.30  ? 69  TYR A C   1 
ATOM   539  O  O   . TYR A 1 69  ? -5.946  -9.043  0.928   1.00 17.23  ? 69  TYR A O   1 
ATOM   540  C  CB  . TYR A 1 69  ? -6.430  -6.464  2.300   1.00 18.58  ? 69  TYR A CB  1 
ATOM   541  C  CG  . TYR A 1 69  ? -5.475  -5.342  2.446   1.00 19.38  ? 69  TYR A CG  1 
ATOM   542  C  CD1 . TYR A 1 69  ? -4.234  -5.348  1.766   1.00 22.41  ? 69  TYR A CD1 1 
ATOM   543  C  CD2 . TYR A 1 69  ? -5.791  -4.283  3.276   1.00 19.78  ? 69  TYR A CD2 1 
ATOM   544  C  CE1 . TYR A 1 69  ? -3.328  -4.305  1.915   1.00 22.62  ? 69  TYR A CE1 1 
ATOM   545  C  CE2 . TYR A 1 69  ? -4.946  -3.235  3.423   1.00 21.32  ? 69  TYR A CE2 1 
ATOM   546  C  CZ  . TYR A 1 69  ? -3.704  -3.245  2.784   1.00 25.94  ? 69  TYR A CZ  1 
ATOM   547  O  OH  . TYR A 1 69  ? -2.896  -2.143  2.993   1.00 27.75  ? 69  TYR A OH  1 
ATOM   548  N  N   . THR A 1 70  ? -8.165  -8.740  0.589   1.00 13.59  ? 70  THR A N   1 
ATOM   549  C  CA  . THR A 1 70  ? -8.399  -10.187 0.554   1.00 12.85  ? 70  THR A CA  1 
ATOM   550  C  C   . THR A 1 70  ? -8.111  -10.718 -0.837  1.00 12.73  ? 70  THR A C   1 
ATOM   551  O  O   . THR A 1 70  ? -8.077  -11.895 -1.025  1.00 13.76  ? 70  THR A O   1 
ATOM   552  C  CB  . THR A 1 70  ? -9.875  -10.585 0.875   1.00 12.83  ? 70  THR A CB  1 
ATOM   553  O  OG1 . THR A 1 70  ? -10.716 -10.042 -0.148  1.00 12.36  ? 70  THR A OG1 1 
ATOM   554  C  CG2 . THR A 1 70  ? -10.344 -10.104 2.265   1.00 7.72   ? 70  THR A CG2 1 
ATOM   555  N  N   . GLU A 1 71  ? -7.897  -9.854  -1.811  1.00 12.74  ? 71  GLU A N   1 
ATOM   556  C  CA  . GLU A 1 71  ? -7.846  -10.273 -3.185  1.00 13.36  ? 71  GLU A CA  1 
ATOM   557  C  C   . GLU A 1 71  ? -6.391  -10.513 -3.631  1.00 14.16  ? 71  GLU A C   1 
ATOM   558  O  O   . GLU A 1 71  ? -5.546  -9.585  -3.632  1.00 14.49  ? 71  GLU A O   1 
ATOM   559  C  CB  . GLU A 1 71  ? -8.493  -9.145  -4.003  1.00 14.55  ? 71  GLU A CB  1 
ATOM   560  C  CG  . GLU A 1 71  ? -8.258  -9.165  -5.513  1.00 16.37  ? 71  GLU A CG  1 
ATOM   561  C  CD  . GLU A 1 71  ? -9.163  -10.189 -6.182  1.00 21.36  ? 71  GLU A CD  1 
ATOM   562  O  OE1 . GLU A 1 71  ? -10.161 -9.805  -6.820  1.00 23.38  ? 71  GLU A OE1 1 
ATOM   563  O  OE2 . GLU A 1 71  ? -8.866  -11.383 -6.080  1.00 21.30  ? 71  GLU A OE2 1 
ATOM   564  N  N   . SER A 1 72  ? -6.118  -11.752 -4.023  1.00 13.13  ? 72  SER A N   1 
ATOM   565  C  CA  . SER A 1 72  ? -4.804  -12.216 -4.426  1.00 12.84  ? 72  SER A CA  1 
ATOM   566  C  C   . SER A 1 72  ? -4.676  -12.050 -5.928  1.00 13.28  ? 72  SER A C   1 
ATOM   567  O  O   . SER A 1 72  ? -5.602  -12.279 -6.693  1.00 11.50  ? 72  SER A O   1 
ATOM   568  C  CB  . SER A 1 72  ? -4.600  -13.732 -4.119  1.00 12.77  ? 72  SER A CB  1 
ATOM   569  O  OG  . SER A 1 72  ? -5.003  -14.087 -2.802  1.00 13.40  ? 72  SER A OG  1 
ATOM   570  N  N   . TYR A 1 73  ? -3.490  -11.670 -6.343  1.00 13.25  ? 73  TYR A N   1 
ATOM   571  C  CA  . TYR A 1 73  ? -3.266  -11.378 -7.747  1.00 14.09  ? 73  TYR A CA  1 
ATOM   572  C  C   . TYR A 1 73  ? -1.989  -12.141 -8.014  1.00 14.90  ? 73  TYR A C   1 
ATOM   573  O  O   . TYR A 1 73  ? -1.512  -12.884 -7.138  1.00 16.36  ? 73  TYR A O   1 
ATOM   574  C  CB  . TYR A 1 73  ? -3.142  -9.862  -7.986  1.00 11.63  ? 73  TYR A CB  1 
ATOM   575  C  CG  . TYR A 1 73  ? -2.259  -9.141  -6.955  1.00 10.75  ? 73  TYR A CG  1 
ATOM   576  C  CD1 . TYR A 1 73  ? -0.869  -9.383  -6.870  1.00 10.18  ? 73  TYR A CD1 1 
ATOM   577  C  CD2 . TYR A 1 73  ? -2.828  -8.230  -6.050  1.00 7.15   ? 73  TYR A CD2 1 
ATOM   578  C  CE1 . TYR A 1 73  ? -0.074  -8.692  -5.897  1.00 10.63  ? 73  TYR A CE1 1 
ATOM   579  C  CE2 . TYR A 1 73  ? -2.072  -7.553  -5.127  1.00 6.55   ? 73  TYR A CE2 1 
ATOM   580  C  CZ  . TYR A 1 73  ? -0.714  -7.773  -5.047  1.00 11.03  ? 73  TYR A CZ  1 
ATOM   581  O  OH  . TYR A 1 73  ? -0.011  -7.055  -4.091  1.00 12.36  ? 73  TYR A OH  1 
ATOM   582  N  N   . SER A 1 74  ? -1.418  -11.966 -9.188  1.00 15.31  ? 74  SER A N   1 
ATOM   583  C  CA  . SER A 1 74  ? -0.167  -12.632 -9.484  1.00 15.56  ? 74  SER A CA  1 
ATOM   584  C  C   . SER A 1 74  ? 0.888   -11.563 -9.744  1.00 15.49  ? 74  SER A C   1 
ATOM   585  O  O   . SER A 1 74  ? 0.665   -10.603 -10.473 1.00 15.08  ? 74  SER A O   1 
ATOM   586  C  CB  . SER A 1 74  ? -0.406  -13.519 -10.692 1.00 15.14  ? 74  SER A CB  1 
ATOM   587  O  OG  . SER A 1 74  ? 0.745   -14.261 -10.944 1.00 21.03  ? 74  SER A OG  1 
ATOM   588  N  N   . TYR A 1 75  ? 2.034   -11.657 -9.108  1.00 15.67  ? 75  TYR A N   1 
ATOM   589  C  CA  . TYR A 1 75  ? 3.047   -10.695 -9.445  1.00 16.17  ? 75  TYR A CA  1 
ATOM   590  C  C   . TYR A 1 75  ? 4.390   -11.403 -9.336  1.00 16.75  ? 75  TYR A C   1 
ATOM   591  O  O   . TYR A 1 75  ? 4.485   -12.491 -8.777  1.00 15.91  ? 75  TYR A O   1 
ATOM   592  C  CB  . TYR A 1 75  ? 2.994   -9.502  -8.462  1.00 16.95  ? 75  TYR A CB  1 
ATOM   593  C  CG  . TYR A 1 75  ? 3.591   -9.878  -7.144  1.00 17.58  ? 75  TYR A CG  1 
ATOM   594  C  CD1 . TYR A 1 75  ? 4.867   -9.438  -6.772  1.00 20.40  ? 75  TYR A CD1 1 
ATOM   595  C  CD2 . TYR A 1 75  ? 2.919   -10.760 -6.318  1.00 20.19  ? 75  TYR A CD2 1 
ATOM   596  C  CE1 . TYR A 1 75  ? 5.430   -9.848  -5.573  1.00 22.63  ? 75  TYR A CE1 1 
ATOM   597  C  CE2 . TYR A 1 75  ? 3.456   -11.169 -5.146  1.00 22.23  ? 75  TYR A CE2 1 
ATOM   598  C  CZ  . TYR A 1 75  ? 4.705   -10.728 -4.784  1.00 23.95  ? 75  TYR A CZ  1 
ATOM   599  O  OH  . TYR A 1 75  ? 5.170   -11.203 -3.594  1.00 28.77  ? 75  TYR A OH  1 
ATOM   600  N  N   . SER A 1 76  ? 5.445   -10.775 -9.827  1.00 17.33  ? 76  SER A N   1 
ATOM   601  C  CA  . SER A 1 76  ? 6.739   -11.330 -9.569  1.00 19.23  ? 76  SER A CA  1 
ATOM   602  C  C   . SER A 1 76  ? 7.712   -10.214 -9.200  1.00 20.56  ? 76  SER A C   1 
ATOM   603  O  O   . SER A 1 76  ? 7.467   -9.015  -9.471  1.00 20.23  ? 76  SER A O   1 
ATOM   604  C  CB  . SER A 1 76  ? 7.226   -12.124 -10.782 1.00 19.57  ? 76  SER A CB  1 
ATOM   605  O  OG  . SER A 1 76  ? 7.200   -11.290 -11.936 1.00 20.32  ? 76  SER A OG  1 
ATOM   606  N  N   . CYS A 1 77  ? 8.794   -10.626 -8.551  1.00 21.19  ? 77  CYS A N   1 
ATOM   607  C  CA  . CYS A 1 77  ? 9.869   -9.744  -8.184  1.00 22.68  ? 77  CYS A CA  1 
ATOM   608  C  C   . CYS A 1 77  ? 11.144  -10.158 -8.853  1.00 23.87  ? 77  CYS A C   1 
ATOM   609  O  O   . CYS A 1 77  ? 11.564  -11.308 -8.714  1.00 24.60  ? 77  CYS A O   1 
ATOM   610  C  CB  . CYS A 1 77  ? 10.125  -9.844  -6.704  1.00 22.61  ? 77  CYS A CB  1 
ATOM   611  S  SG  . CYS A 1 77  ? 11.512  -8.820  -6.194  1.00 24.26  ? 77  CYS A SG  1 
ATOM   612  N  N   . SER A 1 78  ? 11.807  -9.224  -9.529  1.00 25.16  ? 78  SER A N   1 
ATOM   613  C  CA  . SER A 1 78  ? 13.101  -9.522  -10.107 1.00 26.48  ? 78  SER A CA  1 
ATOM   614  C  C   . SER A 1 78  ? 14.017  -8.337  -9.970  1.00 26.82  ? 78  SER A C   1 
ATOM   615  O  O   . SER A 1 78  ? 13.710  -7.270  -10.503 1.00 27.74  ? 78  SER A O   1 
ATOM   616  C  CB  . SER A 1 78  ? 12.940  -9.856  -11.577 1.00 26.43  ? 78  SER A CB  1 
ATOM   617  O  OG  . SER A 1 78  ? 14.166  -10.331 -12.074 1.00 30.78  ? 78  SER A OG  1 
ATOM   618  N  N   . ASN A 1 79  ? 15.143  -8.521  -9.277  1.00 27.05  ? 79  ASN A N   1 
ATOM   619  C  CA  . ASN A 1 79  ? 16.143  -7.464  -9.095  1.00 27.28  ? 79  ASN A CA  1 
ATOM   620  C  C   . ASN A 1 79  ? 15.511  -6.166  -8.614  1.00 26.20  ? 79  ASN A C   1 
ATOM   621  O  O   . ASN A 1 79  ? 15.777  -5.098  -9.168  1.00 25.19  ? 79  ASN A O   1 
ATOM   622  C  CB  . ASN A 1 79  ? 16.938  -7.178  -10.389 1.00 27.71  ? 79  ASN A CB  1 
ATOM   623  C  CG  . ASN A 1 79  ? 17.800  -8.344  -10.816 1.00 31.74  ? 79  ASN A CG  1 
ATOM   624  O  OD1 . ASN A 1 79  ? 17.661  -8.866  -11.933 1.00 35.06  ? 79  ASN A OD1 1 
ATOM   625  N  ND2 . ASN A 1 79  ? 18.702  -8.773  -9.928  1.00 34.16  ? 79  ASN A ND2 1 
ATOM   626  N  N   . THR A 1 80  ? 14.629  -6.248  -7.624  1.00 25.49  ? 80  THR A N   1 
ATOM   627  C  CA  . THR A 1 80  ? 14.113  -4.999  -7.101  1.00 24.50  ? 80  THR A CA  1 
ATOM   628  C  C   . THR A 1 80  ? 12.897  -4.486  -7.862  1.00 23.83  ? 80  THR A C   1 
ATOM   629  O  O   . THR A 1 80  ? 12.206  -3.610  -7.347  1.00 24.12  ? 80  THR A O   1 
ATOM   630  C  CB  . THR A 1 80  ? 15.290  -3.965  -7.098  1.00 24.58  ? 80  THR A CB  1 
ATOM   631  O  OG1 . THR A 1 80  ? 15.846  -3.923  -5.785  1.00 24.25  ? 80  THR A OG1 1 
ATOM   632  C  CG2 . THR A 1 80  ? 14.906  -2.553  -7.596  1.00 24.12  ? 80  THR A CG2 1 
ATOM   633  N  N   . GLU A 1 81  ? 12.623  -5.052  -9.045  1.00 22.96  ? 81  GLU A N   1 
ATOM   634  C  CA  . GLU A 1 81  ? 11.537  -4.635  -9.950  1.00 22.60  ? 81  GLU A CA  1 
ATOM   635  C  C   . GLU A 1 81  ? 10.287  -5.493  -9.719  1.00 21.42  ? 81  GLU A C   1 
ATOM   636  O  O   . GLU A 1 81  ? 10.374  -6.722  -9.770  1.00 21.09  ? 81  GLU A O   1 
ATOM   637  C  CB  . GLU A 1 81  ? 12.025  -4.809  -11.412 1.00 24.25  ? 81  GLU A CB  1 
ATOM   638  C  CG  . GLU A 1 81  ? 11.133  -4.273  -12.570 1.00 28.57  ? 81  GLU A CG  1 
ATOM   639  C  CD  . GLU A 1 81  ? 10.573  -2.838  -12.319 1.00 34.76  ? 81  GLU A CD  1 
ATOM   640  O  OE1 . GLU A 1 81  ? 11.314  -1.928  -11.834 1.00 32.59  ? 81  GLU A OE1 1 
ATOM   641  O  OE2 . GLU A 1 81  ? 9.362   -2.630  -12.610 1.00 37.66  ? 81  GLU A OE2 1 
ATOM   642  N  N   . ILE A 1 82  ? 9.138   -4.856  -9.450  1.00 19.58  ? 82  ILE A N   1 
ATOM   643  C  CA  . ILE A 1 82  ? 7.829   -5.561  -9.337  1.00 17.99  ? 82  ILE A CA  1 
ATOM   644  C  C   . ILE A 1 82  ? 7.130   -5.574  -10.681 1.00 17.60  ? 82  ILE A C   1 
ATOM   645  O  O   . ILE A 1 82  ? 6.990   -4.529  -11.295 1.00 17.98  ? 82  ILE A O   1 
ATOM   646  C  CB  . ILE A 1 82  ? 6.889   -4.855  -8.287  1.00 17.66  ? 82  ILE A CB  1 
ATOM   647  C  CG1 . ILE A 1 82  ? 7.600   -4.757  -6.947  1.00 17.75  ? 82  ILE A CG1 1 
ATOM   648  C  CG2 . ILE A 1 82  ? 5.531   -5.534  -8.117  1.00 14.16  ? 82  ILE A CG2 1 
ATOM   649  C  CD1 . ILE A 1 82  ? 7.082   -3.618  -6.116  1.00 15.04  ? 82  ILE A CD1 1 
ATOM   650  N  N   . THR A 1 83  ? 6.659   -6.734  -11.128 1.00 17.35  ? 83  THR A N   1 
ATOM   651  C  CA  . THR A 1 83  ? 5.828   -6.804  -12.322 1.00 17.19  ? 83  THR A CA  1 
ATOM   652  C  C   . THR A 1 83  ? 4.444   -7.375  -11.967 1.00 17.83  ? 83  THR A C   1 
ATOM   653  O  O   . THR A 1 83  ? 4.343   -8.465  -11.418 1.00 18.75  ? 83  THR A O   1 
ATOM   654  C  CB  . THR A 1 83  ? 6.536   -7.613  -13.459 1.00 17.84  ? 83  THR A CB  1 
ATOM   655  O  OG1 . THR A 1 83  ? 7.796   -6.982  -13.784 1.00 18.43  ? 83  THR A OG1 1 
ATOM   656  C  CG2 . THR A 1 83  ? 5.656   -7.680  -14.762 1.00 17.22  ? 83  THR A CG2 1 
ATOM   657  N  N   . CYS A 1 84  ? 3.377   -6.638  -12.253 1.00 17.34  ? 84  CYS A N   1 
ATOM   658  C  CA  . CYS A 1 84  ? 2.042   -7.193  -12.089 1.00 17.15  ? 84  CYS A CA  1 
ATOM   659  C  C   . CYS A 1 84  ? 1.728   -8.059  -13.338 1.00 17.87  ? 84  CYS A C   1 
ATOM   660  O  O   . CYS A 1 84  ? 1.894   -7.608  -14.500 1.00 18.25  ? 84  CYS A O   1 
ATOM   661  C  CB  . CYS A 1 84  ? 1.015   -6.079  -11.907 1.00 16.87  ? 84  CYS A CB  1 
ATOM   662  S  SG  . CYS A 1 84  ? 1.043   -5.337  -10.251 1.00 16.99  ? 84  CYS A SG  1 
ATOM   663  N  N   . ASN A 1 85  ? 1.289   -9.300  -13.108 1.00 16.64  ? 85  ASN A N   1 
ATOM   664  C  CA  . ASN A 1 85  ? 0.991   -10.199 -14.215 1.00 15.21  ? 85  ASN A CA  1 
ATOM   665  C  C   . ASN A 1 85  ? -0.176  -9.642  -15.024 1.00 14.56  ? 85  ASN A C   1 
ATOM   666  O  O   . ASN A 1 85  ? -1.167  -9.231  -14.442 1.00 13.35  ? 85  ASN A O   1 
ATOM   667  C  CB  . ASN A 1 85  ? 0.555   -11.541 -13.683 1.00 14.86  ? 85  ASN A CB  1 
ATOM   668  C  CG  . ASN A 1 85  ? 0.747   -12.608 -14.669 1.00 16.04  ? 85  ASN A CG  1 
ATOM   669  O  OD1 . ASN A 1 85  ? 0.275   -12.532 -15.796 1.00 14.22  ? 85  ASN A OD1 1 
ATOM   670  N  ND2 . ASN A 1 85  ? 1.499   -13.610 -14.275 1.00 16.58  ? 85  ASN A ND2 1 
ATOM   671  N  N   . SER A 1 86  ? -0.076  -9.712  -16.350 1.00 13.85  ? 86  SER A N   1 
ATOM   672  C  CA  . SER A 1 86  ? -1.044  -9.110  -17.242 1.00 13.59  ? 86  SER A CA  1 
ATOM   673  C  C   . SER A 1 86  ? -2.290  -10.001 -17.311 1.00 13.29  ? 86  SER A C   1 
ATOM   674  O  O   . SER A 1 86  ? -3.324  -9.567  -17.781 1.00 14.47  ? 86  SER A O   1 
ATOM   675  C  CB  . SER A 1 86  ? -0.396  -8.912  -18.629 1.00 13.45  ? 86  SER A CB  1 
ATOM   676  O  OG  . SER A 1 86  ? 0.040   -10.172 -19.119 1.00 16.10  ? 86  SER A OG  1 
ATOM   677  N  N   . LYS A 1 87  ? -2.186  -11.235 -16.803 1.00 12.30  ? 87  LYS A N   1 
ATOM   678  C  CA  . LYS A 1 87  ? -3.278  -12.188 -16.777 1.00 11.11  ? 87  LYS A CA  1 
ATOM   679  C  C   . LYS A 1 87  ? -4.193  -12.030 -15.538 1.00 12.06  ? 87  LYS A C   1 
ATOM   680  O  O   . LYS A 1 87  ? -5.251  -12.718 -15.402 1.00 11.02  ? 87  LYS A O   1 
ATOM   681  C  CB  . LYS A 1 87  ? -2.750  -13.642 -16.997 1.00 11.47  ? 87  LYS A CB  1 
ATOM   682  C  CG  . LYS A 1 87  ? -2.136  -13.838 -18.427 1.00 9.40   ? 87  LYS A CG  1 
ATOM   683  C  CD  . LYS A 1 87  ? -1.692  -15.273 -18.706 1.00 16.16  ? 87  LYS A CD  1 
ATOM   684  C  CE  . LYS A 1 87  ? -0.659  -15.794 -17.636 1.00 19.65  ? 87  LYS A CE  1 
ATOM   685  N  NZ  . LYS A 1 87  ? 0.745   -15.222 -17.638 1.00 17.63  ? 87  LYS A NZ  1 
ATOM   686  N  N   . ASN A 1 88  ? -3.806  -11.111 -14.645 1.00 12.49  ? 88  ASN A N   1 
ATOM   687  C  CA  . ASN A 1 88  ? -4.689  -10.660 -13.539 1.00 12.86  ? 88  ASN A CA  1 
ATOM   688  C  C   . ASN A 1 88  ? -5.949  -10.116 -14.162 1.00 13.00  ? 88  ASN A C   1 
ATOM   689  O  O   . ASN A 1 88  ? -5.868  -9.416  -15.162 1.00 13.34  ? 88  ASN A O   1 
ATOM   690  C  CB  . ASN A 1 88  ? -4.031  -9.505  -12.761 1.00 12.62  ? 88  ASN A CB  1 
ATOM   691  C  CG  . ASN A 1 88  ? -2.902  -9.984  -11.866 1.00 14.85  ? 88  ASN A CG  1 
ATOM   692  O  OD1 . ASN A 1 88  ? -2.845  -11.176 -11.490 1.00 15.75  ? 88  ASN A OD1 1 
ATOM   693  N  ND2 . ASN A 1 88  ? -1.955  -9.079  -11.569 1.00 11.31  ? 88  ASN A ND2 1 
ATOM   694  N  N   . ASN A 1 89  ? -7.116  -10.422 -13.612 1.00 12.80  ? 89  ASN A N   1 
ATOM   695  C  CA  . ASN A 1 89  ? -8.363  -9.775  -14.084 1.00 11.09  ? 89  ASN A CA  1 
ATOM   696  C  C   . ASN A 1 89  ? -8.363  -8.294  -13.687 1.00 11.25  ? 89  ASN A C   1 
ATOM   697  O  O   . ASN A 1 89  ? -7.490  -7.866  -12.885 1.00 12.93  ? 89  ASN A O   1 
ATOM   698  C  CB  . ASN A 1 89  ? -9.608  -10.549 -13.588 1.00 12.01  ? 89  ASN A CB  1 
ATOM   699  C  CG  . ASN A 1 89  ? -9.877  -10.387 -12.078 1.00 11.40  ? 89  ASN A CG  1 
ATOM   700  O  OD1 . ASN A 1 89  ? -9.819  -9.265  -11.519 1.00 8.05   ? 89  ASN A OD1 1 
ATOM   701  N  ND2 . ASN A 1 89  ? -10.178 -11.505 -11.416 1.00 12.18  ? 89  ASN A ND2 1 
ATOM   702  N  N   . ALA A 1 90  ? -9.268  -7.509  -14.265 1.00 10.03  ? 90  ALA A N   1 
ATOM   703  C  CA  . ALA A 1 90  ? -9.265  -6.072  -14.138 1.00 10.51  ? 90  ALA A CA  1 
ATOM   704  C  C   . ALA A 1 90  ? -9.266  -5.634  -12.675 1.00 11.41  ? 90  ALA A C   1 
ATOM   705  O  O   . ALA A 1 90  ? -8.703  -4.592  -12.353 1.00 12.99  ? 90  ALA A O   1 
ATOM   706  C  CB  . ALA A 1 90  ? -10.503 -5.461  -14.874 1.00 9.58   ? 90  ALA A CB  1 
ATOM   707  N  N   . CYS A 1 91  ? -9.914  -6.396  -11.800 1.00 10.99  ? 91  CYS A N   1 
ATOM   708  C  CA  . CYS A 1 91  ? -10.012 -6.003  -10.385 1.00 12.33  ? 91  CYS A CA  1 
ATOM   709  C  C   . CYS A 1 91  ? -8.711  -6.326  -9.709  1.00 11.95  ? 91  CYS A C   1 
ATOM   710  O  O   . CYS A 1 91  ? -8.196  -5.495  -8.961  1.00 13.30  ? 91  CYS A O   1 
ATOM   711  C  CB  . CYS A 1 91  ? -11.133 -6.757  -9.644  1.00 11.93  ? 91  CYS A CB  1 
ATOM   712  S  SG  . CYS A 1 91  ? -12.802 -6.513  -10.342 1.00 18.14  ? 91  CYS A SG  1 
ATOM   713  N  N   . GLU A 1 92  ? -8.180  -7.522  -9.973  1.00 10.74  ? 92  GLU A N   1 
ATOM   714  C  CA  . GLU A 1 92  ? -6.826  -7.930  -9.485  1.00 11.02  ? 92  GLU A CA  1 
ATOM   715  C  C   . GLU A 1 92  ? -5.741  -7.013  -9.981  1.00 11.24  ? 92  GLU A C   1 
ATOM   716  O  O   . GLU A 1 92  ? -4.881  -6.587  -9.192  1.00 12.63  ? 92  GLU A O   1 
ATOM   717  C  CB  . GLU A 1 92  ? -6.490  -9.365  -9.914  1.00 10.59  ? 92  GLU A CB  1 
ATOM   718  C  CG  . GLU A 1 92  ? -7.419  -10.354 -9.317  1.00 8.13   ? 92  GLU A CG  1 
ATOM   719  C  CD  . GLU A 1 92  ? -7.272  -11.755 -9.905  1.00 12.50  ? 92  GLU A CD  1 
ATOM   720  O  OE1 . GLU A 1 92  ? -7.693  -12.719 -9.219  1.00 14.06  ? 92  GLU A OE1 1 
ATOM   721  O  OE2 . GLU A 1 92  ? -6.817  -11.913 -11.050 1.00 9.95   ? 92  GLU A OE2 1 
ATOM   722  N  N   . ALA A 1 93  ? -5.808  -6.644  -11.265 1.00 10.00  ? 93  ALA A N   1 
ATOM   723  C  CA  . ALA A 1 93  ? -4.788  -5.756  -11.802 1.00 10.21  ? 93  ALA A CA  1 
ATOM   724  C  C   . ALA A 1 93  ? -4.846  -4.413  -11.082 1.00 11.86  ? 93  ALA A C   1 
ATOM   725  O  O   . ALA A 1 93  ? -3.788  -3.834  -10.811 1.00 12.30  ? 93  ALA A O   1 
ATOM   726  C  CB  . ALA A 1 93  ? -4.947  -5.547  -13.312 1.00 7.90   ? 93  ALA A CB  1 
ATOM   727  N  N   . PHE A 1 94  ? -6.057  -3.896  -10.796 1.00 12.86  ? 94  PHE A N   1 
ATOM   728  C  CA  . PHE A 1 94  ? -6.170  -2.611  -10.114 1.00 13.86  ? 94  PHE A CA  1 
ATOM   729  C  C   . PHE A 1 94  ? -5.482  -2.639  -8.743  1.00 14.31  ? 94  PHE A C   1 
ATOM   730  O  O   . PHE A 1 94  ? -4.639  -1.814  -8.453  1.00 15.00  ? 94  PHE A O   1 
ATOM   731  C  CB  . PHE A 1 94  ? -7.629  -2.242  -9.937  1.00 15.28  ? 94  PHE A CB  1 
ATOM   732  C  CG  . PHE A 1 94  ? -7.846  -0.757  -9.683  1.00 19.94  ? 94  PHE A CG  1 
ATOM   733  C  CD1 . PHE A 1 94  ? -7.799  -0.235  -8.376  1.00 20.90  ? 94  PHE A CD1 1 
ATOM   734  C  CD2 . PHE A 1 94  ? -8.074  0.127   -10.759 1.00 22.00  ? 94  PHE A CD2 1 
ATOM   735  C  CE1 . PHE A 1 94  ? -7.987  1.164   -8.112  1.00 25.00  ? 94  PHE A CE1 1 
ATOM   736  C  CE2 . PHE A 1 94  ? -8.269  1.546   -10.520 1.00 27.42  ? 94  PHE A CE2 1 
ATOM   737  C  CZ  . PHE A 1 94  ? -8.215  2.061   -9.178  1.00 24.54  ? 94  PHE A CZ  1 
ATOM   738  N  N   . ILE A 1 95  ? -5.833  -3.615  -7.905  1.00 14.55  ? 95  ILE A N   1 
ATOM   739  C  CA  . ILE A 1 95  ? -5.190  -3.845  -6.631  1.00 14.34  ? 95  ILE A CA  1 
ATOM   740  C  C   . ILE A 1 95  ? -3.681  -4.066  -6.782  1.00 15.51  ? 95  ILE A C   1 
ATOM   741  O  O   . ILE A 1 95  ? -2.866  -3.426  -6.052  1.00 16.34  ? 95  ILE A O   1 
ATOM   742  C  CB  . ILE A 1 95  ? -5.836  -5.062  -5.931  1.00 14.60  ? 95  ILE A CB  1 
ATOM   743  C  CG1 . ILE A 1 95  ? -7.365  -4.827  -5.806  1.00 15.46  ? 95  ILE A CG1 1 
ATOM   744  C  CG2 . ILE A 1 95  ? -5.233  -5.274  -4.590  1.00 13.03  ? 95  ILE A CG2 1 
ATOM   745  C  CD1 . ILE A 1 95  ? -7.690  -3.353  -5.335  1.00 11.58  ? 95  ILE A CD1 1 
ATOM   746  N  N   . CYS A 1 96  ? -3.291  -4.939  -7.717  1.00 14.54  ? 96  CYS A N   1 
ATOM   747  C  CA  . CYS A 1 96  ? -1.884  -5.115  -7.973  1.00 15.32  ? 96  CYS A CA  1 
ATOM   748  C  C   . CYS A 1 96  ? -1.162  -3.771  -8.169  1.00 15.75  ? 96  CYS A C   1 
ATOM   749  O  O   . CYS A 1 96  ? -0.157  -3.504  -7.519  1.00 15.51  ? 96  CYS A O   1 
ATOM   750  C  CB  . CYS A 1 96  ? -1.643  -6.073  -9.139  1.00 15.27  ? 96  CYS A CB  1 
ATOM   751  S  SG  . CYS A 1 96  ? 0.093   -6.716  -9.132  1.00 18.23  ? 96  CYS A SG  1 
ATOM   752  N  N   . ASN A 1 97  ? -1.693  -2.920  -9.048  1.00 16.27  ? 97  ASN A N   1 
ATOM   753  C  CA  . ASN A 1 97  ? -1.149  -1.605  -9.268  1.00 17.15  ? 97  ASN A CA  1 
ATOM   754  C  C   . ASN A 1 97  ? -1.208  -0.643  -8.082  1.00 16.91  ? 97  ASN A C   1 
ATOM   755  O  O   . ASN A 1 97  ? -0.321  0.180   -7.937  1.00 18.58  ? 97  ASN A O   1 
ATOM   756  C  CB  . ASN A 1 97  ? -1.777  -0.983  -10.533 1.00 18.50  ? 97  ASN A CB  1 
ATOM   757  C  CG  . ASN A 1 97  ? -1.226  -1.608  -11.795 1.00 21.83  ? 97  ASN A CG  1 
ATOM   758  O  OD1 . ASN A 1 97  ? -1.940  -2.285  -12.547 1.00 26.25  ? 97  ASN A OD1 1 
ATOM   759  N  ND2 . ASN A 1 97  ? 0.060   -1.440  -12.005 1.00 20.87  ? 97  ASN A ND2 1 
ATOM   760  N  N   . CYS A 1 98  ? -2.233  -0.696  -7.245  1.00 16.61  ? 98  CYS A N   1 
ATOM   761  C  CA  . CYS A 1 98  ? -2.168  0.066   -5.987  1.00 17.07  ? 98  CYS A CA  1 
ATOM   762  C  C   . CYS A 1 98  ? -0.980  -0.369  -5.140  1.00 17.42  ? 98  CYS A C   1 
ATOM   763  O  O   . CYS A 1 98  ? -0.318  0.466   -4.542  1.00 18.61  ? 98  CYS A O   1 
ATOM   764  C  CB  . CYS A 1 98  ? -3.431  -0.109  -5.134  1.00 15.87  ? 98  CYS A CB  1 
ATOM   765  S  SG  . CYS A 1 98  ? -4.992  0.426   -5.897  1.00 16.62  ? 98  CYS A SG  1 
ATOM   766  N  N   . ASP A 1 99  ? -0.756  -1.677  -5.032  1.00 16.77  ? 99  ASP A N   1 
ATOM   767  C  CA  . ASP A 1 99  ? 0.293   -2.190  -4.165  1.00 16.30  ? 99  ASP A CA  1 
ATOM   768  C  C   . ASP A 1 99  ? 1.658   -1.887  -4.791  1.00 16.50  ? 99  ASP A C   1 
ATOM   769  O  O   . ASP A 1 99  ? 2.581   -1.403  -4.120  1.00 17.64  ? 99  ASP A O   1 
ATOM   770  C  CB  . ASP A 1 99  ? 0.123   -3.707  -3.879  1.00 15.87  ? 99  ASP A CB  1 
ATOM   771  C  CG  . ASP A 1 99  ? -1.100  -4.021  -3.021  1.00 15.75  ? 99  ASP A CG  1 
ATOM   772  O  OD1 . ASP A 1 99  ? -1.343  -5.233  -2.834  1.00 14.76  ? 99  ASP A OD1 1 
ATOM   773  O  OD2 . ASP A 1 99  ? -1.808  -3.085  -2.549  1.00 13.16  ? 99  ASP A OD2 1 
ATOM   774  N  N   . ARG A 1 100 ? 1.803   -2.115  -6.070  1.00 16.81  ? 100 ARG A N   1 
ATOM   775  C  CA  . ARG A 1 100 ? 3.094   -1.825  -6.715  1.00 18.35  ? 100 ARG A CA  1 
ATOM   776  C  C   . ARG A 1 100 ? 3.439   -0.319  -6.658  1.00 18.50  ? 100 ARG A C   1 
ATOM   777  O  O   . ARG A 1 100 ? 4.541   0.077   -6.271  1.00 19.83  ? 100 ARG A O   1 
ATOM   778  C  CB  . ARG A 1 100 ? 3.041   -2.293  -8.154  1.00 18.71  ? 100 ARG A CB  1 
ATOM   779  C  CG  . ARG A 1 100 ? 4.204   -1.948  -8.941  1.00 19.32  ? 100 ARG A CG  1 
ATOM   780  C  CD  . ARG A 1 100 ? 3.955   -2.382  -10.354 1.00 20.71  ? 100 ARG A CD  1 
ATOM   781  N  NE  . ARG A 1 100 ? 5.206   -2.176  -11.062 1.00 22.52  ? 100 ARG A NE  1 
ATOM   782  C  CZ  . ARG A 1 100 ? 5.522   -1.060  -11.716 1.00 20.64  ? 100 ARG A CZ  1 
ATOM   783  N  NH1 . ARG A 1 100 ? 4.662   -0.058  -11.802 1.00 17.38  ? 100 ARG A NH1 1 
ATOM   784  N  NH2 . ARG A 1 100 ? 6.701   -0.973  -12.313 1.00 19.42  ? 100 ARG A NH2 1 
ATOM   785  N  N   . ASN A 1 101 ? 2.500   0.534   -7.014  1.00 17.38  ? 101 ASN A N   1 
ATOM   786  C  CA  . ASN A 1 101 ? 2.788   1.955   -6.925  1.00 16.47  ? 101 ASN A CA  1 
ATOM   787  C  C   . ASN A 1 101 ? 3.114   2.368   -5.521  1.00 16.39  ? 101 ASN A C   1 
ATOM   788  O  O   . ASN A 1 101 ? 3.951   3.216   -5.348  1.00 17.09  ? 101 ASN A O   1 
ATOM   789  C  CB  . ASN A 1 101 ? 1.639   2.766   -7.466  1.00 16.15  ? 101 ASN A CB  1 
ATOM   790  C  CG  . ASN A 1 101 ? 1.507   2.602   -8.980  1.00 18.95  ? 101 ASN A CG  1 
ATOM   791  O  OD1 . ASN A 1 101 ? 2.513   2.352   -9.677  1.00 19.99  ? 101 ASN A OD1 1 
ATOM   792  N  ND2 . ASN A 1 101 ? 0.290   2.784   -9.506  1.00 16.69  ? 101 ASN A ND2 1 
ATOM   793  N  N   . ALA A 1 102 ? 2.480   1.769   -4.517  1.00 15.88  ? 102 ALA A N   1 
ATOM   794  C  CA  . ALA A 1 102 ? 2.804   2.107   -3.149  1.00 16.57  ? 102 ALA A CA  1 
ATOM   795  C  C   . ALA A 1 102 ? 4.183   1.608   -2.797  1.00 16.99  ? 102 ALA A C   1 
ATOM   796  O  O   . ALA A 1 102 ? 4.909   2.322   -2.152  1.00 18.44  ? 102 ALA A O   1 
ATOM   797  C  CB  . ALA A 1 102 ? 1.777   1.566   -2.147  1.00 15.82  ? 102 ALA A CB  1 
ATOM   798  N  N   . ALA A 1 103 ? 4.556   0.400   -3.208  1.00 17.47  ? 103 ALA A N   1 
ATOM   799  C  CA  . ALA A 1 103 ? 5.900   -0.127  -2.887  1.00 17.79  ? 103 ALA A CA  1 
ATOM   800  C  C   . ALA A 1 103 ? 6.990   0.710   -3.539  1.00 18.18  ? 103 ALA A C   1 
ATOM   801  O  O   . ALA A 1 103 ? 8.020   1.003   -2.921  1.00 19.02  ? 103 ALA A O   1 
ATOM   802  C  CB  . ALA A 1 103 ? 6.047   -1.630  -3.287  1.00 16.62  ? 103 ALA A CB  1 
ATOM   803  N  N   . ILE A 1 104 ? 6.760   1.120   -4.783  1.00 18.96  ? 104 ILE A N   1 
ATOM   804  C  CA  . ILE A 1 104 ? 7.734   1.943   -5.515  1.00 18.79  ? 104 ILE A CA  1 
ATOM   805  C  C   . ILE A 1 104 ? 7.878   3.284   -4.808  1.00 19.63  ? 104 ILE A C   1 
ATOM   806  O  O   . ILE A 1 104 ? 9.004   3.719   -4.562  1.00 20.21  ? 104 ILE A O   1 
ATOM   807  C  CB  . ILE A 1 104 ? 7.315   2.095   -7.007  1.00 19.55  ? 104 ILE A CB  1 
ATOM   808  C  CG1 . ILE A 1 104 ? 7.492   0.754   -7.778  1.00 17.20  ? 104 ILE A CG1 1 
ATOM   809  C  CG2 . ILE A 1 104 ? 8.039   3.256   -7.695  1.00 16.18  ? 104 ILE A CG2 1 
ATOM   810  C  CD1 . ILE A 1 104 ? 7.035   0.834   -9.237  1.00 12.55  ? 104 ILE A CD1 1 
ATOM   811  N  N   . CYS A 1 105 ? 6.730   3.891   -4.451  1.00 19.66  ? 105 CYS A N   1 
ATOM   812  C  CA  . CYS A 1 105 ? 6.620   5.162   -3.700  1.00 19.19  ? 105 CYS A CA  1 
ATOM   813  C  C   . CYS A 1 105 ? 7.318   5.063   -2.325  1.00 19.99  ? 105 CYS A C   1 
ATOM   814  O  O   . CYS A 1 105 ? 8.159   5.893   -2.000  1.00 21.10  ? 105 CYS A O   1 
ATOM   815  C  CB  . CYS A 1 105 ? 5.144   5.532   -3.522  1.00 18.13  ? 105 CYS A CB  1 
ATOM   816  S  SG  . CYS A 1 105 ? 4.738   7.232   -2.966  1.00 17.30  ? 105 CYS A SG  1 
ATOM   817  N  N   . PHE A 1 106 ? 7.026   4.020   -1.541  1.00 19.64  ? 106 PHE A N   1 
ATOM   818  C  CA  . PHE A 1 106 ? 7.727   3.810   -0.272  1.00 18.69  ? 106 PHE A CA  1 
ATOM   819  C  C   . PHE A 1 106 ? 9.224   3.768   -0.485  1.00 19.31  ? 106 PHE A C   1 
ATOM   820  O  O   . PHE A 1 106 ? 9.968   4.281   0.347   1.00 20.47  ? 106 PHE A O   1 
ATOM   821  C  CB  . PHE A 1 106 ? 7.344   2.482   0.345   1.00 18.89  ? 106 PHE A CB  1 
ATOM   822  C  CG  . PHE A 1 106 ? 5.931   2.400   0.886   1.00 19.29  ? 106 PHE A CG  1 
ATOM   823  C  CD1 . PHE A 1 106 ? 4.996   3.414   0.704   1.00 18.68  ? 106 PHE A CD1 1 
ATOM   824  C  CD2 . PHE A 1 106 ? 5.538   1.257   1.580   1.00 19.79  ? 106 PHE A CD2 1 
ATOM   825  C  CE1 . PHE A 1 106 ? 3.680   3.267   1.178   1.00 19.15  ? 106 PHE A CE1 1 
ATOM   826  C  CE2 . PHE A 1 106 ? 4.252   1.133   2.076   1.00 19.31  ? 106 PHE A CE2 1 
ATOM   827  C  CZ  . PHE A 1 106 ? 3.316   2.145   1.891   1.00 17.52  ? 106 PHE A CZ  1 
ATOM   828  N  N   . SER A 1 107 ? 9.685   3.171   -1.585  1.00 18.73  ? 107 SER A N   1 
ATOM   829  C  CA  . SER A 1 107 ? 11.116  3.004   -1.781  1.00 19.77  ? 107 SER A CA  1 
ATOM   830  C  C   . SER A 1 107 ? 11.891  4.298   -2.112  1.00 20.93  ? 107 SER A C   1 
ATOM   831  O  O   . SER A 1 107 ? 13.108  4.316   -2.030  1.00 20.40  ? 107 SER A O   1 
ATOM   832  C  CB  . SER A 1 107 ? 11.399  1.950   -2.859  1.00 19.06  ? 107 SER A CB  1 
ATOM   833  O  OG  . SER A 1 107 ? 11.384  2.546   -4.133  1.00 18.44  ? 107 SER A OG  1 
ATOM   834  N  N   . LYS A 1 108 ? 11.174  5.352   -2.508  1.00 22.25  ? 108 LYS A N   1 
ATOM   835  C  CA  . LYS A 1 108 ? 11.758  6.605   -2.929  1.00 23.05  ? 108 LYS A CA  1 
ATOM   836  C  C   . LYS A 1 108 ? 11.551  7.717   -1.891  1.00 24.15  ? 108 LYS A C   1 
ATOM   837  O  O   . LYS A 1 108 ? 12.270  8.710   -1.933  1.00 25.66  ? 108 LYS A O   1 
ATOM   838  C  CB  . LYS A 1 108 ? 11.143  7.039   -4.261  1.00 23.29  ? 108 LYS A CB  1 
ATOM   839  C  CG  . LYS A 1 108 ? 11.682  6.278   -5.465  1.00 25.44  ? 108 LYS A CG  1 
ATOM   840  C  CD  . LYS A 1 108 ? 11.037  6.770   -6.769  1.00 28.61  ? 108 LYS A CD  1 
ATOM   841  C  CE  . LYS A 1 108 ? 11.143  5.715   -7.902  1.00 32.14  ? 108 LYS A CE  1 
ATOM   842  N  NZ  . LYS A 1 108 ? 12.495  5.010   -8.000  1.00 34.38  ? 108 LYS A NZ  1 
ATOM   843  N  N   . ALA A 1 109 ? 10.582  7.582   -0.979  1.00 23.91  ? 109 ALA A N   1 
ATOM   844  C  CA  . ALA A 1 109 ? 10.334  8.608   0.043   1.00 23.97  ? 109 ALA A CA  1 
ATOM   845  C  C   . ALA A 1 109 ? 11.363  8.547   1.178   1.00 24.64  ? 109 ALA A C   1 
ATOM   846  O  O   . ALA A 1 109 ? 11.775  7.441   1.564   1.00 25.26  ? 109 ALA A O   1 
ATOM   847  C  CB  . ALA A 1 109 ? 8.940   8.435   0.616   1.00 23.29  ? 109 ALA A CB  1 
ATOM   848  N  N   . PRO A 1 110 ? 11.799  9.710   1.721   1.00 24.31  ? 110 PRO A N   1 
ATOM   849  C  CA  . PRO A 1 110 ? 12.655  9.601   2.924   1.00 24.68  ? 110 PRO A CA  1 
ATOM   850  C  C   . PRO A 1 110 ? 11.908  8.948   4.105   1.00 24.65  ? 110 PRO A C   1 
ATOM   851  O  O   . PRO A 1 110 ? 10.695  9.125   4.232   1.00 24.09  ? 110 PRO A O   1 
ATOM   852  C  CB  . PRO A 1 110 ? 13.040  11.083  3.274   1.00 24.31  ? 110 PRO A CB  1 
ATOM   853  C  CG  . PRO A 1 110 ? 12.220  11.945  2.433   1.00 24.68  ? 110 PRO A CG  1 
ATOM   854  C  CD  . PRO A 1 110 ? 11.750  11.087  1.208   1.00 24.91  ? 110 PRO A CD  1 
ATOM   855  N  N   . TYR A 1 111 ? 12.639  8.215   4.951   1.00 25.12  ? 111 TYR A N   1 
ATOM   856  C  CA  . TYR A 1 111 ? 12.075  7.557   6.123   1.00 25.34  ? 111 TYR A CA  1 
ATOM   857  C  C   . TYR A 1 111 ? 12.379  8.386   7.354   1.00 26.88  ? 111 TYR A C   1 
ATOM   858  O  O   . TYR A 1 111 ? 13.516  8.397   7.811   1.00 27.21  ? 111 TYR A O   1 
ATOM   859  C  CB  . TYR A 1 111 ? 12.667  6.153   6.326   1.00 24.68  ? 111 TYR A CB  1 
ATOM   860  C  CG  . TYR A 1 111 ? 11.898  5.413   7.378   1.00 24.47  ? 111 TYR A CG  1 
ATOM   861  C  CD1 . TYR A 1 111 ? 12.272  5.466   8.741   1.00 25.53  ? 111 TYR A CD1 1 
ATOM   862  C  CD2 . TYR A 1 111 ? 10.711  4.735   7.039   1.00 25.56  ? 111 TYR A CD2 1 
ATOM   863  C  CE1 . TYR A 1 111 ? 11.494  4.809   9.740   1.00 26.59  ? 111 TYR A CE1 1 
ATOM   864  C  CE2 . TYR A 1 111 ? 9.937   4.080   8.009   1.00 24.64  ? 111 TYR A CE2 1 
ATOM   865  C  CZ  . TYR A 1 111 ? 10.334  4.117   9.351   1.00 27.05  ? 111 TYR A CZ  1 
ATOM   866  O  OH  . TYR A 1 111 ? 9.541   3.467   10.262  1.00 28.19  ? 111 TYR A OH  1 
ATOM   867  N  N   . ASN A 1 112 ? 11.383  9.075   7.909   1.00 28.22  ? 112 ASN A N   1 
ATOM   868  C  CA  . ASN A 1 112 ? 11.632  9.907   9.091   1.00 28.95  ? 112 ASN A CA  1 
ATOM   869  C  C   . ASN A 1 112 ? 11.191  9.123   10.308  1.00 29.92  ? 112 ASN A C   1 
ATOM   870  O  O   . ASN A 1 112 ? 9.989   8.856   10.468  1.00 30.73  ? 112 ASN A O   1 
ATOM   871  C  CB  . ASN A 1 112 ? 10.885  11.244  8.993   1.00 28.64  ? 112 ASN A CB  1 
ATOM   872  C  CG  . ASN A 1 112 ? 11.326  12.100  7.775   1.00 29.25  ? 112 ASN A CG  1 
ATOM   873  O  OD1 . ASN A 1 112 ? 10.502  12.478  6.944   1.00 31.29  ? 112 ASN A OD1 1 
ATOM   874  N  ND2 . ASN A 1 112 ? 12.603  12.406  7.684   1.00 25.76  ? 112 ASN A ND2 1 
ATOM   875  N  N   . LYS A 1 113 ? 12.129  8.725   11.161  1.00 30.90  ? 113 LYS A N   1 
ATOM   876  C  CA  . LYS A 1 113 ? 11.736  7.905   12.314  1.00 32.90  ? 113 LYS A CA  1 
ATOM   877  C  C   . LYS A 1 113 ? 10.790  8.569   13.349  1.00 33.00  ? 113 LYS A C   1 
ATOM   878  O  O   . LYS A 1 113 ? 10.073  7.856   14.064  1.00 33.88  ? 113 LYS A O   1 
ATOM   879  C  CB  . LYS A 1 113 ? 12.930  7.187   12.966  1.00 33.69  ? 113 LYS A CB  1 
ATOM   880  C  CG  . LYS A 1 113 ? 13.989  8.104   13.509  1.00 38.13  ? 113 LYS A CG  1 
ATOM   881  C  CD  . LYS A 1 113 ? 15.359  7.440   13.400  1.00 44.79  ? 113 LYS A CD  1 
ATOM   882  C  CE  . LYS A 1 113 ? 16.255  7.904   14.546  1.00 47.59  ? 113 LYS A CE  1 
ATOM   883  N  NZ  . LYS A 1 113 ? 16.428  6.821   15.583  1.00 48.64  ? 113 LYS A NZ  1 
ATOM   884  N  N   . GLU A 1 114 ? 10.753  9.902   13.411  1.00 32.00  ? 114 GLU A N   1 
ATOM   885  C  CA  . GLU A 1 114 ? 9.832   10.617  14.294  1.00 31.88  ? 114 GLU A CA  1 
ATOM   886  C  C   . GLU A 1 114 ? 8.340   10.354  14.009  1.00 31.19  ? 114 GLU A C   1 
ATOM   887  O  O   . GLU A 1 114 ? 7.458   10.544  14.898  1.00 30.42  ? 114 GLU A O   1 
ATOM   888  C  CB  . GLU A 1 114 ? 10.090  12.121  14.198  1.00 32.59  ? 114 GLU A CB  1 
ATOM   889  C  CG  . GLU A 1 114 ? 11.557  12.481  14.365  1.00 37.00  ? 114 GLU A CG  1 
ATOM   890  C  CD  . GLU A 1 114 ? 12.273  12.711  13.045  1.00 42.86  ? 114 GLU A CD  1 
ATOM   891  O  OE1 . GLU A 1 114 ? 12.106  11.887  12.109  1.00 42.09  ? 114 GLU A OE1 1 
ATOM   892  O  OE2 . GLU A 1 114 ? 13.023  13.728  12.966  1.00 46.33  ? 114 GLU A OE2 1 
ATOM   893  N  N   . HIS A 1 115 ? 8.063   9.917   12.777  1.00 29.69  ? 115 HIS A N   1 
ATOM   894  C  CA  . HIS A 1 115 ? 6.712   9.784   12.321  1.00 28.21  ? 115 HIS A CA  1 
ATOM   895  C  C   . HIS A 1 115 ? 6.208   8.374   12.496  1.00 28.70  ? 115 HIS A C   1 
ATOM   896  O  O   . HIS A 1 115 ? 5.036   8.101   12.240  1.00 28.54  ? 115 HIS A O   1 
ATOM   897  C  CB  . HIS A 1 115 ? 6.567   10.281  10.891  1.00 28.01  ? 115 HIS A CB  1 
ATOM   898  C  CG  . HIS A 1 115 ? 6.827   11.747  10.721  1.00 26.13  ? 115 HIS A CG  1 
ATOM   899  N  ND1 . HIS A 1 115 ? 7.198   12.294  9.511   1.00 25.92  ? 115 HIS A ND1 1 
ATOM   900  C  CD2 . HIS A 1 115 ? 6.786   12.778  11.602  1.00 25.58  ? 115 HIS A CD2 1 
ATOM   901  C  CE1 . HIS A 1 115 ? 7.366   13.605  9.650   1.00 25.57  ? 115 HIS A CE1 1 
ATOM   902  N  NE2 . HIS A 1 115 ? 7.128   13.922  10.911  1.00 25.86  ? 115 HIS A NE2 1 
ATOM   903  N  N   . LYS A 1 116 ? 7.092   7.488   12.955  1.00 28.79  ? 116 LYS A N   1 
ATOM   904  C  CA  . LYS A 1 116 ? 6.736   6.104   13.312  1.00 29.00  ? 116 LYS A CA  1 
ATOM   905  C  C   . LYS A 1 116 ? 5.988   6.162   14.640  1.00 28.51  ? 116 LYS A C   1 
ATOM   906  O  O   . LYS A 1 116 ? 6.457   6.808   15.575  1.00 28.54  ? 116 LYS A O   1 
ATOM   907  C  CB  . LYS A 1 116 ? 8.019   5.244   13.463  1.00 29.09  ? 116 LYS A CB  1 
ATOM   908  C  CG  . LYS A 1 116 ? 7.835   3.842   14.036  1.00 30.11  ? 116 LYS A CG  1 
ATOM   909  C  CD  . LYS A 1 116 ? 7.000   2.935   13.088  1.00 33.46  ? 116 LYS A CD  1 
ATOM   910  C  CE  . LYS A 1 116 ? 6.671   1.571   13.769  1.00 37.90  ? 116 LYS A CE  1 
ATOM   911  N  NZ  . LYS A 1 116 ? 5.615   0.729   13.102  1.00 34.50  ? 116 LYS A NZ  1 
ATOM   912  N  N   . ASN A 1 117 ? 4.848   5.485   14.725  1.00 28.37  ? 117 ASN A N   1 
ATOM   913  C  CA  . ASN A 1 117 ? 4.005   5.569   15.929  1.00 29.90  ? 117 ASN A CA  1 
ATOM   914  C  C   . ASN A 1 117 ? 3.713   7.018   16.350  1.00 29.70  ? 117 ASN A C   1 
ATOM   915  O  O   . ASN A 1 117 ? 3.885   7.362   17.527  1.00 29.48  ? 117 ASN A O   1 
ATOM   916  C  CB  . ASN A 1 117 ? 4.598   4.784   17.120  1.00 29.43  ? 117 ASN A CB  1 
ATOM   917  C  CG  . ASN A 1 117 ? 4.550   3.286   16.896  1.00 34.05  ? 117 ASN A CG  1 
ATOM   918  O  OD1 . ASN A 1 117 ? 5.585   2.627   16.835  1.00 37.55  ? 117 ASN A OD1 1 
ATOM   919  N  ND2 . ASN A 1 117 ? 3.343   2.739   16.734  1.00 36.38  ? 117 ASN A ND2 1 
ATOM   920  N  N   . LEU A 1 118 ? 3.314   7.845   15.370  1.00 29.62  ? 118 LEU A N   1 
ATOM   921  C  CA  . LEU A 1 118 ? 2.948   9.252   15.577  1.00 28.90  ? 118 LEU A CA  1 
ATOM   922  C  C   . LEU A 1 118 ? 1.720   9.322   16.491  1.00 28.87  ? 118 LEU A C   1 
ATOM   923  O  O   . LEU A 1 118 ? 0.836   8.432   16.454  1.00 29.33  ? 118 LEU A O   1 
ATOM   924  C  CB  . LEU A 1 118 ? 2.645   9.912   14.220  1.00 28.60  ? 118 LEU A CB  1 
ATOM   925  C  CG  . LEU A 1 118 ? 2.452   11.444  14.090  1.00 28.89  ? 118 LEU A CG  1 
ATOM   926  C  CD1 . LEU A 1 118 ? 3.638   12.229  14.644  1.00 27.83  ? 118 LEU A CD1 1 
ATOM   927  C  CD2 . LEU A 1 118 ? 2.202   11.869  12.657  1.00 27.56  ? 118 LEU A CD2 1 
ATOM   928  N  N   . ASP A 1 119 ? 1.666   10.336  17.345  1.00 28.61  ? 119 ASP A N   1 
ATOM   929  C  CA  . ASP A 1 119 ? 0.426   10.608  18.076  1.00 28.46  ? 119 ASP A CA  1 
ATOM   930  C  C   . ASP A 1 119 ? -0.565  11.194  17.056  1.00 28.26  ? 119 ASP A C   1 
ATOM   931  O  O   . ASP A 1 119 ? -0.558  12.418  16.812  1.00 27.68  ? 119 ASP A O   1 
ATOM   932  C  CB  . ASP A 1 119 ? 0.661   11.614  19.213  1.00 28.57  ? 119 ASP A CB  1 
ATOM   933  C  CG  . ASP A 1 119 ? -0.571  11.787  20.113  1.00 28.72  ? 119 ASP A CG  1 
ATOM   934  O  OD1 . ASP A 1 119 ? -1.655  11.176  19.823  1.00 23.58  ? 119 ASP A OD1 1 
ATOM   935  O  OD2 . ASP A 1 119 ? -0.417  12.517  21.131  1.00 30.33  ? 119 ASP A OD2 1 
ATOM   936  N  N   . THR A 1 120 ? -1.375  10.312  16.452  1.00 27.60  ? 120 THR A N   1 
ATOM   937  C  CA  . THR A 1 120 ? -2.348  10.695  15.420  1.00 27.13  ? 120 THR A CA  1 
ATOM   938  C  C   . THR A 1 120 ? -3.563  11.464  15.937  1.00 27.89  ? 120 THR A C   1 
ATOM   939  O  O   . THR A 1 120 ? -4.143  12.253  15.199  1.00 29.19  ? 120 THR A O   1 
ATOM   940  C  CB  . THR A 1 120 ? -2.850  9.485   14.612  1.00 26.55  ? 120 THR A CB  1 
ATOM   941  O  OG1 . THR A 1 120 ? -3.628  8.626   15.451  1.00 25.39  ? 120 THR A OG1 1 
ATOM   942  C  CG2 . THR A 1 120 ? -1.696  8.729   13.989  1.00 24.41  ? 120 THR A CG2 1 
ATOM   943  N  N   . LYS A 1 121 ? -3.971  11.213  17.174  1.00 28.18  ? 121 LYS A N   1 
ATOM   944  C  CA  . LYS A 1 121 ? -5.114  11.900  17.778  1.00 28.72  ? 121 LYS A CA  1 
ATOM   945  C  C   . LYS A 1 121 ? -4.810  13.415  17.846  1.00 28.25  ? 121 LYS A C   1 
ATOM   946  O  O   . LYS A 1 121 ? -5.701  14.278  17.793  1.00 27.85  ? 121 LYS A O   1 
ATOM   947  C  CB  . LYS A 1 121 ? -5.362  11.315  19.172  1.00 29.00  ? 121 LYS A CB  1 
ATOM   948  C  CG  . LYS A 1 121 ? -6.146  12.213  20.146  1.00 32.14  ? 121 LYS A CG  1 
ATOM   949  C  CD  . LYS A 1 121 ? -6.801  11.378  21.304  1.00 38.32  ? 121 LYS A CD  1 
ATOM   950  C  CE  . LYS A 1 121 ? -7.574  12.251  22.353  1.00 40.15  ? 121 LYS A CE  1 
ATOM   951  N  NZ  . LYS A 1 121 ? -6.809  13.416  22.970  1.00 41.13  ? 121 LYS A NZ  1 
ATOM   952  N  N   . LYS A 1 122 ? -3.519  13.706  17.923  1.00 27.12  ? 122 LYS A N   1 
ATOM   953  C  CA  . LYS A 1 122 ? -3.000  15.045  18.042  1.00 26.19  ? 122 LYS A CA  1 
ATOM   954  C  C   . LYS A 1 122 ? -2.471  15.668  16.711  1.00 25.18  ? 122 LYS A C   1 
ATOM   955  O  O   . LYS A 1 122 ? -2.707  16.849  16.469  1.00 24.15  ? 122 LYS A O   1 
ATOM   956  C  CB  . LYS A 1 122 ? -1.899  14.987  19.079  1.00 26.61  ? 122 LYS A CB  1 
ATOM   957  C  CG  . LYS A 1 122 ? -1.188  16.262  19.415  1.00 29.43  ? 122 LYS A CG  1 
ATOM   958  C  CD  . LYS A 1 122 ? -0.380  16.020  20.691  1.00 32.59  ? 122 LYS A CD  1 
ATOM   959  C  CE  . LYS A 1 122 ? -1.201  15.193  21.677  1.00 33.82  ? 122 LYS A CE  1 
ATOM   960  N  NZ  . LYS A 1 122 ? -0.648  15.155  23.064  1.00 37.23  ? 122 LYS A NZ  1 
ATOM   961  N  N   . TYR A 1 123 ? -1.790  14.889  15.853  1.00 23.49  ? 123 TYR A N   1 
ATOM   962  C  CA  . TYR A 1 123 ? -1.073  15.483  14.714  1.00 22.43  ? 123 TYR A CA  1 
ATOM   963  C  C   . TYR A 1 123 ? -1.716  15.258  13.364  1.00 20.41  ? 123 TYR A C   1 
ATOM   964  O  O   . TYR A 1 123 ? -1.247  15.759  12.329  1.00 19.49  ? 123 TYR A O   1 
ATOM   965  C  CB  . TYR A 1 123 ? 0.392   15.044  14.695  1.00 23.00  ? 123 TYR A CB  1 
ATOM   966  C  CG  . TYR A 1 123 ? 1.109   15.568  15.907  1.00 27.10  ? 123 TYR A CG  1 
ATOM   967  C  CD1 . TYR A 1 123 ? 0.954   16.914  16.311  1.00 31.76  ? 123 TYR A CD1 1 
ATOM   968  C  CD2 . TYR A 1 123 ? 1.906   14.721  16.684  1.00 30.99  ? 123 TYR A CD2 1 
ATOM   969  C  CE1 . TYR A 1 123 ? 1.610   17.415  17.476  1.00 35.68  ? 123 TYR A CE1 1 
ATOM   970  C  CE2 . TYR A 1 123 ? 2.565   15.177  17.842  1.00 34.45  ? 123 TYR A CE2 1 
ATOM   971  C  CZ  . TYR A 1 123 ? 2.411   16.525  18.241  1.00 38.86  ? 123 TYR A CZ  1 
ATOM   972  O  OH  . TYR A 1 123 ? 3.076   16.954  19.378  1.00 39.80  ? 123 TYR A OH  1 
ATOM   973  N  N   . CYS A 1 124 ? -2.791  14.497  13.367  1.00 18.26  ? 124 CYS A N   1 
ATOM   974  C  CA  . CYS A 1 124 ? -3.344  14.085  12.111  1.00 17.48  ? 124 CYS A CA  1 
ATOM   975  C  C   . CYS A 1 124 ? -4.735  14.623  12.005  1.00 16.55  ? 124 CYS A C   1 
ATOM   976  O  O   . CYS A 1 124 ? -4.908  15.824  11.955  1.00 16.02  ? 124 CYS A O   1 
ATOM   977  C  CB  . CYS A 1 124 ? -3.332  12.580  11.988  1.00 16.83  ? 124 CYS A CB  1 
ATOM   978  S  SG  . CYS A 1 124 ? -1.660  11.971  11.997  1.00 19.63  ? 124 CYS A SG  1 
ATOM   979  O  OXT . CYS A 1 124 ? -5.672  13.856  11.981  1.00 16.14  ? 124 CYS A OXT 1 
HETATM 980  CA CA  . CA  B 2 .   ? -4.239  3.741   5.822   1.00 24.35  ? 125 CA  A CA  1 
HETATM 981  CL CL  . CL  C 3 .   ? -8.138  14.584  12.183  1.00 52.91  ? 126 CL  A CL  1 
HETATM 982  CL CL  . CL  D 3 .   ? -7.845  -13.264 -6.864  0.50 23.02  ? 127 CL  A CL  1 
HETATM 983  C  C1  . DBW E 4 .   ? -5.269  -3.273  7.586   0.80 138.81 ? 128 DBW A C1  1 
HETATM 984  C  C2  . DBW E 4 .   ? -6.529  -3.753  7.876   0.80 139.32 ? 128 DBW A C2  1 
HETATM 985  N  N3  . DBW E 4 .   ? -4.119  -3.867  8.113   0.80 137.93 ? 128 DBW A N3  1 
HETATM 986  C  C4  . DBW E 4 .   ? -5.197  -2.170  6.751   0.80 138.76 ? 128 DBW A C4  1 
HETATM 987  C  C5  . DBW E 4 .   ? -6.675  -4.842  8.711   0.80 138.83 ? 128 DBW A C5  1 
HETATM 988  C  C6  . DBW E 4 .   ? -7.640  -3.126  7.310   0.80 140.23 ? 128 DBW A C6  1 
HETATM 989  C  C7  . DBW E 4 .   ? -2.866  -3.317  7.774   0.80 138.20 ? 128 DBW A C7  1 
HETATM 990  C  C8  . DBW E 4 .   ? -4.252  -4.977  8.961   0.80 137.78 ? 128 DBW A C8  1 
HETATM 991  C  C9  . DBW E 4 .   ? -3.981  -1.632  6.416   0.80 138.35 ? 128 DBW A C9  1 
HETATM 992  C  C10 . DBW E 4 .   ? -7.977  -5.281  8.956   0.80 139.71 ? 128 DBW A C10 1 
HETATM 993  C  C11 . DBW E 4 .   ? -5.534  -5.455  9.255   0.80 138.21 ? 128 DBW A C11 1 
HETATM 994  C  C12 . DBW E 4 .   ? -8.934  -3.555  7.558   0.80 140.62 ? 128 DBW A C12 1 
HETATM 995  C  C13 . DBW E 4 .   ? -2.804  -2.197  6.922   0.80 138.40 ? 128 DBW A C13 1 
HETATM 996  C  C14 . DBW E 4 .   ? -3.976  -0.531  5.567   0.80 137.89 ? 128 DBW A C14 1 
HETATM 997  C  C15 . DBW E 4 .   ? -9.101  -4.646  8.394   0.80 140.44 ? 128 DBW A C15 1 
HETATM 998  O  O16 . DBW E 4 .   ? -10.156 -3.102  7.135   0.80 141.07 ? 128 DBW A O16 1 
HETATM 999  C  C17 . DBW E 4 .   ? -1.595  -1.601  6.542   0.80 138.29 ? 128 DBW A C17 1 
HETATM 1000 C  C18 . DBW E 4 .   ? -2.880  -0.147  4.819   0.80 137.66 ? 128 DBW A C18 1 
HETATM 1001 O  O19 . DBW E 4 .   ? -10.445 -4.872  8.484   0.80 141.06 ? 128 DBW A O19 1 
HETATM 1002 C  C20 . DBW E 4 .   ? -11.075 -3.637  8.090   0.80 141.07 ? 128 DBW A C20 1 
HETATM 1003 C  C21 . DBW E 4 .   ? -1.614  -0.625  5.543   0.80 137.92 ? 128 DBW A C21 1 
HETATM 1004 O  O22 . DBW E 4 .   ? -0.408  -1.927  7.132   0.80 138.38 ? 128 DBW A O22 1 
HETATM 1005 O  O23 . DBW E 4 .   ? -0.438  -0.043  5.193   0.80 137.45 ? 128 DBW A O23 1 
HETATM 1006 O  O   . HOH F 5 .   ? -3.282  -6.497  -1.823  1.00 9.12   ? 129 HOH A O   1 
HETATM 1007 O  O   . HOH F 5 .   ? 8.688   10.836  3.881   1.00 17.45  ? 130 HOH A O   1 
HETATM 1008 O  O   . HOH F 5 .   ? -4.661  1.069   2.227   1.00 15.95  ? 131 HOH A O   1 
HETATM 1009 O  O   . HOH F 5 .   ? -0.994  3.422   -4.473  1.00 11.15  ? 132 HOH A O   1 
HETATM 1010 O  O   . HOH F 5 .   ? -1.948  -6.836  -13.443 1.00 18.56  ? 133 HOH A O   1 
HETATM 1011 O  O   . HOH F 5 .   ? -2.875  -13.615 4.847   1.00 8.62   ? 134 HOH A O   1 
HETATM 1012 O  O   . HOH F 5 .   ? -3.302  16.916  9.628   1.00 10.69  ? 135 HOH A O   1 
HETATM 1013 O  O   . HOH F 5 .   ? -0.780  16.359  9.661   1.00 14.02  ? 136 HOH A O   1 
HETATM 1014 O  O   . HOH F 5 .   ? 0.005   15.554  -3.375  1.00 11.20  ? 137 HOH A O   1 
HETATM 1015 O  O   . HOH F 5 .   ? -11.000 -11.630 -8.518  1.00 17.16  ? 138 HOH A O   1 
HETATM 1016 O  O   . HOH F 5 .   ? -7.817  10.753  2.097   1.00 19.63  ? 139 HOH A O   1 
HETATM 1017 O  O   . HOH F 5 .   ? 4.482   13.319  -2.212  1.00 20.23  ? 140 HOH A O   1 
HETATM 1018 O  O   . HOH F 5 .   ? 0.898   4.827   -3.151  1.00 18.00  ? 141 HOH A O   1 
HETATM 1019 O  O   . HOH F 5 .   ? 9.232   13.570  2.603   1.00 18.90  ? 142 HOH A O   1 
HETATM 1020 O  O   . HOH F 5 .   ? -3.131  -11.635 2.969   1.00 14.20  ? 143 HOH A O   1 
HETATM 1021 O  O   . HOH F 5 .   ? -6.832  0.287   2.580   1.00 35.63  ? 144 HOH A O   1 
HETATM 1022 O  O   . HOH F 5 .   ? -1.630  2.559   2.714   1.00 19.78  ? 145 HOH A O   1 
HETATM 1023 O  O   . HOH F 5 .   ? -3.710  -3.133  -15.690 1.00 19.23  ? 146 HOH A O   1 
HETATM 1024 O  O   . HOH F 5 .   ? 1.855   6.710   13.394  1.00 23.54  ? 147 HOH A O   1 
HETATM 1025 O  O   . HOH F 5 .   ? 3.590   18.045  8.517   0.50 6.91   ? 148 HOH A O   1 
HETATM 1026 O  O   . HOH F 5 .   ? -7.505  -2.705  -13.623 1.00 17.48  ? 149 HOH A O   1 
HETATM 1027 O  O   . HOH F 5 .   ? 3.601   -4.331  -13.624 0.80 8.03   ? 150 HOH A O   1 
HETATM 1028 O  O   . HOH F 5 .   ? -7.665  6.385   4.545   1.00 17.84  ? 151 HOH A O   1 
HETATM 1029 O  O   . HOH F 5 .   ? -1.767  4.391   -6.608  1.00 15.05  ? 152 HOH A O   1 
HETATM 1030 O  O   . HOH F 5 .   ? -4.440  0.579   -12.345 1.00 14.01  ? 153 HOH A O   1 
HETATM 1031 O  O   . HOH F 5 .   ? -13.136 -13.175 -10.329 1.00 22.02  ? 154 HOH A O   1 
HETATM 1032 O  O   . HOH F 5 .   ? 14.199  2.553   0.167   1.00 22.10  ? 155 HOH A O   1 
HETATM 1033 O  O   . HOH F 5 .   ? -4.975  -1.810  -13.423 1.00 19.13  ? 156 HOH A O   1 
HETATM 1034 O  O   . HOH F 5 .   ? 14.494  -7.443  -4.187  1.00 21.13  ? 157 HOH A O   1 
HETATM 1035 O  O   . HOH F 5 .   ? 17.079  -7.001  -5.562  1.00 56.43  ? 158 HOH A O   1 
HETATM 1036 O  O   . HOH F 5 .   ? 7.516   -9.879  5.748   1.00 34.26  ? 159 HOH A O   1 
HETATM 1037 O  O   . HOH F 5 .   ? 1.870   9.479   -3.161  1.00 24.00  ? 160 HOH A O   1 
HETATM 1038 O  O   . HOH F 5 .   ? 1.120   17.568  7.839   1.00 23.37  ? 161 HOH A O   1 
HETATM 1039 O  O   . HOH F 5 .   ? 8.805   -13.229 -7.473  1.00 27.58  ? 162 HOH A O   1 
HETATM 1040 O  O   . HOH F 5 .   ? -15.407 3.752   -1.948  1.00 33.74  ? 163 HOH A O   1 
HETATM 1041 O  O   . HOH F 5 .   ? 1.525   -2.764  -13.972 1.00 23.08  ? 164 HOH A O   1 
HETATM 1042 O  O   . HOH F 5 .   ? -3.691  5.353   9.929   1.00 36.39  ? 165 HOH A O   1 
HETATM 1043 O  O   . HOH F 5 .   ? 9.719   -10.449 -12.767 1.00 33.63  ? 166 HOH A O   1 
HETATM 1044 O  O   . HOH F 5 .   ? -18.028 -10.486 0.944   1.00 26.36  ? 167 HOH A O   1 
HETATM 1045 O  O   . HOH F 5 .   ? -9.286  6.440   10.304  1.00 29.75  ? 168 HOH A O   1 
HETATM 1046 O  O   . HOH F 5 .   ? 0.155   6.002   15.585  1.00 20.08  ? 169 HOH A O   1 
HETATM 1047 O  O   . HOH F 5 .   ? -4.863  10.450  -3.226  1.00 27.73  ? 170 HOH A O   1 
HETATM 1048 O  O   . HOH F 5 .   ? 0.260   6.305   -7.140  1.00 16.98  ? 171 HOH A O   1 
HETATM 1049 O  O   . HOH F 5 .   ? 2.361   -14.214 -7.628  1.00 17.79  ? 172 HOH A O   1 
HETATM 1050 O  O   . HOH F 5 .   ? 3.344   -14.455 4.762   1.00 33.60  ? 173 HOH A O   1 
HETATM 1051 O  O   . HOH F 5 .   ? -1.820  -4.659  -14.639 1.00 27.07  ? 174 HOH A O   1 
HETATM 1052 O  O   . HOH F 5 .   ? -4.536  1.010   -9.813  1.00 26.45  ? 175 HOH A O   1 
HETATM 1053 O  O   . HOH F 5 .   ? -19.637 -0.604  -6.706  1.00 55.99  ? 176 HOH A O   1 
HETATM 1054 O  O   . HOH F 5 .   ? 14.842  -12.316 -9.873  1.00 36.50  ? 177 HOH A O   1 
HETATM 1055 O  O   . HOH F 5 .   ? -15.837 -11.641 -5.365  1.00 30.80  ? 178 HOH A O   1 
HETATM 1056 O  O   . HOH F 5 .   ? -1.855  2.573   -8.689  1.00 29.08  ? 179 HOH A O   1 
HETATM 1057 O  O   . HOH F 5 .   ? 4.899   -1.240  13.447  1.00 28.90  ? 180 HOH A O   1 
HETATM 1058 O  O   . HOH F 5 .   ? 8.905   -10.326 -3.473  1.00 33.77  ? 181 HOH A O   1 
HETATM 1059 O  O   . HOH F 5 .   ? -9.316  7.808   6.138   1.00 14.25  ? 182 HOH A O   1 
HETATM 1060 O  O   . HOH F 5 .   ? 9.557   -7.817  -12.280 1.00 16.16  ? 183 HOH A O   1 
HETATM 1061 O  O   . HOH F 5 .   ? -0.914  -15.628 -7.902  0.50 12.06  ? 184 HOH A O   1 
HETATM 1062 O  O   . HOH F 5 .   ? -3.181  7.484   -9.336  1.00 32.36  ? 185 HOH A O   1 
HETATM 1063 O  O   . HOH F 5 .   ? -5.998  -4.284  -16.561 1.00 38.25  ? 186 HOH A O   1 
HETATM 1064 O  O   . HOH F 5 .   ? -1.457  -11.209 5.783   1.00 37.45  ? 187 HOH A O   1 
HETATM 1065 O  O   . HOH F 5 .   ? 10.807  4.880   2.977   1.00 22.13  ? 188 HOH A O   1 
HETATM 1066 O  O   . HOH F 5 .   ? -8.488  3.421   4.490   1.00 31.05  ? 189 HOH A O   1 
HETATM 1067 O  O   . HOH F 5 .   ? 8.096   8.775   -3.103  1.00 27.82  ? 190 HOH A O   1 
HETATM 1068 O  O   . HOH F 5 .   ? -13.474 -10.536 -6.345  0.50 22.85  ? 191 HOH A O   1 
HETATM 1069 O  O   . HOH F 5 .   ? -1.170  5.745   11.090  1.00 33.29  ? 192 HOH A O   1 
HETATM 1070 O  O   . HOH F 5 .   ? -4.759  4.339   11.973  1.00 27.09  ? 193 HOH A O   1 
HETATM 1071 O  O   . HOH F 5 .   ? -10.756 6.288   8.103   1.00 32.55  ? 194 HOH A O   1 
HETATM 1072 O  O   . HOH F 5 .   ? -3.964  5.600   -7.401  1.00 28.05  ? 195 HOH A O   1 
HETATM 1073 O  O   . HOH F 5 .   ? 13.068  2.995   3.610   1.00 31.97  ? 196 HOH A O   1 
HETATM 1074 O  O   . HOH F 5 .   ? 3.552   -10.588 -16.788 1.00 21.41  ? 197 HOH A O   1 
HETATM 1075 O  O   . HOH F 5 .   ? -2.551  4.550   12.820  1.00 28.26  ? 198 HOH A O   1 
HETATM 1076 O  O   . HOH F 5 .   ? 14.936  -5.276  -12.161 1.00 31.41  ? 199 HOH A O   1 
HETATM 1077 O  O   . HOH F 5 .   ? -8.869  10.483  5.064   1.00 25.17  ? 200 HOH A O   1 
HETATM 1078 O  O   . HOH F 5 .   ? -8.545  -2.390  2.856   1.00 35.31  ? 201 HOH A O   1 
HETATM 1079 O  O   . HOH F 5 .   ? -13.750 -4.402  -13.258 1.00 26.81  ? 202 HOH A O   1 
HETATM 1080 O  O   . HOH F 5 .   ? -3.082  -13.875 -12.501 1.00 13.49  ? 203 HOH A O   1 
HETATM 1081 O  O   . HOH F 5 .   ? 4.188   -11.862 3.365   1.00 28.36  ? 204 HOH A O   1 
HETATM 1082 O  O   . HOH F 5 .   ? 2.519   14.560  -2.846  1.00 38.91  ? 205 HOH A O   1 
HETATM 1083 O  O   . HOH F 5 .   ? -2.832  -1.473  10.458  1.00 31.94  ? 206 HOH A O   1 
HETATM 1084 O  O   . HOH F 5 .   ? -7.723  -13.692 -14.772 1.00 13.03  ? 207 HOH A O   1 
HETATM 1085 O  O   . HOH F 5 .   ? -5.985  2.371   5.403   1.00 22.42  ? 208 HOH A O   1 
HETATM 1086 O  O   . HOH F 5 .   ? 10.631  14.253  4.655   1.00 22.74  ? 209 HOH A O   1 
HETATM 1087 O  O   . HOH F 5 .   ? 1.557   -13.507 6.278   1.00 30.27  ? 210 HOH A O   1 
HETATM 1088 O  O   . HOH F 5 .   ? -13.463 9.535   -5.156  1.00 38.28  ? 211 HOH A O   1 
HETATM 1089 O  O   . HOH F 5 .   ? -16.370 2.950   -10.837 1.00 32.67  ? 212 HOH A O   1 
HETATM 1090 O  O   . HOH F 5 .   ? 1.416   -3.151  6.981   1.00 35.25  ? 213 HOH A O   1 
HETATM 1091 O  O   . HOH F 5 .   ? 1.031   -0.740  5.693   1.00 39.77  ? 214 HOH A O   1 
HETATM 1092 O  O   . HOH F 5 .   ? -2.277  2.228   5.185   1.00 22.85  ? 215 HOH A O   1 
HETATM 1093 O  O   . HOH F 5 .   ? -7.727  -1.335  5.339   1.00 42.41  ? 216 HOH A O   1 
HETATM 1094 O  O   . HOH F 5 .   ? 1.554   -3.534  5.239   1.00 34.75  ? 217 HOH A O   1 
HETATM 1095 O  O   . HOH F 5 .   ? 2.311   -0.137  -10.970 1.00 32.33  ? 218 HOH A O   1 
HETATM 1096 O  O   . HOH F 5 .   ? 9.612   1.277   14.564  1.00 40.60  ? 219 HOH A O   1 
HETATM 1097 O  O   . HOH F 5 .   ? -11.055 6.538   1.105   1.00 50.16  ? 220 HOH A O   1 
HETATM 1098 O  O   . HOH F 5 .   ? 8.094   -5.600  13.215  1.00 40.36  ? 221 HOH A O   1 
HETATM 1099 O  O   . HOH F 5 .   ? 2.670   16.696  2.890   1.00 44.03  ? 222 HOH A O   1 
HETATM 1100 O  O   . HOH F 5 .   ? 6.180   -8.036  8.084   1.00 46.12  ? 223 HOH A O   1 
HETATM 1101 O  O   . HOH F 5 .   ? -18.642 -2.559  -14.176 1.00 45.94  ? 224 HOH A O   1 
HETATM 1102 O  O   . HOH F 5 .   ? 15.469  -6.453  5.019   1.00 62.94  ? 225 HOH A O   1 
HETATM 1103 O  O   . HOH F 5 .   ? 4.825   -13.734 -3.766  1.00 44.40  ? 226 HOH A O   1 
HETATM 1104 O  O   . HOH F 5 .   ? 1.660   3.673   15.018  1.00 52.69  ? 227 HOH A O   1 
HETATM 1105 O  O   . HOH F 5 .   ? 13.575  -0.619  -5.852  1.00 36.69  ? 228 HOH A O   1 
# 
